data_7CLL
#
_entry.id   7CLL
#
_cell.length_a   97.697
_cell.length_b   197.317
_cell.length_c   200.553
_cell.angle_alpha   90.00
_cell.angle_beta   90.00
_cell.angle_gamma   90.00
#
_symmetry.space_group_name_H-M   'C 2 2 21'
#
loop_
_entity.id
_entity.type
_entity.pdbx_description
1 polymer Enolase
2 non-polymer 'MAGNESIUM ION'
3 non-polymer '2-PHOSPHOGLYCERIC ACID'
4 non-polymer GLYCEROL
5 non-polymer 'ACETATE ION'
6 non-polymer DI(HYDROXYETHYL)ETHER
7 non-polymer 'CHLORIDE ION'
8 water water
#
_entity_poly.entity_id   1
_entity_poly.type   'polypeptide(L)'
_entity_poly.pdbx_seq_one_letter_code
;MHHHHHHMPIIEQVRAREILDSRGNPTVEVEVALIDGTFARAAVPSGASTGEHEAVELRDGGDRYGGKGVQKAVQAVLDE
IGPAVIGLNADDQRLVDQALVDLDGTPDKSRLGGNAILGVSLAVAKAAADSAELPLFRYVGGPNAHILPVPMMNILNGGA
HADTAVDIQEFMVAPIGAPSFVEALRWGAEVYHALKSVLKKEGLSTGLGDEGGFAPDVAGTTAALDLISRAIESAGLRPG
ADVALALDAAATEFFTDGTGYVFEGTTRTADQMTEFYAGLLGAYPLVSIEDPLSEDDWDGWAALTASIGDRVQIVGDDIF
VTNPERLEEGIERGVANALLVKVNQIGTLTETLDAVTLAHHGGYRTMISHRSGETEDTMIADLAVAIGSGQIKTGAPARS
ERVAKYNQLLRIEEALGDAARYAGDLAFPRFACETK
;
_entity_poly.pdbx_strand_id   A,B,C,D
#
loop_
_chem_comp.id
_chem_comp.type
_chem_comp.name
_chem_comp.formula
2PG non-polymer '2-PHOSPHOGLYCERIC ACID' 'C3 H7 O7 P'
ACT non-polymer 'ACETATE ION' 'C2 H3 O2 -1'
CL non-polymer 'CHLORIDE ION' 'Cl -1'
GOL non-polymer GLYCEROL 'C3 H8 O3'
MG non-polymer 'MAGNESIUM ION' 'Mg 2'
PEG non-polymer DI(HYDROXYETHYL)ETHER 'C4 H10 O3'
#
# COMPACT_ATOMS: atom_id res chain seq x y z
N MET A 8 -6.54 9.95 -9.12
CA MET A 8 -5.67 10.80 -10.01
C MET A 8 -5.53 12.21 -9.38
N PRO A 9 -4.92 13.19 -10.11
CA PRO A 9 -4.82 14.55 -9.54
C PRO A 9 -6.10 15.38 -9.75
N ILE A 10 -7.26 14.86 -9.31
CA ILE A 10 -8.59 15.45 -9.61
C ILE A 10 -8.86 16.59 -8.60
N ILE A 11 -9.30 17.76 -9.08
CA ILE A 11 -9.53 18.95 -8.21
C ILE A 11 -10.73 18.68 -7.30
N GLU A 12 -10.53 18.88 -5.99
CA GLU A 12 -11.51 18.55 -4.95
C GLU A 12 -11.93 19.78 -4.15
N GLN A 13 -11.04 20.77 -3.93
CA GLN A 13 -11.47 22.01 -3.26
C GLN A 13 -10.69 23.19 -3.85
N VAL A 14 -11.32 24.37 -3.86
CA VAL A 14 -10.67 25.64 -4.25
C VAL A 14 -11.06 26.70 -3.22
N ARG A 15 -10.10 27.27 -2.49
CA ARG A 15 -10.40 28.37 -1.55
C ARG A 15 -9.59 29.59 -1.99
N ALA A 16 -10.07 30.77 -1.63
CA ALA A 16 -9.29 31.98 -1.86
C ALA A 16 -9.30 32.80 -0.58
N ARG A 17 -8.35 33.73 -0.43
CA ARG A 17 -8.39 34.67 0.69
C ARG A 17 -7.81 36.02 0.22
N GLU A 18 -8.14 37.05 0.95
CA GLU A 18 -7.52 38.36 0.73
C GLU A 18 -6.22 38.41 1.52
N ILE A 19 -5.11 38.67 0.83
CA ILE A 19 -3.78 38.95 1.45
C ILE A 19 -3.35 40.36 1.02
N LEU A 20 -2.21 40.80 1.51
CA LEU A 20 -1.62 42.09 1.10
C LEU A 20 -0.39 41.81 0.20
N ASP A 21 -0.20 42.71 -0.79
CA ASP A 21 0.89 42.72 -1.71
C ASP A 21 2.01 43.54 -1.09
N SER A 22 3.10 43.69 -1.84
CA SER A 22 4.33 44.32 -1.40
C SER A 22 4.16 45.83 -1.16
N ARG A 23 3.03 46.43 -1.52
CA ARG A 23 2.83 47.85 -1.22
C ARG A 23 1.73 47.95 -0.15
N GLY A 24 1.25 46.80 0.32
CA GLY A 24 0.24 46.79 1.40
C GLY A 24 -1.17 46.99 0.90
N ASN A 25 -1.42 46.72 -0.40
CA ASN A 25 -2.74 46.71 -1.02
C ASN A 25 -3.26 45.26 -1.07
N PRO A 26 -4.58 45.05 -0.92
CA PRO A 26 -5.07 43.66 -1.02
C PRO A 26 -4.84 43.01 -2.41
N THR A 27 -4.66 41.69 -2.42
CA THR A 27 -4.66 40.94 -3.63
C THR A 27 -5.21 39.55 -3.33
N VAL A 28 -5.33 38.76 -4.38
CA VAL A 28 -5.95 37.45 -4.27
C VAL A 28 -4.91 36.36 -4.02
N GLU A 29 -5.19 35.49 -3.08
CA GLU A 29 -4.43 34.24 -2.97
C GLU A 29 -5.42 33.08 -3.10
N VAL A 30 -5.06 32.02 -3.83
CA VAL A 30 -5.95 30.84 -4.02
C VAL A 30 -5.20 29.57 -3.59
N GLU A 31 -5.94 28.64 -2.97
CA GLU A 31 -5.42 27.29 -2.67
C GLU A 31 -6.25 26.25 -3.43
N VAL A 32 -5.58 25.28 -3.98
CA VAL A 32 -6.27 24.19 -4.66
C VAL A 32 -5.84 22.89 -3.97
N ALA A 33 -6.83 22.05 -3.65
CA ALA A 33 -6.58 20.75 -3.02
C ALA A 33 -7.07 19.66 -3.97
N LEU A 34 -6.25 18.64 -4.20
CA LEU A 34 -6.62 17.55 -5.05
C LEU A 34 -7.14 16.41 -4.17
N ILE A 35 -7.84 15.46 -4.79
CA ILE A 35 -8.36 14.29 -4.04
C ILE A 35 -7.19 13.48 -3.48
N ASP A 36 -6.03 13.50 -4.14
CA ASP A 36 -4.87 12.71 -3.70
C ASP A 36 -4.13 13.35 -2.51
N GLY A 37 -4.64 14.42 -1.88
CA GLY A 37 -3.93 14.99 -0.72
C GLY A 37 -3.15 16.29 -1.03
N THR A 38 -2.68 16.45 -2.27
CA THR A 38 -1.94 17.68 -2.67
C THR A 38 -2.71 18.97 -2.31
N PHE A 39 -2.01 19.93 -1.75
CA PHE A 39 -2.53 21.27 -1.50
C PHE A 39 -1.51 22.26 -2.09
N ALA A 40 -1.88 23.11 -3.05
CA ALA A 40 -0.93 24.15 -3.56
C ALA A 40 -1.53 25.57 -3.43
N ARG A 41 -0.64 26.59 -3.41
CA ARG A 41 -1.07 27.97 -3.16
C ARG A 41 -0.48 28.90 -4.25
N ALA A 42 -1.28 29.83 -4.79
CA ALA A 42 -0.72 30.83 -5.73
C ALA A 42 -1.25 32.22 -5.37
N ALA A 43 -0.42 33.24 -5.56
CA ALA A 43 -0.89 34.60 -5.30
C ALA A 43 -0.88 35.44 -6.59
N VAL A 44 -1.68 36.53 -6.62
CA VAL A 44 -1.85 37.33 -7.86
C VAL A 44 -1.12 38.69 -7.68
N PRO A 45 -0.28 39.08 -8.63
CA PRO A 45 0.33 40.41 -8.52
C PRO A 45 -0.59 41.52 -9.08
N SER A 46 -0.12 42.77 -8.99
CA SER A 46 -0.87 43.93 -9.36
C SER A 46 0.10 45.06 -9.79
N GLY A 47 -0.12 45.60 -10.99
CA GLY A 47 0.73 46.71 -11.49
C GLY A 47 0.22 48.08 -11.06
N ALA A 48 1.08 49.10 -11.16
CA ALA A 48 0.73 50.53 -11.04
C ALA A 48 0.59 51.14 -12.45
N SER A 49 1.65 51.03 -13.28
CA SER A 49 1.64 51.50 -14.68
C SER A 49 0.93 50.48 -15.60
N THR A 50 -0.36 50.23 -15.34
CA THR A 50 -1.18 49.22 -16.03
C THR A 50 -1.61 49.77 -17.40
N GLY A 51 -1.42 48.96 -18.46
CA GLY A 51 -1.91 49.32 -19.81
C GLY A 51 -3.43 49.31 -19.89
N GLU A 52 -3.95 50.21 -20.74
CA GLU A 52 -5.38 50.32 -21.10
C GLU A 52 -5.98 48.94 -21.43
N HIS A 53 -5.20 48.03 -22.06
CA HIS A 53 -5.79 46.82 -22.69
C HIS A 53 -5.61 45.57 -21.82
N GLU A 54 -5.06 45.72 -20.60
CA GLU A 54 -4.81 44.59 -19.70
C GLU A 54 -6.15 43.93 -19.30
N ALA A 55 -6.14 42.63 -18.97
CA ALA A 55 -7.32 41.96 -18.37
C ALA A 55 -7.76 42.71 -17.11
N VAL A 56 -9.03 42.62 -16.76
CA VAL A 56 -9.59 43.54 -15.79
C VAL A 56 -9.25 43.06 -14.37
N GLU A 57 -8.79 43.99 -13.56
CA GLU A 57 -8.51 43.72 -12.15
C GLU A 57 -9.74 44.13 -11.33
N LEU A 58 -10.51 43.14 -10.84
CA LEU A 58 -11.77 43.35 -10.05
C LEU A 58 -11.43 43.84 -8.63
N ARG A 59 -11.70 45.14 -8.35
CA ARG A 59 -11.55 45.77 -7.03
C ARG A 59 -12.90 46.14 -6.40
N ASP A 60 -12.99 46.09 -5.07
CA ASP A 60 -14.26 46.21 -4.31
C ASP A 60 -14.83 47.63 -4.39
N GLY A 61 -13.93 48.64 -4.40
CA GLY A 61 -14.32 50.02 -4.20
C GLY A 61 -14.76 50.25 -2.76
N GLY A 62 -15.40 51.39 -2.51
CA GLY A 62 -15.81 51.73 -1.15
C GLY A 62 -14.64 52.16 -0.29
N ASP A 63 -14.74 51.82 0.99
CA ASP A 63 -14.03 52.51 2.04
C ASP A 63 -12.83 51.70 2.51
N ARG A 64 -13.00 50.39 2.65
CA ARG A 64 -11.94 49.50 3.10
C ARG A 64 -10.76 49.63 2.14
N TYR A 65 -9.58 49.83 2.68
CA TYR A 65 -8.36 49.66 1.93
C TYR A 65 -8.29 50.69 0.79
N GLY A 66 -8.84 51.88 1.00
CA GLY A 66 -8.89 52.92 -0.04
C GLY A 66 -9.50 52.40 -1.33
N GLY A 67 -10.50 51.53 -1.23
CA GLY A 67 -11.18 51.08 -2.43
C GLY A 67 -10.54 49.85 -3.03
N LYS A 68 -9.45 49.33 -2.44
CA LYS A 68 -8.67 48.33 -3.19
C LYS A 68 -8.92 46.90 -2.71
N GLY A 69 -9.98 46.66 -1.95
CA GLY A 69 -10.31 45.29 -1.52
C GLY A 69 -10.58 44.34 -2.69
N VAL A 70 -10.41 43.05 -2.47
CA VAL A 70 -10.65 42.00 -3.47
C VAL A 70 -11.52 40.91 -2.83
N GLN A 71 -12.38 41.31 -1.88
CA GLN A 71 -13.43 40.39 -1.33
C GLN A 71 -14.36 39.87 -2.44
N LYS A 72 -14.71 40.70 -3.43
CA LYS A 72 -15.59 40.23 -4.52
C LYS A 72 -14.90 39.15 -5.37
N ALA A 73 -13.62 39.38 -5.66
CA ALA A 73 -12.85 38.43 -6.44
C ALA A 73 -12.73 37.14 -5.63
N VAL A 74 -12.59 37.29 -4.30
CA VAL A 74 -12.46 36.12 -3.44
C VAL A 74 -13.80 35.38 -3.45
N GLN A 75 -14.89 36.13 -3.40
CA GLN A 75 -16.23 35.53 -3.33
C GLN A 75 -16.53 34.77 -4.64
N ALA A 76 -16.07 35.34 -5.75
CA ALA A 76 -16.26 34.81 -7.10
C ALA A 76 -15.60 33.43 -7.24
N VAL A 77 -14.41 33.28 -6.64
CA VAL A 77 -13.71 31.98 -6.58
C VAL A 77 -14.59 30.96 -5.83
N LEU A 78 -15.07 31.33 -4.64
CA LEU A 78 -15.95 30.43 -3.81
C LEU A 78 -17.31 30.15 -4.49
N ASP A 79 -17.96 31.17 -5.06
CA ASP A 79 -19.32 31.02 -5.51
C ASP A 79 -19.35 30.36 -6.89
N GLU A 80 -18.49 30.80 -7.80
CA GLU A 80 -18.59 30.44 -9.19
C GLU A 80 -17.40 29.57 -9.64
N ILE A 81 -16.13 29.98 -9.42
CA ILE A 81 -15.02 29.26 -10.11
C ILE A 81 -14.78 27.89 -9.46
N GLY A 82 -14.74 27.89 -8.12
CA GLY A 82 -14.63 26.67 -7.34
C GLY A 82 -15.51 25.56 -7.90
N PRO A 83 -16.83 25.73 -7.94
CA PRO A 83 -17.64 24.60 -8.41
C PRO A 83 -17.47 24.27 -9.90
N ALA A 84 -17.05 25.23 -10.71
CA ALA A 84 -16.91 25.02 -12.15
C ALA A 84 -15.67 24.16 -12.47
N VAL A 85 -14.71 24.06 -11.54
CA VAL A 85 -13.42 23.33 -11.83
C VAL A 85 -13.26 22.09 -10.92
N ILE A 86 -14.02 21.96 -9.83
CA ILE A 86 -13.94 20.76 -9.01
C ILE A 86 -14.46 19.61 -9.85
N GLY A 87 -13.78 18.46 -9.78
CA GLY A 87 -14.11 17.35 -10.66
C GLY A 87 -13.17 17.24 -11.85
N LEU A 88 -12.58 18.36 -12.31
CA LEU A 88 -11.61 18.29 -13.43
C LEU A 88 -10.24 17.73 -12.99
N ASN A 89 -9.48 17.29 -13.99
CA ASN A 89 -8.12 16.81 -13.80
C ASN A 89 -7.14 18.02 -13.84
N ALA A 90 -6.38 18.25 -12.75
CA ALA A 90 -5.51 19.46 -12.59
C ALA A 90 -4.44 19.47 -13.68
N ASP A 91 -4.15 18.28 -14.24
CA ASP A 91 -3.19 18.07 -15.34
C ASP A 91 -3.66 18.70 -16.66
N ASP A 92 -4.97 18.82 -16.87
CA ASP A 92 -5.51 19.36 -18.13
C ASP A 92 -5.62 20.89 -18.00
N GLN A 93 -4.44 21.56 -17.94
CA GLN A 93 -4.34 23.03 -17.84
C GLN A 93 -5.24 23.70 -18.88
N ARG A 94 -5.19 23.20 -20.11
CA ARG A 94 -5.95 23.82 -21.20
C ARG A 94 -7.46 23.68 -20.93
N LEU A 95 -7.93 22.52 -20.52
CA LEU A 95 -9.36 22.38 -20.29
C LEU A 95 -9.74 23.28 -19.09
N VAL A 96 -8.93 23.32 -18.02
CA VAL A 96 -9.21 24.20 -16.86
C VAL A 96 -9.27 25.67 -17.31
N ASP A 97 -8.29 26.13 -18.06
CA ASP A 97 -8.23 27.54 -18.44
C ASP A 97 -9.39 27.87 -19.36
N GLN A 98 -9.82 26.90 -20.18
CA GLN A 98 -11.00 27.12 -21.07
C GLN A 98 -12.27 27.23 -20.22
N ALA A 99 -12.48 26.31 -19.27
CA ALA A 99 -13.61 26.39 -18.36
C ALA A 99 -13.59 27.74 -17.62
N LEU A 100 -12.41 28.28 -17.26
CA LEU A 100 -12.32 29.60 -16.53
C LEU A 100 -12.78 30.72 -17.46
N VAL A 101 -12.28 30.71 -18.70
CA VAL A 101 -12.51 31.79 -19.66
C VAL A 101 -13.99 31.80 -20.05
N ASP A 102 -14.57 30.61 -20.29
CA ASP A 102 -15.98 30.45 -20.70
C ASP A 102 -16.93 30.85 -19.56
N LEU A 103 -16.68 30.35 -18.35
CA LEU A 103 -17.45 30.79 -17.18
C LEU A 103 -17.53 32.32 -17.14
N ASP A 104 -16.41 33.01 -17.29
CA ASP A 104 -16.45 34.46 -17.10
C ASP A 104 -17.22 35.08 -18.28
N GLY A 105 -16.90 34.61 -19.50
CA GLY A 105 -17.70 34.89 -20.68
C GLY A 105 -17.38 36.23 -21.32
N THR A 106 -16.58 37.07 -20.68
CA THR A 106 -16.24 38.36 -21.24
C THR A 106 -14.80 38.30 -21.77
N PRO A 107 -14.49 39.07 -22.83
CA PRO A 107 -13.16 39.00 -23.38
C PRO A 107 -12.05 39.59 -22.48
N ASP A 108 -12.36 40.46 -21.53
CA ASP A 108 -11.29 41.05 -20.72
C ASP A 108 -11.36 40.58 -19.26
N LYS A 109 -12.14 39.53 -19.01
CA LYS A 109 -12.29 38.92 -17.65
C LYS A 109 -12.88 39.92 -16.63
N SER A 110 -13.87 40.74 -17.06
CA SER A 110 -14.43 41.83 -16.24
C SER A 110 -15.58 41.33 -15.38
N ARG A 111 -16.17 40.16 -15.67
CA ARG A 111 -17.26 39.70 -14.84
C ARG A 111 -16.69 39.09 -13.55
N LEU A 112 -15.74 38.18 -13.68
CA LEU A 112 -15.26 37.50 -12.47
C LEU A 112 -13.94 38.13 -11.97
N GLY A 113 -13.25 38.84 -12.85
CA GLY A 113 -11.95 39.41 -12.52
C GLY A 113 -10.78 38.54 -13.02
N GLY A 114 -9.86 39.17 -13.75
CA GLY A 114 -8.58 38.54 -14.07
C GLY A 114 -7.84 38.11 -12.81
N ASN A 115 -7.96 38.87 -11.71
CA ASN A 115 -7.30 38.49 -10.45
C ASN A 115 -7.92 37.21 -9.89
N ALA A 116 -9.23 37.08 -9.95
CA ALA A 116 -9.91 35.84 -9.47
C ALA A 116 -9.55 34.66 -10.37
N ILE A 117 -9.53 34.88 -11.69
CA ILE A 117 -9.31 33.79 -12.61
C ILE A 117 -7.84 33.32 -12.56
N LEU A 118 -6.90 34.25 -12.59
CA LEU A 118 -5.49 33.87 -12.69
C LEU A 118 -5.09 33.04 -11.47
N GLY A 119 -5.51 33.48 -10.30
CA GLY A 119 -5.18 32.77 -9.07
C GLY A 119 -5.55 31.30 -9.12
N VAL A 120 -6.73 30.96 -9.68
CA VAL A 120 -7.14 29.55 -9.77
C VAL A 120 -6.25 28.91 -10.86
N SER A 121 -6.03 29.64 -11.95
CA SER A 121 -5.27 29.05 -13.09
C SER A 121 -3.88 28.58 -12.63
N LEU A 122 -3.20 29.44 -11.85
CA LEU A 122 -1.85 29.17 -11.40
C LEU A 122 -1.84 28.16 -10.24
N ALA A 123 -2.82 28.23 -9.32
CA ALA A 123 -2.88 27.30 -8.19
C ALA A 123 -3.13 25.87 -8.71
N VAL A 124 -3.85 25.77 -9.82
CA VAL A 124 -4.14 24.44 -10.40
C VAL A 124 -2.84 23.88 -11.00
N ALA A 125 -2.08 24.72 -11.72
CA ALA A 125 -0.75 24.32 -12.22
C ALA A 125 0.18 23.90 -11.07
N LYS A 126 0.25 24.69 -9.99
CA LYS A 126 1.12 24.33 -8.85
C LYS A 126 0.69 22.98 -8.24
N ALA A 127 -0.62 22.76 -8.13
CA ALA A 127 -1.15 21.53 -7.57
C ALA A 127 -0.76 20.34 -8.45
N ALA A 128 -0.85 20.51 -9.78
CA ALA A 128 -0.60 19.42 -10.70
C ALA A 128 0.87 19.01 -10.57
N ALA A 129 1.74 20.01 -10.48
CA ALA A 129 3.18 19.82 -10.37
C ALA A 129 3.49 19.07 -9.07
N ASP A 130 2.90 19.54 -7.96
CA ASP A 130 3.15 18.93 -6.66
C ASP A 130 2.65 17.48 -6.68
N SER A 131 1.50 17.23 -7.30
CA SER A 131 0.97 15.86 -7.38
C SER A 131 1.92 14.94 -8.17
N ALA A 132 2.52 15.45 -9.24
CA ALA A 132 3.48 14.68 -10.04
C ALA A 132 4.84 14.65 -9.32
N GLU A 133 4.95 15.33 -8.17
CA GLU A 133 6.22 15.45 -7.38
C GLU A 133 7.32 16.07 -8.29
N LEU A 134 6.97 17.15 -8.98
CA LEU A 134 7.91 17.80 -9.88
C LEU A 134 7.97 19.29 -9.52
N PRO A 135 9.16 19.89 -9.64
CA PRO A 135 9.17 21.36 -9.55
C PRO A 135 8.32 22.00 -10.65
N LEU A 136 7.83 23.18 -10.40
CA LEU A 136 6.95 23.79 -11.32
C LEU A 136 7.64 23.97 -12.69
N PHE A 137 8.92 24.35 -12.74
CA PHE A 137 9.59 24.69 -14.03
C PHE A 137 9.52 23.47 -14.96
N ARG A 138 9.65 22.31 -14.33
CA ARG A 138 9.80 21.01 -15.05
C ARG A 138 8.41 20.51 -15.45
N TYR A 139 7.43 20.69 -14.56
CA TYR A 139 6.03 20.33 -14.85
C TYR A 139 5.47 21.08 -16.08
N VAL A 140 5.65 22.40 -16.12
CA VAL A 140 5.16 23.25 -17.21
C VAL A 140 6.06 23.07 -18.44
N GLY A 141 7.38 23.01 -18.18
CA GLY A 141 8.38 23.13 -19.25
C GLY A 141 8.84 21.78 -19.80
N GLY A 142 8.57 20.70 -19.06
CA GLY A 142 8.89 19.36 -19.52
C GLY A 142 10.38 19.10 -19.34
N PRO A 143 10.86 17.91 -19.75
CA PRO A 143 12.26 17.55 -19.45
C PRO A 143 13.31 18.49 -20.06
N ASN A 144 12.97 19.28 -21.06
CA ASN A 144 14.00 20.04 -21.75
C ASN A 144 14.17 21.42 -21.11
N ALA A 145 13.42 21.73 -20.06
CA ALA A 145 13.52 23.04 -19.37
C ALA A 145 14.86 23.12 -18.61
N HIS A 146 15.74 24.08 -18.92
CA HIS A 146 17.08 24.10 -18.28
C HIS A 146 17.75 25.48 -18.29
N ILE A 147 17.21 26.48 -19.00
CA ILE A 147 17.97 27.74 -19.18
C ILE A 147 17.62 28.70 -18.05
N LEU A 148 18.67 29.19 -17.38
CA LEU A 148 18.52 30.20 -16.35
C LEU A 148 18.55 31.57 -17.04
N PRO A 149 17.64 32.46 -16.66
CA PRO A 149 17.58 33.73 -17.38
C PRO A 149 18.58 34.76 -16.85
N VAL A 150 18.93 35.74 -17.70
CA VAL A 150 19.68 36.91 -17.24
C VAL A 150 18.76 37.73 -16.34
N PRO A 151 19.24 38.08 -15.13
CA PRO A 151 18.39 38.90 -14.32
C PRO A 151 18.46 40.40 -14.70
N MET A 152 17.36 40.94 -15.24
CA MET A 152 17.30 42.36 -15.62
C MET A 152 16.84 43.15 -14.39
N MET A 153 17.78 43.78 -13.69
CA MET A 153 17.57 44.32 -12.34
C MET A 153 17.41 45.84 -12.35
N ASN A 154 16.18 46.25 -12.05
CA ASN A 154 15.77 47.68 -11.90
C ASN A 154 16.34 48.25 -10.60
N ILE A 155 17.56 48.80 -10.65
CA ILE A 155 18.28 49.27 -9.45
C ILE A 155 18.11 50.79 -9.30
N LEU A 156 17.62 51.46 -10.34
CA LEU A 156 17.29 52.85 -10.17
C LEU A 156 15.88 53.06 -10.72
N ASN A 157 14.94 53.29 -9.78
CA ASN A 157 13.49 53.33 -10.00
C ASN A 157 13.03 54.78 -10.18
N GLY A 158 12.12 55.01 -11.15
CA GLY A 158 11.46 56.32 -11.35
C GLY A 158 10.00 56.16 -11.78
N GLY A 159 9.52 57.15 -12.56
CA GLY A 159 8.13 57.17 -13.06
C GLY A 159 7.09 56.80 -12.01
N ALA A 160 6.29 55.79 -12.34
CA ALA A 160 5.12 55.38 -11.55
C ALA A 160 5.53 54.63 -10.27
N HIS A 161 6.82 54.37 -10.05
CA HIS A 161 7.22 53.46 -8.93
C HIS A 161 7.90 54.24 -7.80
N ALA A 162 7.94 55.57 -7.94
CA ALA A 162 8.39 56.44 -6.85
C ALA A 162 7.71 57.82 -6.97
N ASP A 163 8.08 58.71 -6.05
CA ASP A 163 7.61 60.11 -6.06
C ASP A 163 8.79 61.06 -6.29
N THR A 164 9.38 60.99 -7.49
CA THR A 164 10.45 61.86 -7.95
C THR A 164 10.07 62.41 -9.32
N ALA A 165 10.91 63.23 -9.94
CA ALA A 165 10.55 63.80 -11.26
C ALA A 165 11.21 63.04 -12.42
N VAL A 166 11.73 61.83 -12.17
CA VAL A 166 12.47 60.99 -13.17
C VAL A 166 11.50 60.36 -14.19
N ASP A 167 11.73 60.62 -15.48
CA ASP A 167 10.73 60.26 -16.51
C ASP A 167 10.73 58.75 -16.79
N ILE A 168 11.91 58.17 -16.98
CA ILE A 168 12.03 56.75 -17.29
C ILE A 168 11.59 55.97 -16.05
N GLN A 169 10.83 54.90 -16.26
CA GLN A 169 10.32 54.16 -15.10
C GLN A 169 11.44 53.29 -14.51
N GLU A 170 12.25 52.62 -15.36
CA GLU A 170 13.22 51.61 -14.87
C GLU A 170 14.60 51.77 -15.51
N PHE A 171 15.63 51.86 -14.66
CA PHE A 171 17.03 51.75 -15.10
C PHE A 171 17.60 50.41 -14.62
N MET A 172 17.86 49.47 -15.56
CA MET A 172 18.18 48.07 -15.26
C MET A 172 19.63 47.72 -15.60
N VAL A 173 20.24 46.87 -14.77
CA VAL A 173 21.53 46.23 -15.08
C VAL A 173 21.29 44.76 -15.48
N ALA A 174 22.10 44.26 -16.40
CA ALA A 174 21.98 42.91 -16.95
C ALA A 174 23.37 42.24 -16.94
N PRO A 175 23.64 41.34 -15.98
CA PRO A 175 24.98 40.69 -15.84
C PRO A 175 25.16 39.59 -16.90
N ILE A 176 25.19 40.00 -18.17
CA ILE A 176 25.32 39.09 -19.30
C ILE A 176 26.67 38.34 -19.31
N GLY A 177 27.72 38.89 -18.67
CA GLY A 177 29.07 38.29 -18.76
C GLY A 177 29.30 37.19 -17.73
N ALA A 178 28.39 36.99 -16.79
CA ALA A 178 28.60 36.02 -15.71
C ALA A 178 28.57 34.60 -16.27
N PRO A 179 29.31 33.69 -15.65
CA PRO A 179 29.31 32.29 -16.16
C PRO A 179 28.10 31.44 -15.71
N SER A 180 27.33 31.90 -14.73
CA SER A 180 26.21 31.12 -14.22
C SER A 180 25.19 32.10 -13.64
N PHE A 181 24.00 31.60 -13.31
CA PHE A 181 23.00 32.42 -12.63
C PHE A 181 23.55 32.84 -11.24
N VAL A 182 24.11 31.89 -10.50
CA VAL A 182 24.55 32.21 -9.14
C VAL A 182 25.53 33.38 -9.18
N GLU A 183 26.41 33.43 -10.18
CA GLU A 183 27.42 34.52 -10.28
C GLU A 183 26.75 35.82 -10.73
N ALA A 184 25.82 35.72 -11.67
CA ALA A 184 25.10 36.87 -12.22
C ALA A 184 24.35 37.56 -11.07
N LEU A 185 23.72 36.74 -10.21
CA LEU A 185 23.02 37.29 -9.05
C LEU A 185 23.99 38.12 -8.21
N ARG A 186 25.16 37.57 -7.89
CA ARG A 186 26.12 38.30 -7.06
C ARG A 186 26.59 39.58 -7.76
N TRP A 187 26.84 39.49 -9.06
CA TRP A 187 27.25 40.69 -9.81
C TRP A 187 26.19 41.78 -9.67
N GLY A 188 24.92 41.41 -9.86
CA GLY A 188 23.87 42.42 -9.76
C GLY A 188 23.75 42.98 -8.36
N ALA A 189 23.93 42.12 -7.34
CA ALA A 189 23.89 42.58 -5.93
C ALA A 189 25.05 43.55 -5.65
N GLU A 190 26.23 43.20 -6.16
CA GLU A 190 27.41 43.99 -5.89
C GLU A 190 27.30 45.37 -6.57
N VAL A 191 26.76 45.43 -7.79
CA VAL A 191 26.50 46.71 -8.49
C VAL A 191 25.44 47.52 -7.74
N TYR A 192 24.38 46.83 -7.32
CA TYR A 192 23.32 47.45 -6.54
C TYR A 192 23.92 48.06 -5.28
N HIS A 193 24.81 47.34 -4.58
CA HIS A 193 25.35 47.89 -3.35
C HIS A 193 26.33 49.03 -3.67
N ALA A 194 27.06 48.91 -4.78
CA ALA A 194 28.04 49.94 -5.13
C ALA A 194 27.31 51.22 -5.51
N LEU A 195 26.15 51.08 -6.18
CA LEU A 195 25.28 52.24 -6.53
C LEU A 195 24.85 52.96 -5.25
N LYS A 196 24.54 52.20 -4.19
CA LYS A 196 24.08 52.85 -2.95
C LYS A 196 25.16 53.81 -2.42
N SER A 197 26.39 53.32 -2.40
CA SER A 197 27.53 54.07 -1.87
C SER A 197 27.89 55.28 -2.78
N VAL A 198 27.77 55.09 -4.09
CA VAL A 198 27.90 56.19 -5.04
C VAL A 198 26.87 57.28 -4.71
N LEU A 199 25.59 56.90 -4.53
CA LEU A 199 24.49 57.85 -4.32
C LEU A 199 24.72 58.62 -3.02
N LYS A 200 25.13 57.91 -1.96
CA LYS A 200 25.44 58.53 -0.68
C LYS A 200 26.55 59.59 -0.87
N LYS A 201 27.61 59.24 -1.65
CA LYS A 201 28.72 60.17 -2.01
C LYS A 201 28.16 61.47 -2.60
N GLU A 202 27.21 61.33 -3.51
CA GLU A 202 26.64 62.44 -4.26
C GLU A 202 25.52 63.12 -3.47
N GLY A 203 25.33 62.75 -2.20
CA GLY A 203 24.20 63.20 -1.36
C GLY A 203 22.84 62.98 -2.01
N LEU A 204 22.68 61.89 -2.77
CA LEU A 204 21.39 61.62 -3.40
C LEU A 204 20.58 60.63 -2.55
N SER A 205 19.25 60.56 -2.72
CA SER A 205 18.39 59.66 -1.90
C SER A 205 18.70 58.16 -2.15
N THR A 206 18.83 57.44 -1.06
CA THR A 206 18.93 55.99 -1.13
C THR A 206 17.61 55.33 -0.65
N GLY A 207 16.55 56.12 -0.35
CA GLY A 207 15.21 55.57 -0.12
C GLY A 207 14.76 54.73 -1.31
N LEU A 208 14.13 53.56 -1.07
CA LEU A 208 13.79 52.66 -2.18
C LEU A 208 12.41 53.02 -2.74
N GLY A 209 12.26 52.83 -4.05
CA GLY A 209 10.97 52.82 -4.72
C GLY A 209 10.33 51.43 -4.68
N ASP A 210 9.25 51.28 -5.44
CA ASP A 210 8.35 50.11 -5.39
C ASP A 210 9.10 48.78 -5.63
N GLU A 211 10.17 48.82 -6.41
CA GLU A 211 10.80 47.61 -6.91
C GLU A 211 12.19 47.43 -6.29
N GLY A 212 12.49 48.16 -5.23
CA GLY A 212 13.71 48.00 -4.44
C GLY A 212 14.88 48.79 -5.01
N GLY A 213 14.68 49.41 -6.17
CA GLY A 213 15.72 50.25 -6.71
C GLY A 213 15.76 51.56 -5.94
N PHE A 214 16.90 52.25 -5.97
CA PHE A 214 16.98 53.59 -5.36
C PHE A 214 16.15 54.54 -6.21
N ALA A 215 15.48 55.43 -5.52
CA ALA A 215 14.74 56.47 -6.18
C ALA A 215 15.37 57.85 -5.86
N PRO A 216 16.64 58.12 -6.32
CA PRO A 216 17.13 59.53 -6.18
C PRO A 216 16.36 60.40 -7.19
N ASP A 217 16.40 61.73 -7.00
CA ASP A 217 15.85 62.65 -8.03
C ASP A 217 17.03 63.22 -8.84
N VAL A 218 17.58 62.41 -9.74
CA VAL A 218 18.74 62.83 -10.57
C VAL A 218 18.23 63.64 -11.77
N ALA A 219 19.15 64.28 -12.50
CA ALA A 219 18.77 65.24 -13.54
C ALA A 219 18.14 64.50 -14.73
N GLY A 220 18.93 63.78 -15.52
CA GLY A 220 18.42 63.20 -16.76
C GLY A 220 18.50 61.69 -16.78
N THR A 221 18.07 61.11 -17.90
CA THR A 221 18.34 59.74 -18.24
C THR A 221 19.86 59.49 -18.27
N THR A 222 20.66 60.40 -18.84
CA THR A 222 22.12 60.17 -18.94
C THR A 222 22.79 60.30 -17.56
N ALA A 223 22.26 61.18 -16.71
CA ALA A 223 22.74 61.33 -15.33
C ALA A 223 22.56 60.02 -14.56
N ALA A 224 21.42 59.36 -14.78
CA ALA A 224 21.14 58.05 -14.17
C ALA A 224 22.10 56.98 -14.72
N LEU A 225 22.29 56.91 -16.04
CA LEU A 225 23.16 55.90 -16.65
C LEU A 225 24.62 56.13 -16.24
N ASP A 226 25.02 57.38 -15.99
CA ASP A 226 26.40 57.65 -15.62
C ASP A 226 26.65 57.15 -14.20
N LEU A 227 25.65 57.32 -13.32
CA LEU A 227 25.75 56.87 -11.91
C LEU A 227 25.78 55.33 -11.85
N ILE A 228 25.00 54.66 -12.69
CA ILE A 228 24.96 53.21 -12.75
C ILE A 228 26.29 52.66 -13.29
N SER A 229 26.82 53.39 -14.27
CA SER A 229 28.04 53.04 -14.98
C SER A 229 29.24 53.04 -14.02
N ARG A 230 29.32 54.09 -13.21
CA ARG A 230 30.28 54.23 -12.12
C ARG A 230 30.12 53.08 -11.11
N ALA A 231 28.88 52.78 -10.77
CA ALA A 231 28.57 51.65 -9.87
C ALA A 231 29.18 50.35 -10.39
N ILE A 232 28.98 50.04 -11.68
CA ILE A 232 29.47 48.83 -12.26
C ILE A 232 31.01 48.80 -12.07
N GLU A 233 31.65 49.89 -12.47
CA GLU A 233 33.09 49.99 -12.39
C GLU A 233 33.53 49.88 -10.93
N SER A 234 32.84 50.57 -10.03
CA SER A 234 33.17 50.52 -8.60
C SER A 234 32.97 49.11 -8.04
N ALA A 235 32.20 48.25 -8.74
CA ALA A 235 31.96 46.86 -8.28
C ALA A 235 33.00 45.91 -8.90
N GLY A 236 33.98 46.48 -9.60
CA GLY A 236 35.10 45.75 -10.19
C GLY A 236 34.68 45.01 -11.45
N LEU A 237 33.67 45.52 -12.14
CA LEU A 237 33.14 44.82 -13.31
C LEU A 237 33.18 45.77 -14.51
N ARG A 238 33.12 45.19 -15.70
CA ARG A 238 33.25 45.93 -16.94
C ARG A 238 31.87 46.21 -17.54
N PRO A 239 31.56 47.49 -17.77
CA PRO A 239 30.26 47.86 -18.36
C PRO A 239 30.18 47.23 -19.76
N GLY A 240 29.02 46.70 -20.11
CA GLY A 240 28.84 46.09 -21.42
C GLY A 240 29.28 44.65 -21.41
N ALA A 241 30.59 44.41 -21.27
CA ALA A 241 31.11 43.04 -21.37
C ALA A 241 30.69 42.22 -20.14
N ASP A 242 30.80 42.78 -18.94
CA ASP A 242 30.36 42.06 -17.72
C ASP A 242 28.88 42.34 -17.42
N VAL A 243 28.55 43.63 -17.29
CA VAL A 243 27.21 44.08 -16.91
C VAL A 243 26.79 45.16 -17.89
N ALA A 244 25.69 44.89 -18.60
CA ALA A 244 25.07 45.80 -19.55
C ALA A 244 23.92 46.58 -18.90
N LEU A 245 23.29 47.44 -19.73
CA LEU A 245 22.27 48.34 -19.26
C LEU A 245 21.00 48.07 -20.08
N ALA A 246 19.83 48.17 -19.42
CA ALA A 246 18.53 48.17 -20.12
C ALA A 246 17.64 49.28 -19.56
N LEU A 247 16.62 49.63 -20.34
CA LEU A 247 15.69 50.66 -19.94
C LEU A 247 14.28 50.12 -20.09
N ASP A 248 13.40 50.57 -19.18
CA ASP A 248 11.94 50.57 -19.40
C ASP A 248 11.45 52.01 -19.24
N ALA A 249 11.12 52.63 -20.39
CA ALA A 249 10.68 54.06 -20.41
C ALA A 249 9.22 54.21 -19.99
N ALA A 250 8.44 53.13 -20.04
CA ALA A 250 6.98 53.15 -19.88
C ALA A 250 6.42 54.46 -20.45
N ALA A 251 6.54 54.64 -21.76
CA ALA A 251 6.28 55.93 -22.43
C ALA A 251 4.80 56.32 -22.32
N THR A 252 3.89 55.35 -22.40
CA THR A 252 2.47 55.58 -22.13
C THR A 252 2.27 56.48 -20.91
N GLU A 253 3.09 56.35 -19.84
CA GLU A 253 2.91 57.16 -18.59
C GLU A 253 3.31 58.62 -18.79
N PHE A 254 3.89 58.99 -19.92
CA PHE A 254 4.13 60.41 -20.16
C PHE A 254 3.65 60.81 -21.56
N PHE A 255 2.83 59.97 -22.21
CA PHE A 255 2.24 60.30 -23.51
C PHE A 255 0.85 60.91 -23.30
N THR A 256 0.60 62.03 -23.97
CA THR A 256 -0.76 62.55 -24.04
C THR A 256 -1.24 62.49 -25.49
N ASP A 257 -2.31 61.74 -25.73
CA ASP A 257 -2.91 61.62 -27.06
C ASP A 257 -3.28 63.03 -27.54
N GLY A 258 -2.67 63.45 -28.65
CA GLY A 258 -2.88 64.78 -29.19
C GLY A 258 -1.64 65.66 -29.11
N THR A 259 -1.03 65.74 -27.93
CA THR A 259 0.05 66.70 -27.67
C THR A 259 1.43 66.02 -27.83
N GLY A 260 1.51 64.73 -27.46
CA GLY A 260 2.67 63.88 -27.77
C GLY A 260 3.40 63.37 -26.53
N TYR A 261 4.73 63.32 -26.65
CA TYR A 261 5.63 62.74 -25.63
C TYR A 261 6.20 63.85 -24.75
N VAL A 262 5.74 63.90 -23.51
CA VAL A 262 6.15 64.94 -22.55
C VAL A 262 7.32 64.40 -21.70
N PHE A 263 8.55 64.82 -22.03
CA PHE A 263 9.73 64.06 -21.62
C PHE A 263 10.96 64.94 -21.38
N GLU A 264 11.37 65.03 -20.11
CA GLU A 264 12.53 65.82 -19.69
C GLU A 264 12.31 67.29 -20.10
N GLY A 265 11.05 67.73 -20.03
CA GLY A 265 10.67 69.13 -20.21
C GLY A 265 10.58 69.54 -21.67
N THR A 266 9.96 68.69 -22.49
CA THR A 266 9.78 68.94 -23.91
C THR A 266 8.72 67.98 -24.47
N THR A 267 7.81 68.53 -25.25
CA THR A 267 6.92 67.71 -26.06
C THR A 267 7.71 67.16 -27.26
N ARG A 268 7.64 65.85 -27.48
CA ARG A 268 8.36 65.24 -28.57
C ARG A 268 7.46 64.26 -29.32
N THR A 269 7.75 64.13 -30.62
CA THR A 269 7.12 63.19 -31.56
C THR A 269 7.67 61.77 -31.29
N ALA A 270 6.99 60.78 -31.85
CA ALA A 270 7.53 59.43 -31.94
C ALA A 270 8.99 59.46 -32.45
N ASP A 271 9.30 60.25 -33.48
CA ASP A 271 10.62 60.14 -34.17
C ASP A 271 11.68 60.97 -33.43
N GLN A 272 11.27 61.91 -32.61
CA GLN A 272 12.24 62.69 -31.83
C GLN A 272 12.76 61.83 -30.67
N MET A 273 11.87 61.02 -30.10
CA MET A 273 12.21 60.10 -29.03
C MET A 273 13.15 59.04 -29.60
N THR A 274 12.85 58.56 -30.82
CA THR A 274 13.73 57.61 -31.48
C THR A 274 15.12 58.24 -31.54
N GLU A 275 15.18 59.48 -32.01
CA GLU A 275 16.43 60.19 -32.11
C GLU A 275 17.12 60.11 -30.74
N PHE A 276 16.32 60.29 -29.67
CA PHE A 276 16.82 60.18 -28.28
C PHE A 276 17.37 58.76 -28.03
N TYR A 277 16.54 57.74 -28.24
CA TYR A 277 16.98 56.38 -27.95
C TYR A 277 18.26 56.03 -28.72
N ALA A 278 18.40 56.48 -29.96
CA ALA A 278 19.58 56.12 -30.77
C ALA A 278 20.81 56.89 -30.27
N GLY A 279 20.62 58.03 -29.62
CA GLY A 279 21.78 58.67 -29.02
C GLY A 279 22.30 57.89 -27.82
N LEU A 280 21.38 57.35 -27.03
CA LEU A 280 21.78 56.57 -25.86
C LEU A 280 22.57 55.36 -26.35
N LEU A 281 22.09 54.73 -27.45
CA LEU A 281 22.67 53.48 -28.02
C LEU A 281 24.18 53.62 -28.31
N GLY A 282 24.58 54.80 -28.78
CA GLY A 282 25.96 55.09 -29.14
C GLY A 282 26.84 55.36 -27.92
N ALA A 283 26.26 55.96 -26.88
CA ALA A 283 27.03 56.40 -25.70
C ALA A 283 27.01 55.36 -24.57
N TYR A 284 26.13 54.35 -24.65
CA TYR A 284 26.01 53.44 -23.49
C TYR A 284 25.89 51.98 -23.96
N PRO A 285 26.36 51.05 -23.12
CA PRO A 285 26.22 49.61 -23.37
C PRO A 285 24.79 49.06 -23.15
N LEU A 286 23.87 49.39 -24.05
CA LEU A 286 22.47 49.02 -23.85
C LEU A 286 22.14 47.73 -24.61
N VAL A 287 21.38 46.82 -23.99
CA VAL A 287 20.98 45.58 -24.69
C VAL A 287 19.47 45.60 -24.94
N SER A 288 18.73 46.45 -24.24
CA SER A 288 17.28 46.37 -24.32
C SER A 288 16.65 47.70 -23.87
N ILE A 289 15.65 48.14 -24.65
CA ILE A 289 14.79 49.27 -24.32
C ILE A 289 13.35 48.79 -24.42
N GLU A 290 12.60 49.01 -23.35
CA GLU A 290 11.23 48.53 -23.21
C GLU A 290 10.27 49.73 -23.31
N ASP A 291 9.09 49.50 -23.92
CA ASP A 291 8.00 50.49 -24.13
C ASP A 291 8.59 51.88 -24.40
N PRO A 292 9.48 52.00 -25.40
CA PRO A 292 10.03 53.32 -25.70
C PRO A 292 8.95 54.30 -26.23
N LEU A 293 7.80 53.78 -26.64
CA LEU A 293 6.66 54.57 -27.14
C LEU A 293 5.35 54.05 -26.54
N SER A 294 4.25 54.74 -26.89
CA SER A 294 2.96 54.58 -26.20
C SER A 294 2.23 53.33 -26.67
N GLU A 295 1.33 52.86 -25.81
CA GLU A 295 0.60 51.58 -25.96
C GLU A 295 -0.10 51.47 -27.32
N ASP A 296 -0.42 52.62 -27.92
CA ASP A 296 -1.21 52.62 -29.15
C ASP A 296 -0.51 53.40 -30.27
N ASP A 297 0.73 53.80 -30.08
CA ASP A 297 1.37 54.60 -31.10
C ASP A 297 1.94 53.70 -32.20
N TRP A 298 1.10 52.89 -32.86
CA TRP A 298 1.54 51.81 -33.80
C TRP A 298 2.57 52.25 -34.86
N ASP A 299 2.51 53.50 -35.33
CA ASP A 299 3.39 53.93 -36.42
C ASP A 299 4.77 54.35 -35.87
N GLY A 300 4.77 55.03 -34.72
CA GLY A 300 6.04 55.37 -34.05
C GLY A 300 6.91 54.15 -33.82
N TRP A 301 6.30 53.09 -33.28
CA TRP A 301 6.95 51.82 -33.00
C TRP A 301 7.54 51.25 -34.30
N ALA A 302 6.72 51.19 -35.36
CA ALA A 302 7.16 50.63 -36.66
C ALA A 302 8.39 51.41 -37.17
N ALA A 303 8.39 52.72 -36.96
CA ALA A 303 9.48 53.55 -37.41
C ALA A 303 10.67 53.39 -36.48
N LEU A 304 10.44 53.46 -35.16
CA LEU A 304 11.54 53.31 -34.20
C LEU A 304 12.20 51.93 -34.38
N THR A 305 11.39 50.90 -34.57
CA THR A 305 11.87 49.52 -34.73
C THR A 305 12.70 49.38 -36.02
N ALA A 306 12.31 50.06 -37.10
CA ALA A 306 13.12 50.07 -38.35
C ALA A 306 14.46 50.77 -38.09
N SER A 307 14.37 51.89 -37.39
CA SER A 307 15.47 52.75 -37.11
C SER A 307 16.53 52.06 -36.23
N ILE A 308 16.16 51.30 -35.17
CA ILE A 308 17.16 50.90 -34.16
C ILE A 308 17.01 49.42 -33.75
N GLY A 309 16.00 48.71 -34.25
CA GLY A 309 15.69 47.33 -33.84
C GLY A 309 16.77 46.32 -34.22
N ASP A 310 17.63 46.69 -35.16
CA ASP A 310 18.76 45.83 -35.61
C ASP A 310 19.86 45.87 -34.55
N ARG A 311 19.90 46.95 -33.79
CA ARG A 311 21.02 47.30 -32.91
C ARG A 311 20.71 47.03 -31.43
N VAL A 312 19.46 46.80 -31.04
CA VAL A 312 19.11 46.69 -29.60
C VAL A 312 17.77 45.97 -29.49
N GLN A 313 17.57 45.31 -28.35
CA GLN A 313 16.29 44.67 -28.12
C GLN A 313 15.25 45.77 -27.86
N ILE A 314 14.10 45.62 -28.51
CA ILE A 314 12.97 46.54 -28.30
C ILE A 314 11.80 45.73 -27.75
N VAL A 315 11.45 46.04 -26.49
CA VAL A 315 10.48 45.21 -25.74
C VAL A 315 9.12 45.92 -25.74
N GLY A 316 8.09 45.24 -26.19
CA GLY A 316 6.72 45.74 -26.00
C GLY A 316 6.13 45.22 -24.69
N ASP A 317 5.71 46.14 -23.84
CA ASP A 317 4.91 45.78 -22.65
C ASP A 317 3.44 46.20 -22.84
N ASP A 318 3.17 47.48 -22.59
CA ASP A 318 1.80 48.07 -22.62
C ASP A 318 1.18 47.97 -24.02
N ILE A 319 2.03 47.91 -25.05
CA ILE A 319 1.56 47.78 -26.43
C ILE A 319 0.98 46.37 -26.68
N PHE A 320 1.53 45.31 -26.05
CA PHE A 320 1.08 43.91 -26.35
C PHE A 320 0.23 43.30 -25.22
N VAL A 321 0.46 43.75 -24.00
CA VAL A 321 -0.22 43.27 -22.78
C VAL A 321 -0.41 41.75 -22.82
N THR A 322 0.70 41.04 -23.09
CA THR A 322 0.73 39.57 -23.05
C THR A 322 -0.51 39.03 -23.77
N ASN A 323 -0.93 39.68 -24.85
CA ASN A 323 -2.19 39.33 -25.50
C ASN A 323 -1.94 38.91 -26.95
N PRO A 324 -2.20 37.61 -27.29
CA PRO A 324 -1.93 37.04 -28.63
C PRO A 324 -2.43 37.92 -29.78
N GLU A 325 -3.65 38.46 -29.64
CA GLU A 325 -4.26 39.33 -30.66
C GLU A 325 -3.41 40.58 -30.87
N ARG A 326 -3.09 41.29 -29.79
CA ARG A 326 -2.34 42.54 -29.92
C ARG A 326 -0.94 42.27 -30.47
N LEU A 327 -0.34 41.14 -30.07
CA LEU A 327 0.99 40.80 -30.55
C LEU A 327 0.91 40.40 -32.04
N GLU A 328 -0.01 39.48 -32.40
CA GLU A 328 -0.16 39.06 -33.79
C GLU A 328 -0.10 40.29 -34.69
N GLU A 329 -0.79 41.34 -34.25
CA GLU A 329 -0.74 42.66 -34.90
C GLU A 329 0.70 43.20 -34.96
N GLY A 330 1.39 43.30 -33.83
CA GLY A 330 2.73 43.94 -33.75
C GLY A 330 3.74 43.33 -34.72
N ILE A 331 3.66 42.02 -34.87
CA ILE A 331 4.50 41.22 -35.78
C ILE A 331 4.20 41.65 -37.22
N GLU A 332 2.91 41.58 -37.60
CA GLU A 332 2.40 41.97 -38.92
C GLU A 332 2.87 43.39 -39.26
N ARG A 333 2.88 44.30 -38.28
CA ARG A 333 3.18 45.71 -38.58
C ARG A 333 4.64 46.04 -38.23
N GLY A 334 5.50 45.03 -38.06
CA GLY A 334 6.95 45.23 -37.74
C GLY A 334 7.17 46.04 -36.47
N VAL A 335 6.40 45.71 -35.42
CA VAL A 335 6.42 46.46 -34.17
C VAL A 335 7.22 45.67 -33.10
N ALA A 336 8.29 46.31 -32.59
CA ALA A 336 9.19 45.79 -31.53
C ALA A 336 9.86 44.47 -31.96
N ASN A 337 10.73 43.91 -31.11
CA ASN A 337 11.28 42.56 -31.38
C ASN A 337 11.29 41.70 -30.09
N ALA A 338 10.62 42.16 -29.05
CA ALA A 338 10.46 41.31 -27.85
C ALA A 338 9.13 41.62 -27.15
N LEU A 339 8.59 40.61 -26.46
CA LEU A 339 7.39 40.68 -25.67
C LEU A 339 7.74 40.54 -24.18
N LEU A 340 7.31 41.50 -23.36
CA LEU A 340 7.28 41.30 -21.91
C LEU A 340 6.09 40.40 -21.53
N VAL A 341 6.32 39.41 -20.65
CA VAL A 341 5.29 38.40 -20.36
C VAL A 341 4.80 38.58 -18.92
N LYS A 342 3.57 39.08 -18.76
CA LYS A 342 2.92 39.19 -17.43
C LYS A 342 1.65 38.32 -17.43
N VAL A 343 1.70 37.22 -16.69
CA VAL A 343 0.56 36.35 -16.61
C VAL A 343 -0.72 37.14 -16.26
N ASN A 344 -0.64 38.13 -15.35
CA ASN A 344 -1.88 38.86 -14.87
C ASN A 344 -2.37 39.92 -15.87
N GLN A 345 -1.60 40.26 -16.91
CA GLN A 345 -2.14 41.11 -18.02
C GLN A 345 -3.11 40.30 -18.88
N ILE A 346 -2.99 38.97 -18.88
CA ILE A 346 -3.90 38.16 -19.76
C ILE A 346 -4.83 37.27 -18.94
N GLY A 347 -4.37 36.68 -17.83
CA GLY A 347 -5.28 36.18 -16.79
C GLY A 347 -5.37 34.66 -16.72
N THR A 348 -4.82 33.93 -17.69
CA THR A 348 -4.65 32.46 -17.52
C THR A 348 -3.19 32.05 -17.81
N LEU A 349 -2.74 30.91 -17.27
CA LEU A 349 -1.45 30.35 -17.72
C LEU A 349 -1.53 29.89 -19.20
N THR A 350 -2.57 29.16 -19.61
CA THR A 350 -2.69 28.76 -21.02
C THR A 350 -2.55 29.94 -21.98
N GLU A 351 -3.29 31.02 -21.79
CA GLU A 351 -3.18 32.16 -22.69
C GLU A 351 -1.77 32.80 -22.64
N THR A 352 -1.13 32.80 -21.47
CA THR A 352 0.28 33.26 -21.36
C THR A 352 1.14 32.39 -22.30
N LEU A 353 1.07 31.07 -22.18
CA LEU A 353 1.91 30.18 -22.98
C LEU A 353 1.61 30.34 -24.48
N ASP A 354 0.34 30.57 -24.82
CA ASP A 354 -0.08 30.90 -26.21
C ASP A 354 0.60 32.18 -26.68
N ALA A 355 0.57 33.26 -25.89
CA ALA A 355 1.22 34.52 -26.33
C ALA A 355 2.74 34.34 -26.50
N VAL A 356 3.34 33.49 -25.66
CA VAL A 356 4.79 33.22 -25.73
C VAL A 356 5.10 32.51 -27.05
N THR A 357 4.30 31.46 -27.36
CA THR A 357 4.41 30.64 -28.58
C THR A 357 4.29 31.49 -29.84
N LEU A 358 3.29 32.37 -29.87
CA LEU A 358 3.17 33.34 -30.92
C LEU A 358 4.49 34.11 -31.10
N ALA A 359 5.00 34.75 -30.05
CA ALA A 359 6.31 35.44 -30.07
C ALA A 359 7.45 34.50 -30.49
N HIS A 360 7.57 33.35 -29.83
CA HIS A 360 8.72 32.41 -29.96
C HIS A 360 8.83 31.82 -31.37
N HIS A 361 7.74 31.36 -31.94
CA HIS A 361 7.74 30.93 -33.36
C HIS A 361 8.06 32.14 -34.28
N GLY A 362 7.72 33.36 -33.90
CA GLY A 362 7.74 34.53 -34.82
C GLY A 362 9.01 35.38 -34.68
N GLY A 363 10.07 34.78 -34.15
CA GLY A 363 11.29 35.55 -34.05
C GLY A 363 11.40 36.38 -32.77
N TYR A 364 10.30 36.77 -32.12
CA TYR A 364 10.36 37.72 -30.95
C TYR A 364 10.92 37.04 -29.69
N ARG A 365 11.78 37.73 -28.97
CA ARG A 365 12.27 37.24 -27.67
C ARG A 365 11.25 37.58 -26.56
N THR A 366 11.32 36.90 -25.43
CA THR A 366 10.38 37.17 -24.34
C THR A 366 11.13 37.42 -23.04
N MET A 367 10.53 38.22 -22.17
CA MET A 367 11.11 38.50 -20.86
C MET A 367 9.99 38.34 -19.83
N ILE A 368 10.04 37.29 -19.00
CA ILE A 368 9.07 37.12 -17.93
C ILE A 368 9.18 38.32 -16.98
N SER A 369 8.04 38.88 -16.60
CA SER A 369 8.04 40.08 -15.73
C SER A 369 7.19 39.92 -14.46
N HIS A 370 7.68 40.52 -13.36
CA HIS A 370 6.89 40.84 -12.14
C HIS A 370 5.89 41.96 -12.43
N ARG A 371 5.14 42.36 -11.41
CA ARG A 371 4.34 43.59 -11.43
C ARG A 371 4.88 44.47 -10.31
N SER A 372 4.53 45.74 -10.29
CA SER A 372 5.18 46.57 -9.29
C SER A 372 4.62 46.23 -7.91
N GLY A 373 3.42 45.64 -7.87
CA GLY A 373 2.89 45.04 -6.65
C GLY A 373 3.06 43.52 -6.69
N GLU A 374 4.04 43.03 -5.93
CA GLU A 374 4.39 41.62 -5.96
C GLU A 374 4.03 40.97 -4.63
N THR A 375 4.10 39.64 -4.58
CA THR A 375 3.94 38.93 -3.32
C THR A 375 5.17 38.06 -3.12
N GLU A 376 5.14 37.27 -2.05
CA GLU A 376 6.17 36.30 -1.76
C GLU A 376 6.03 35.08 -2.70
N ASP A 377 5.04 35.07 -3.57
CA ASP A 377 4.95 34.03 -4.63
C ASP A 377 6.23 34.08 -5.51
N THR A 378 6.73 32.92 -5.90
CA THR A 378 7.93 32.88 -6.71
C THR A 378 7.68 32.19 -8.08
N MET A 379 6.43 32.04 -8.49
CA MET A 379 6.11 31.19 -9.66
CA MET A 379 6.15 31.18 -9.65
C MET A 379 6.80 31.70 -10.94
N ILE A 380 7.07 33.02 -11.06
CA ILE A 380 7.63 33.55 -12.34
C ILE A 380 9.09 33.08 -12.52
N ALA A 381 9.76 32.78 -11.40
CA ALA A 381 11.09 32.24 -11.51
C ALA A 381 10.99 30.90 -12.25
N ASP A 382 10.09 30.05 -11.80
CA ASP A 382 9.95 28.77 -12.49
C ASP A 382 9.38 28.96 -13.89
N LEU A 383 8.56 29.95 -14.10
CA LEU A 383 7.98 30.12 -15.42
C LEU A 383 9.07 30.58 -16.41
N ALA A 384 10.00 31.44 -15.97
CA ALA A 384 11.10 31.86 -16.85
C ALA A 384 11.86 30.63 -17.37
N VAL A 385 12.18 29.70 -16.46
CA VAL A 385 12.97 28.56 -16.81
C VAL A 385 12.13 27.59 -17.67
N ALA A 386 10.84 27.44 -17.37
CA ALA A 386 9.99 26.49 -18.08
C ALA A 386 9.94 26.86 -19.56
N ILE A 387 9.91 28.15 -19.86
CA ILE A 387 9.65 28.55 -21.23
C ILE A 387 10.97 28.88 -21.94
N GLY A 388 12.07 28.84 -21.20
CA GLY A 388 13.39 29.01 -21.78
C GLY A 388 13.63 30.44 -22.26
N SER A 389 13.07 31.40 -21.54
CA SER A 389 13.09 32.80 -22.00
C SER A 389 14.51 33.38 -22.05
N GLY A 390 15.35 33.01 -21.11
CA GLY A 390 16.67 33.60 -21.03
C GLY A 390 16.67 35.01 -20.46
N GLN A 391 15.49 35.57 -20.12
CA GLN A 391 15.43 36.93 -19.52
C GLN A 391 14.30 36.98 -18.48
N ILE A 392 14.59 37.60 -17.36
CA ILE A 392 13.56 37.81 -16.33
C ILE A 392 13.75 39.23 -15.79
N LYS A 393 12.61 39.87 -15.50
CA LYS A 393 12.61 41.19 -14.94
C LYS A 393 11.82 41.13 -13.61
N THR A 394 12.51 41.18 -12.48
CA THR A 394 11.81 40.90 -11.24
C THR A 394 12.35 41.72 -10.09
N GLY A 395 13.01 42.85 -10.41
CA GLY A 395 13.30 43.84 -9.42
C GLY A 395 14.79 44.03 -9.14
N ALA A 396 15.09 45.05 -8.35
CA ALA A 396 16.40 45.18 -7.71
C ALA A 396 16.60 43.95 -6.80
N PRO A 397 17.85 43.64 -6.43
CA PRO A 397 18.15 42.61 -5.47
C PRO A 397 17.93 43.15 -4.04
N ALA A 398 16.72 43.63 -3.76
CA ALA A 398 16.35 44.11 -2.41
C ALA A 398 14.81 44.16 -2.36
N ARG A 399 14.24 44.00 -1.16
CA ARG A 399 12.81 43.76 -0.96
C ARG A 399 12.51 42.31 -1.37
N SER A 400 12.06 41.51 -0.41
CA SER A 400 12.01 40.06 -0.64
C SER A 400 10.98 39.66 -1.67
N GLU A 401 9.99 40.51 -2.00
CA GLU A 401 9.03 40.14 -3.05
C GLU A 401 9.76 40.08 -4.41
N ARG A 402 10.94 40.71 -4.44
CA ARG A 402 11.85 40.62 -5.57
C ARG A 402 12.85 39.47 -5.30
N VAL A 403 13.50 39.54 -4.16
CA VAL A 403 14.67 38.71 -3.92
C VAL A 403 14.25 37.22 -3.87
N ALA A 404 13.02 36.91 -3.45
CA ALA A 404 12.57 35.50 -3.33
C ALA A 404 12.60 34.83 -4.70
N LYS A 405 12.38 35.62 -5.74
CA LYS A 405 12.40 35.12 -7.09
C LYS A 405 13.84 34.71 -7.44
N TYR A 406 14.79 35.58 -7.14
CA TYR A 406 16.20 35.30 -7.34
C TYR A 406 16.64 34.07 -6.52
N ASN A 407 16.25 34.01 -5.24
CA ASN A 407 16.62 32.85 -4.43
C ASN A 407 16.07 31.57 -5.07
N GLN A 408 14.85 31.65 -5.61
CA GLN A 408 14.20 30.50 -6.21
C GLN A 408 14.96 30.09 -7.49
N LEU A 409 15.45 31.07 -8.25
CA LEU A 409 16.36 30.75 -9.38
C LEU A 409 17.66 30.07 -8.89
N LEU A 410 18.22 30.44 -7.74
CA LEU A 410 19.39 29.72 -7.19
C LEU A 410 19.06 28.21 -7.06
N ARG A 411 17.89 27.93 -6.47
CA ARG A 411 17.47 26.53 -6.15
C ARG A 411 17.20 25.74 -7.43
N ILE A 412 16.63 26.37 -8.43
CA ILE A 412 16.36 25.74 -9.69
C ILE A 412 17.71 25.42 -10.35
N GLU A 413 18.60 26.39 -10.40
CA GLU A 413 19.98 26.14 -10.94
C GLU A 413 20.62 24.92 -10.23
N GLU A 414 20.57 24.92 -8.90
CA GLU A 414 21.08 23.79 -8.13
C GLU A 414 20.46 22.46 -8.60
N ALA A 415 19.13 22.44 -8.67
CA ALA A 415 18.38 21.21 -8.92
C ALA A 415 18.64 20.72 -10.36
N LEU A 416 18.88 21.62 -11.30
CA LEU A 416 19.18 21.20 -12.68
C LEU A 416 20.58 20.55 -12.78
N GLY A 417 21.49 20.90 -11.85
CA GLY A 417 22.86 20.39 -11.82
C GLY A 417 23.61 20.74 -13.10
N ASP A 418 24.25 19.74 -13.67
CA ASP A 418 25.04 19.88 -14.88
C ASP A 418 24.18 20.18 -16.11
N ALA A 419 22.85 19.96 -16.06
CA ALA A 419 21.93 20.30 -17.16
C ALA A 419 21.70 21.81 -17.28
N ALA A 420 21.92 22.58 -16.21
CA ALA A 420 21.67 24.05 -16.23
C ALA A 420 22.58 24.76 -17.25
N ARG A 421 22.01 25.70 -18.00
CA ARG A 421 22.79 26.67 -18.79
C ARG A 421 22.32 28.08 -18.41
N TYR A 422 23.25 28.99 -18.13
CA TYR A 422 22.93 30.41 -17.94
C TYR A 422 22.82 31.05 -19.33
N ALA A 423 21.78 31.82 -19.63
CA ALA A 423 21.59 32.38 -20.99
C ALA A 423 22.63 33.48 -21.30
N GLY A 424 23.14 34.18 -20.29
CA GLY A 424 24.14 35.26 -20.39
C GLY A 424 24.09 35.98 -21.74
N ASP A 425 25.22 36.00 -22.44
CA ASP A 425 25.47 36.74 -23.68
C ASP A 425 24.52 36.37 -24.81
N LEU A 426 24.19 35.07 -24.95
CA LEU A 426 23.30 34.53 -26.02
C LEU A 426 21.88 35.14 -25.98
N ALA A 427 21.45 35.69 -24.84
CA ALA A 427 20.13 36.33 -24.77
C ALA A 427 20.10 37.64 -25.60
N PHE A 428 21.26 38.25 -25.88
CA PHE A 428 21.25 39.58 -26.50
C PHE A 428 22.16 39.61 -27.75
N PRO A 429 21.84 38.80 -28.76
CA PRO A 429 22.72 38.71 -29.93
C PRO A 429 23.04 40.06 -30.60
N ARG A 430 22.15 41.04 -30.57
CA ARG A 430 22.40 42.32 -31.27
C ARG A 430 23.49 43.10 -30.54
N PHE A 431 23.78 42.76 -29.28
CA PHE A 431 24.79 43.54 -28.59
C PHE A 431 26.15 42.91 -28.89
N ALA A 432 27.16 43.76 -28.95
CA ALA A 432 28.53 43.34 -29.33
C ALA A 432 29.52 44.45 -28.93
N MET B 8 8.23 8.30 11.38
CA MET B 8 9.59 8.17 12.02
C MET B 8 10.41 9.46 11.75
N PRO B 9 10.50 10.37 12.75
CA PRO B 9 11.07 11.70 12.41
C PRO B 9 12.58 11.84 12.68
N ILE B 10 13.35 10.82 12.28
CA ILE B 10 14.80 10.77 12.49
C ILE B 10 15.47 11.64 11.41
N ILE B 11 16.48 12.41 11.78
CA ILE B 11 17.05 13.37 10.83
C ILE B 11 17.95 12.57 9.88
N GLU B 12 17.73 12.74 8.58
CA GLU B 12 18.45 11.94 7.58
C GLU B 12 19.47 12.77 6.79
N GLN B 13 19.11 14.00 6.38
CA GLN B 13 20.07 14.87 5.67
C GLN B 13 19.93 16.31 6.15
N VAL B 14 21.03 17.03 6.12
CA VAL B 14 21.07 18.44 6.46
C VAL B 14 21.93 19.14 5.40
N ARG B 15 21.39 20.16 4.75
CA ARG B 15 22.08 20.89 3.69
C ARG B 15 21.74 22.39 3.81
N ALA B 16 22.71 23.24 3.48
CA ALA B 16 22.53 24.67 3.53
C ALA B 16 22.88 25.26 2.16
N ARG B 17 22.40 26.47 1.91
CA ARG B 17 22.84 27.23 0.75
C ARG B 17 22.92 28.70 1.16
N GLU B 18 23.68 29.47 0.38
CA GLU B 18 23.67 30.93 0.43
C GLU B 18 22.50 31.41 -0.46
N ILE B 19 21.59 32.23 0.14
CA ILE B 19 20.55 32.99 -0.57
C ILE B 19 20.78 34.45 -0.20
N LEU B 20 19.90 35.35 -0.64
CA LEU B 20 20.03 36.79 -0.32
C LEU B 20 18.86 37.23 0.58
N ASP B 21 19.16 38.11 1.52
CA ASP B 21 18.17 38.75 2.40
C ASP B 21 17.54 39.95 1.67
N SER B 22 16.67 40.66 2.38
CA SER B 22 15.84 41.72 1.82
C SER B 22 16.69 42.96 1.54
N ARG B 23 17.96 42.94 1.89
CA ARG B 23 18.88 44.06 1.54
C ARG B 23 19.85 43.64 0.43
N GLY B 24 19.73 42.40 -0.05
CA GLY B 24 20.60 41.89 -1.13
C GLY B 24 21.91 41.35 -0.58
N ASN B 25 22.00 41.11 0.74
CA ASN B 25 23.20 40.57 1.34
C ASN B 25 23.02 39.06 1.57
N PRO B 26 24.14 38.31 1.53
CA PRO B 26 23.99 36.85 1.71
C PRO B 26 23.48 36.46 3.10
N THR B 27 22.73 35.35 3.14
CA THR B 27 22.41 34.72 4.42
C THR B 27 22.24 33.22 4.17
N VAL B 28 22.09 32.50 5.26
CA VAL B 28 22.02 31.05 5.27
C VAL B 28 20.56 30.58 5.18
N GLU B 29 20.38 29.56 4.38
CA GLU B 29 19.15 28.83 4.36
C GLU B 29 19.52 27.36 4.47
N VAL B 30 18.75 26.66 5.31
CA VAL B 30 19.01 25.28 5.66
C VAL B 30 17.76 24.47 5.30
N GLU B 31 18.00 23.27 4.77
CA GLU B 31 16.94 22.31 4.57
C GLU B 31 17.30 21.04 5.36
N VAL B 32 16.29 20.49 6.01
CA VAL B 32 16.45 19.30 6.82
C VAL B 32 15.52 18.24 6.23
N ALA B 33 16.06 17.05 5.96
CA ALA B 33 15.22 15.93 5.51
C ALA B 33 15.18 14.83 6.57
N LEU B 34 13.99 14.24 6.73
CA LEU B 34 13.78 13.15 7.71
C LEU B 34 13.62 11.82 6.94
N ILE B 35 13.83 10.69 7.63
CA ILE B 35 13.74 9.35 6.99
C ILE B 35 12.31 9.10 6.52
N ASP B 36 11.32 9.76 7.14
CA ASP B 36 9.93 9.57 6.69
C ASP B 36 9.62 10.32 5.38
N GLY B 37 10.57 11.07 4.82
CA GLY B 37 10.24 11.82 3.59
C GLY B 37 9.92 13.30 3.87
N THR B 38 9.82 13.70 5.15
CA THR B 38 9.56 15.10 5.47
C THR B 38 10.76 15.97 5.05
N PHE B 39 10.46 17.09 4.45
CA PHE B 39 11.50 18.04 4.08
C PHE B 39 11.08 19.42 4.58
N ALA B 40 11.92 20.16 5.30
CA ALA B 40 11.60 21.56 5.68
C ALA B 40 12.77 22.51 5.39
N ARG B 41 12.44 23.80 5.23
CA ARG B 41 13.43 24.81 4.93
C ARG B 41 13.28 25.97 5.91
N ALA B 42 14.39 26.46 6.43
CA ALA B 42 14.38 27.71 7.25
C ALA B 42 15.52 28.65 6.80
N ALA B 43 15.29 29.97 6.85
CA ALA B 43 16.28 30.97 6.49
C ALA B 43 16.59 31.82 7.73
N VAL B 44 17.76 32.47 7.76
CA VAL B 44 18.22 33.13 8.96
C VAL B 44 18.24 34.63 8.69
N PRO B 45 17.64 35.44 9.58
CA PRO B 45 17.61 36.92 9.32
C PRO B 45 18.96 37.53 9.70
N SER B 46 19.12 38.84 9.45
CA SER B 46 20.37 39.51 9.78
C SER B 46 20.13 40.97 10.23
N GLY B 47 20.68 41.38 11.38
CA GLY B 47 20.43 42.75 11.86
C GLY B 47 21.46 43.75 11.36
N ALA B 48 21.11 45.03 11.49
CA ALA B 48 22.00 46.18 11.20
C ALA B 48 22.39 46.85 12.53
N SER B 49 21.42 47.27 13.35
CA SER B 49 21.70 47.74 14.75
C SER B 49 21.83 46.55 15.71
N THR B 50 22.96 45.87 15.62
CA THR B 50 23.18 44.63 16.40
C THR B 50 23.86 45.00 17.72
N GLY B 51 23.36 44.44 18.82
CA GLY B 51 23.96 44.68 20.11
C GLY B 51 25.30 43.97 20.21
N GLU B 52 26.20 44.54 21.01
CA GLU B 52 27.53 43.96 21.28
C GLU B 52 27.37 42.50 21.81
N HIS B 53 26.27 42.17 22.50
CA HIS B 53 26.18 40.85 23.18
C HIS B 53 25.43 39.79 22.34
N GLU B 54 25.05 40.11 21.09
CA GLU B 54 24.39 39.11 20.19
C GLU B 54 25.31 37.91 19.93
N ALA B 55 24.72 36.72 19.75
CA ALA B 55 25.41 35.59 19.17
C ALA B 55 26.14 36.05 17.90
N VAL B 56 27.32 35.50 17.66
CA VAL B 56 28.20 35.91 16.55
C VAL B 56 27.69 35.35 15.23
N GLU B 57 27.62 36.23 14.25
CA GLU B 57 27.27 35.92 12.89
C GLU B 57 28.60 35.75 12.12
N LEU B 58 28.82 34.57 11.54
CA LEU B 58 30.04 34.21 10.79
C LEU B 58 29.94 34.70 9.34
N ARG B 59 30.73 35.72 9.00
CA ARG B 59 30.81 36.22 7.62
C ARG B 59 32.18 35.85 6.99
N ASP B 60 32.22 35.67 5.68
CA ASP B 60 33.41 35.21 4.92
C ASP B 60 34.55 36.25 4.88
N GLY B 61 34.28 37.56 4.99
CA GLY B 61 35.27 38.58 4.60
C GLY B 61 35.67 38.36 3.14
N GLY B 62 36.82 38.89 2.70
CA GLY B 62 37.21 38.71 1.28
C GLY B 62 36.36 39.60 0.38
N ASP B 63 36.32 39.28 -0.91
CA ASP B 63 35.85 40.29 -1.88
C ASP B 63 34.40 40.04 -2.32
N ARG B 64 33.96 38.78 -2.39
CA ARG B 64 32.59 38.46 -2.74
C ARG B 64 31.64 39.26 -1.84
N TYR B 65 30.59 39.83 -2.45
CA TYR B 65 29.44 40.41 -1.71
C TYR B 65 29.91 41.39 -0.63
N GLY B 66 31.01 42.13 -0.90
CA GLY B 66 31.53 43.17 0.02
C GLY B 66 31.98 42.60 1.35
N GLY B 67 32.41 41.33 1.33
CA GLY B 67 32.81 40.68 2.55
C GLY B 67 31.65 40.01 3.27
N LYS B 68 30.44 39.96 2.69
CA LYS B 68 29.28 39.48 3.47
C LYS B 68 28.85 38.06 3.08
N GLY B 69 29.66 37.34 2.33
CA GLY B 69 29.36 35.95 2.02
C GLY B 69 29.18 35.10 3.27
N VAL B 70 28.49 33.97 3.14
CA VAL B 70 28.29 33.05 4.25
C VAL B 70 28.53 31.63 3.76
N GLN B 71 29.45 31.45 2.79
CA GLN B 71 29.89 30.13 2.30
C GLN B 71 30.52 29.30 3.43
N LYS B 72 31.22 29.94 4.36
CA LYS B 72 31.88 29.25 5.48
C LYS B 72 30.83 28.71 6.46
N ALA B 73 29.82 29.53 6.78
CA ALA B 73 28.59 29.09 7.51
C ALA B 73 27.90 27.91 6.80
N VAL B 74 27.80 27.93 5.47
CA VAL B 74 27.21 26.85 4.73
C VAL B 74 28.09 25.58 4.83
N GLN B 75 29.41 25.75 4.72
CA GLN B 75 30.36 24.64 4.85
C GLN B 75 30.35 24.07 6.27
N ALA B 76 30.20 24.90 7.30
CA ALA B 76 30.09 24.41 8.70
C ALA B 76 28.87 23.48 8.84
N VAL B 77 27.75 23.83 8.18
CA VAL B 77 26.54 22.99 8.18
C VAL B 77 26.82 21.61 7.53
N LEU B 78 27.32 21.60 6.30
CA LEU B 78 27.70 20.37 5.58
C LEU B 78 28.81 19.62 6.33
N ASP B 79 29.86 20.26 6.85
CA ASP B 79 31.04 19.49 7.29
C ASP B 79 30.90 19.04 8.75
N GLU B 80 30.28 19.82 9.63
CA GLU B 80 30.30 19.53 11.06
C GLU B 80 28.87 19.36 11.60
N ILE B 81 27.99 20.32 11.33
CA ILE B 81 26.64 20.31 11.96
C ILE B 81 25.79 19.14 11.46
N GLY B 82 25.64 19.00 10.16
CA GLY B 82 24.88 17.91 9.58
C GLY B 82 25.18 16.60 10.30
N PRO B 83 26.45 16.15 10.21
CA PRO B 83 26.91 14.89 10.79
C PRO B 83 26.65 14.82 12.30
N ALA B 84 26.66 15.95 13.02
CA ALA B 84 26.42 15.90 14.45
C ALA B 84 24.94 15.60 14.72
N VAL B 85 24.03 15.88 13.78
CA VAL B 85 22.61 15.81 14.16
C VAL B 85 21.91 14.69 13.40
N ILE B 86 22.49 14.24 12.30
CA ILE B 86 21.92 13.13 11.58
C ILE B 86 21.80 11.93 12.52
N GLY B 87 20.64 11.27 12.49
CA GLY B 87 20.36 10.14 13.39
C GLY B 87 19.63 10.57 14.64
N LEU B 88 19.58 11.87 14.95
CA LEU B 88 18.81 12.30 16.13
C LEU B 88 17.32 12.40 15.74
N ASN B 89 16.44 12.32 16.76
CA ASN B 89 15.01 12.52 16.54
C ASN B 89 14.72 14.03 16.42
N ALA B 90 14.15 14.48 15.30
CA ALA B 90 13.84 15.92 15.07
C ALA B 90 12.95 16.43 16.20
N ASP B 91 12.16 15.54 16.85
CA ASP B 91 11.19 15.96 17.93
C ASP B 91 11.96 16.40 19.18
N ASP B 92 13.18 15.89 19.34
CA ASP B 92 14.00 16.17 20.54
C ASP B 92 14.73 17.50 20.38
N GLN B 93 13.98 18.61 20.34
CA GLN B 93 14.52 19.94 20.02
C GLN B 93 15.65 20.31 20.98
N ARG B 94 15.43 20.11 22.30
CA ARG B 94 16.40 20.46 23.30
C ARG B 94 17.70 19.66 23.10
N LEU B 95 17.57 18.36 22.81
CA LEU B 95 18.75 17.48 22.52
C LEU B 95 19.53 18.05 21.35
N VAL B 96 18.82 18.33 20.27
CA VAL B 96 19.45 18.78 19.03
C VAL B 96 20.16 20.11 19.30
N ASP B 97 19.49 21.03 19.99
CA ASP B 97 20.01 22.40 20.28
C ASP B 97 21.23 22.31 21.20
N GLN B 98 21.14 21.45 22.22
CA GLN B 98 22.28 21.17 23.09
C GLN B 98 23.47 20.65 22.28
N ALA B 99 23.26 19.66 21.42
CA ALA B 99 24.30 19.11 20.57
C ALA B 99 24.95 20.23 19.73
N LEU B 100 24.17 21.17 19.19
CA LEU B 100 24.76 22.21 18.33
C LEU B 100 25.61 23.16 19.21
N VAL B 101 25.12 23.43 20.42
CA VAL B 101 25.79 24.35 21.32
C VAL B 101 27.13 23.72 21.74
N ASP B 102 27.11 22.42 22.04
CA ASP B 102 28.29 21.72 22.51
C ASP B 102 29.31 21.58 21.38
N LEU B 103 28.85 21.30 20.16
CA LEU B 103 29.73 21.12 19.03
C LEU B 103 30.47 22.42 18.73
N ASP B 104 29.77 23.56 18.80
CA ASP B 104 30.42 24.85 18.59
C ASP B 104 31.43 25.07 19.71
N GLY B 105 30.95 24.90 20.95
CA GLY B 105 31.84 24.89 22.07
C GLY B 105 32.27 26.28 22.49
N THR B 106 31.79 27.34 21.87
CA THR B 106 32.08 28.68 22.41
C THR B 106 30.78 29.35 22.91
N PRO B 107 30.90 30.28 23.86
CA PRO B 107 29.67 30.81 24.49
C PRO B 107 28.82 31.69 23.56
N ASP B 108 29.46 32.34 22.59
CA ASP B 108 28.78 33.28 21.68
C ASP B 108 28.63 32.65 20.30
N LYS B 109 28.79 31.34 20.19
CA LYS B 109 28.60 30.65 18.91
C LYS B 109 29.52 31.22 17.83
N SER B 110 30.74 31.58 18.21
CA SER B 110 31.70 32.20 17.29
C SER B 110 32.44 31.18 16.42
N ARG B 111 32.42 29.88 16.74
CA ARG B 111 33.22 28.97 15.95
C ARG B 111 32.44 28.52 14.69
N LEU B 112 31.18 28.12 14.82
CA LEU B 112 30.38 27.68 13.66
C LEU B 112 29.48 28.83 13.18
N GLY B 113 29.24 29.85 14.02
CA GLY B 113 28.34 30.96 13.65
C GLY B 113 26.91 30.72 14.14
N GLY B 114 26.35 31.69 14.89
CA GLY B 114 24.92 31.65 15.22
C GLY B 114 24.07 31.46 13.98
N ASN B 115 24.55 31.95 12.83
CA ASN B 115 23.79 31.84 11.59
C ASN B 115 23.82 30.40 11.07
N ALA B 116 24.90 29.65 11.25
CA ALA B 116 24.90 28.28 10.77
C ALA B 116 24.07 27.44 11.75
N ILE B 117 24.22 27.70 13.05
CA ILE B 117 23.50 26.94 14.07
C ILE B 117 21.99 27.19 13.98
N LEU B 118 21.56 28.44 13.92
CA LEU B 118 20.11 28.73 14.01
C LEU B 118 19.34 28.13 12.82
N GLY B 119 19.90 28.21 11.63
CA GLY B 119 19.20 27.64 10.47
C GLY B 119 18.86 26.17 10.69
N VAL B 120 19.82 25.45 11.26
CA VAL B 120 19.60 23.99 11.51
C VAL B 120 18.55 23.87 12.64
N SER B 121 18.72 24.65 13.70
CA SER B 121 17.80 24.61 14.84
C SER B 121 16.35 24.79 14.37
N LEU B 122 16.08 25.84 13.58
CA LEU B 122 14.73 26.18 13.06
C LEU B 122 14.27 25.17 12.03
N ALA B 123 15.16 24.68 11.14
CA ALA B 123 14.68 23.68 10.13
C ALA B 123 14.33 22.36 10.83
N VAL B 124 15.00 22.04 11.91
CA VAL B 124 14.61 20.83 12.65
C VAL B 124 13.20 21.01 13.22
N ALA B 125 12.92 22.16 13.85
CA ALA B 125 11.57 22.45 14.44
C ALA B 125 10.50 22.35 13.35
N LYS B 126 10.75 22.93 12.17
CA LYS B 126 9.79 22.89 11.05
C LYS B 126 9.57 21.46 10.57
N ALA B 127 10.64 20.68 10.41
CA ALA B 127 10.46 19.31 9.93
C ALA B 127 9.68 18.50 10.98
N ALA B 128 10.03 18.70 12.25
CA ALA B 128 9.34 17.97 13.30
C ALA B 128 7.83 18.25 13.22
N ALA B 129 7.50 19.52 13.03
CA ALA B 129 6.08 19.97 12.96
C ALA B 129 5.37 19.31 11.76
N ASP B 130 6.05 19.34 10.57
CA ASP B 130 5.50 18.79 9.33
C ASP B 130 5.29 17.28 9.49
N SER B 131 6.26 16.59 10.05
CA SER B 131 6.16 15.13 10.26
C SER B 131 4.97 14.77 11.19
N ALA B 132 4.70 15.60 12.19
CA ALA B 132 3.56 15.47 13.11
C ALA B 132 2.25 15.88 12.44
N GLU B 133 2.35 16.48 11.27
CA GLU B 133 1.24 17.09 10.58
C GLU B 133 0.57 18.14 11.46
N LEU B 134 1.39 18.98 12.11
CA LEU B 134 0.84 20.10 12.88
C LEU B 134 1.35 21.41 12.26
N PRO B 135 0.46 22.41 12.18
CA PRO B 135 0.98 23.75 11.87
C PRO B 135 2.07 24.13 12.90
N LEU B 136 3.06 24.89 12.45
CA LEU B 136 4.20 25.18 13.30
C LEU B 136 3.78 25.87 14.61
N PHE B 137 2.80 26.78 14.57
CA PHE B 137 2.33 27.46 15.82
C PHE B 137 1.86 26.42 16.83
N ARG B 138 1.24 25.34 16.31
CA ARG B 138 0.62 24.36 17.19
C ARG B 138 1.68 23.33 17.62
N TYR B 139 2.59 22.99 16.72
CA TYR B 139 3.66 22.11 17.14
C TYR B 139 4.46 22.78 18.28
N VAL B 140 4.78 24.06 18.12
CA VAL B 140 5.64 24.76 19.08
C VAL B 140 4.84 25.18 20.31
N GLY B 141 3.62 25.68 20.20
CA GLY B 141 2.93 26.22 21.37
C GLY B 141 1.96 25.23 22.01
N GLY B 142 1.80 24.04 21.43
CA GLY B 142 0.82 23.10 21.91
C GLY B 142 -0.61 23.52 21.57
N PRO B 143 -1.61 22.73 21.96
CA PRO B 143 -3.00 22.96 21.50
C PRO B 143 -3.61 24.24 22.13
N ASN B 144 -2.92 24.82 23.08
CA ASN B 144 -3.49 25.98 23.72
C ASN B 144 -3.18 27.26 22.93
N ALA B 145 -2.32 27.17 21.92
CA ALA B 145 -1.86 28.34 21.19
C ALA B 145 -3.04 28.95 20.38
N HIS B 146 -3.31 30.25 20.50
CA HIS B 146 -4.51 30.77 19.83
C HIS B 146 -4.49 32.30 19.70
N ILE B 147 -3.52 33.01 20.30
CA ILE B 147 -3.66 34.51 20.43
C ILE B 147 -2.94 35.16 19.25
N LEU B 148 -3.65 35.99 18.48
CA LEU B 148 -3.01 36.69 17.37
C LEU B 148 -2.40 37.98 17.98
N PRO B 149 -1.11 38.29 17.65
CA PRO B 149 -0.43 39.43 18.23
C PRO B 149 -0.91 40.79 17.66
N VAL B 150 -0.87 41.83 18.47
CA VAL B 150 -0.96 43.21 17.94
C VAL B 150 0.23 43.43 16.98
N PRO B 151 -0.01 43.76 15.69
CA PRO B 151 1.19 44.07 14.88
C PRO B 151 1.75 45.48 15.18
N MET B 152 3.00 45.55 15.62
CA MET B 152 3.65 46.80 15.93
C MET B 152 4.41 47.23 14.67
N MET B 153 3.85 48.18 13.91
CA MET B 153 4.28 48.44 12.52
C MET B 153 5.16 49.70 12.45
N ASN B 154 6.42 49.50 12.06
CA ASN B 154 7.40 50.56 11.92
C ASN B 154 7.17 51.28 10.58
N ILE B 155 6.38 52.36 10.57
CA ILE B 155 5.93 52.97 9.27
C ILE B 155 6.77 54.22 8.98
N LEU B 156 7.55 54.70 9.93
CA LEU B 156 8.45 55.83 9.68
C LEU B 156 9.81 55.45 10.25
N ASN B 157 10.73 55.04 9.35
CA ASN B 157 12.02 54.40 9.71
C ASN B 157 13.14 55.45 9.77
N GLY B 158 13.88 55.45 10.90
CA GLY B 158 15.10 56.29 11.11
C GLY B 158 16.32 55.46 11.50
N GLY B 159 17.25 56.14 12.20
CA GLY B 159 18.58 55.64 12.63
C GLY B 159 19.27 54.71 11.64
N ALA B 160 19.61 53.51 12.12
CA ALA B 160 20.40 52.52 11.34
C ALA B 160 19.66 52.04 10.07
N HIS B 161 18.35 52.33 9.93
CA HIS B 161 17.54 51.64 8.88
C HIS B 161 17.32 52.55 7.64
N ALA B 162 17.72 53.83 7.73
CA ALA B 162 17.71 54.68 6.49
C ALA B 162 18.90 55.65 6.48
N ASP B 163 18.95 56.53 5.48
CA ASP B 163 20.10 57.43 5.33
C ASP B 163 19.64 58.85 5.61
N THR B 164 19.26 59.08 6.87
CA THR B 164 18.72 60.35 7.33
C THR B 164 19.42 60.75 8.63
N ALA B 165 19.07 61.91 9.20
CA ALA B 165 19.59 62.33 10.52
C ALA B 165 18.45 62.45 11.54
N VAL B 166 17.54 61.46 11.57
CA VAL B 166 16.49 61.28 12.62
C VAL B 166 17.02 60.27 13.66
N ASP B 167 16.91 60.62 14.94
CA ASP B 167 17.64 59.88 15.99
C ASP B 167 16.94 58.55 16.34
N ILE B 168 15.62 58.58 16.58
CA ILE B 168 14.83 57.38 16.91
C ILE B 168 14.83 56.40 15.70
N GLN B 169 15.11 55.11 15.97
CA GLN B 169 15.22 54.15 14.88
C GLN B 169 13.81 53.86 14.33
N GLU B 170 12.84 53.65 15.21
CA GLU B 170 11.55 53.11 14.76
C GLU B 170 10.38 53.90 15.36
N PHE B 171 9.48 54.36 14.50
CA PHE B 171 8.23 54.95 14.94
C PHE B 171 7.10 54.01 14.53
N MET B 172 6.44 53.39 15.52
CA MET B 172 5.50 52.33 15.22
C MET B 172 4.05 52.73 15.52
N VAL B 173 3.14 52.25 14.69
CA VAL B 173 1.70 52.23 15.04
C VAL B 173 1.26 50.85 15.55
N ALA B 174 0.25 50.85 16.40
CA ALA B 174 -0.22 49.64 17.09
C ALA B 174 -1.75 49.70 17.15
N PRO B 175 -2.41 48.96 16.25
CA PRO B 175 -3.92 48.97 16.13
C PRO B 175 -4.57 48.11 17.23
N ILE B 176 -4.31 48.49 18.47
CA ILE B 176 -4.80 47.80 19.64
C ILE B 176 -6.34 47.79 19.65
N GLY B 177 -6.99 48.75 19.00
CA GLY B 177 -8.42 48.88 19.17
C GLY B 177 -9.20 47.98 18.23
N ALA B 178 -8.51 47.21 17.38
CA ALA B 178 -9.19 46.47 16.36
C ALA B 178 -9.84 45.22 16.96
N PRO B 179 -10.93 44.73 16.35
CA PRO B 179 -11.65 43.57 16.93
C PRO B 179 -11.01 42.20 16.66
N SER B 180 -10.03 42.13 15.75
CA SER B 180 -9.47 40.87 15.19
C SER B 180 -8.15 41.23 14.51
N PHE B 181 -7.34 40.22 14.24
CA PHE B 181 -6.09 40.48 13.55
C PHE B 181 -6.37 40.92 12.11
N VAL B 182 -7.34 40.28 11.45
CA VAL B 182 -7.62 40.66 10.04
C VAL B 182 -7.93 42.17 9.98
N GLU B 183 -8.65 42.69 10.99
CA GLU B 183 -9.09 44.11 10.97
C GLU B 183 -7.90 45.00 11.34
N ALA B 184 -7.10 44.59 12.33
CA ALA B 184 -5.88 45.28 12.78
C ALA B 184 -4.92 45.48 11.61
N LEU B 185 -4.74 44.42 10.81
CA LEU B 185 -3.85 44.49 9.68
C LEU B 185 -4.34 45.57 8.72
N ARG B 186 -5.64 45.57 8.40
CA ARG B 186 -6.28 46.60 7.56
C ARG B 186 -6.04 48.00 8.14
N TRP B 187 -6.28 48.22 9.46
CA TRP B 187 -6.08 49.53 10.06
C TRP B 187 -4.63 49.97 9.83
N GLY B 188 -3.65 49.08 10.10
CA GLY B 188 -2.22 49.43 9.92
C GLY B 188 -1.91 49.83 8.49
N ALA B 189 -2.42 49.04 7.54
CA ALA B 189 -2.19 49.34 6.10
C ALA B 189 -2.78 50.70 5.71
N GLU B 190 -3.97 51.01 6.25
CA GLU B 190 -4.68 52.25 5.88
C GLU B 190 -4.00 53.46 6.54
N VAL B 191 -3.41 53.29 7.73
CA VAL B 191 -2.65 54.35 8.35
C VAL B 191 -1.36 54.57 7.55
N TYR B 192 -0.68 53.49 7.19
CA TYR B 192 0.55 53.59 6.41
C TYR B 192 0.28 54.25 5.04
N HIS B 193 -0.84 53.91 4.41
CA HIS B 193 -1.14 54.56 3.13
C HIS B 193 -1.51 56.04 3.36
N ALA B 194 -2.18 56.36 4.48
CA ALA B 194 -2.53 57.76 4.79
C ALA B 194 -1.25 58.57 5.06
N LEU B 195 -0.26 57.98 5.75
CA LEU B 195 1.01 58.63 5.99
C LEU B 195 1.69 58.95 4.66
N LYS B 196 1.63 58.03 3.69
CA LYS B 196 2.37 58.29 2.45
C LYS B 196 1.86 59.58 1.84
N SER B 197 0.55 59.75 1.93
CA SER B 197 -0.19 60.87 1.37
C SER B 197 0.11 62.18 2.14
N VAL B 198 0.09 62.13 3.48
CA VAL B 198 0.51 63.24 4.35
C VAL B 198 1.95 63.67 4.00
N LEU B 199 2.85 62.71 3.79
CA LEU B 199 4.25 63.02 3.45
C LEU B 199 4.35 63.70 2.08
N LYS B 200 3.57 63.23 1.12
CA LYS B 200 3.65 63.74 -0.22
C LYS B 200 3.20 65.21 -0.20
N LYS B 201 2.20 65.49 0.64
CA LYS B 201 1.49 66.74 0.69
C LYS B 201 2.40 67.76 1.39
N GLU B 202 3.04 67.38 2.49
CA GLU B 202 4.21 68.12 2.99
C GLU B 202 5.35 68.00 1.97
N GLY B 203 6.55 68.44 2.26
CA GLY B 203 7.46 68.25 1.11
C GLY B 203 8.15 66.89 1.06
N LEU B 204 7.67 65.85 1.76
CA LEU B 204 8.60 64.90 2.37
C LEU B 204 8.78 63.62 1.54
N SER B 205 9.93 62.99 1.75
CA SER B 205 10.32 61.87 0.89
C SER B 205 9.46 60.64 1.20
N THR B 206 9.06 59.91 0.20
CA THR B 206 8.33 58.69 0.47
C THR B 206 9.14 57.45 0.08
N GLY B 207 10.47 57.64 -0.18
CA GLY B 207 11.41 56.51 -0.38
C GLY B 207 11.35 55.57 0.81
N LEU B 208 11.41 54.24 0.64
CA LEU B 208 11.29 53.39 1.88
C LEU B 208 12.67 53.17 2.50
N GLY B 209 12.70 53.05 3.81
CA GLY B 209 13.80 52.42 4.51
C GLY B 209 13.70 50.89 4.55
N ASP B 210 14.66 50.31 5.27
CA ASP B 210 14.99 48.88 5.21
C ASP B 210 13.80 48.05 5.65
N GLU B 211 12.99 48.56 6.58
CA GLU B 211 11.86 47.85 7.12
C GLU B 211 10.55 48.30 6.48
N GLY B 212 10.58 49.05 5.37
CA GLY B 212 9.33 49.32 4.62
C GLY B 212 8.65 50.62 5.03
N GLY B 213 9.13 51.23 6.10
CA GLY B 213 8.57 52.49 6.56
C GLY B 213 9.15 53.66 5.76
N PHE B 214 8.47 54.81 5.78
CA PHE B 214 9.00 55.99 5.07
C PHE B 214 10.24 56.52 5.78
N ALA B 215 11.19 57.02 4.99
CA ALA B 215 12.44 57.56 5.57
C ALA B 215 12.57 59.07 5.30
N PRO B 216 11.60 59.90 5.74
CA PRO B 216 11.70 61.35 5.51
C PRO B 216 12.68 61.96 6.52
N ASP B 217 13.06 63.22 6.28
CA ASP B 217 14.08 63.79 7.13
C ASP B 217 13.45 64.97 7.90
N VAL B 218 12.71 64.62 8.96
CA VAL B 218 11.89 65.58 9.75
C VAL B 218 12.71 66.03 10.96
N ALA B 219 12.29 67.14 11.59
CA ALA B 219 13.11 67.87 12.62
C ALA B 219 13.46 67.00 13.85
N GLY B 220 12.72 65.92 14.10
CA GLY B 220 12.97 65.10 15.29
C GLY B 220 11.74 64.29 15.69
N THR B 221 11.77 63.77 16.91
CA THR B 221 10.79 62.82 17.42
C THR B 221 9.35 63.37 17.30
N THR B 222 9.13 64.57 17.81
CA THR B 222 7.77 65.06 17.91
C THR B 222 7.25 65.36 16.51
N ALA B 223 8.11 65.82 15.59
CA ALA B 223 7.63 66.08 14.22
C ALA B 223 7.16 64.75 13.62
N ALA B 224 7.86 63.66 13.92
CA ALA B 224 7.53 62.38 13.36
C ALA B 224 6.19 61.91 13.92
N LEU B 225 6.05 61.97 15.24
CA LEU B 225 4.80 61.57 15.93
C LEU B 225 3.56 62.39 15.47
N ASP B 226 3.70 63.69 15.18
CA ASP B 226 2.59 64.54 14.71
C ASP B 226 2.22 64.11 13.31
N LEU B 227 3.22 63.76 12.51
CA LEU B 227 2.93 63.28 11.12
C LEU B 227 2.11 61.98 11.20
N ILE B 228 2.48 61.08 12.11
CA ILE B 228 1.79 59.78 12.22
C ILE B 228 0.39 59.99 12.84
N SER B 229 0.27 60.82 13.88
CA SER B 229 -1.06 61.16 14.41
C SER B 229 -1.97 61.66 13.28
N ARG B 230 -1.44 62.52 12.41
CA ARG B 230 -2.23 63.00 11.28
C ARG B 230 -2.67 61.84 10.38
N ALA B 231 -1.77 60.89 10.13
CA ALA B 231 -2.09 59.75 9.25
C ALA B 231 -3.22 58.90 9.85
N ILE B 232 -3.22 58.69 11.16
CA ILE B 232 -4.27 57.89 11.83
C ILE B 232 -5.65 58.54 11.62
N GLU B 233 -5.72 59.88 11.82
CA GLU B 233 -7.00 60.62 11.71
C GLU B 233 -7.43 60.65 10.24
N SER B 234 -6.45 60.85 9.36
CA SER B 234 -6.71 60.81 7.91
C SER B 234 -7.35 59.46 7.52
N ALA B 235 -6.88 58.38 8.14
CA ALA B 235 -7.45 57.06 7.85
C ALA B 235 -8.84 56.88 8.50
N GLY B 236 -9.34 57.86 9.24
CA GLY B 236 -10.67 57.70 9.85
C GLY B 236 -10.62 57.04 11.22
N LEU B 237 -9.44 56.90 11.80
CA LEU B 237 -9.26 56.15 13.03
C LEU B 237 -8.88 57.12 14.15
N ARG B 238 -9.09 56.70 15.40
CA ARG B 238 -8.77 57.53 16.59
C ARG B 238 -7.39 57.18 17.19
N PRO B 239 -6.48 58.18 17.30
CA PRO B 239 -5.25 58.01 18.04
C PRO B 239 -5.57 57.49 19.45
N GLY B 240 -4.88 56.44 19.92
CA GLY B 240 -5.13 55.94 21.28
C GLY B 240 -6.19 54.85 21.30
N ALA B 241 -7.47 55.21 21.22
CA ALA B 241 -8.56 54.20 21.27
C ALA B 241 -8.43 53.19 20.12
N ASP B 242 -8.13 53.64 18.91
CA ASP B 242 -8.04 52.71 17.74
C ASP B 242 -6.58 52.32 17.44
N VAL B 243 -5.70 53.32 17.26
CA VAL B 243 -4.32 53.04 16.90
C VAL B 243 -3.44 53.85 17.84
N ALA B 244 -2.63 53.15 18.63
CA ALA B 244 -1.70 53.81 19.54
C ALA B 244 -0.30 53.83 18.89
N LEU B 245 0.67 54.35 19.64
CA LEU B 245 2.01 54.63 19.13
C LEU B 245 3.04 53.85 19.95
N ALA B 246 4.17 53.51 19.32
CA ALA B 246 5.30 52.89 20.05
C ALA B 246 6.61 53.38 19.44
N LEU B 247 7.67 53.32 20.23
CA LEU B 247 9.00 53.65 19.71
C LEU B 247 9.98 52.50 19.98
N ASP B 248 10.99 52.43 19.10
CA ASP B 248 12.28 51.79 19.35
C ASP B 248 13.35 52.87 19.15
N ALA B 249 13.91 53.38 20.26
CA ALA B 249 15.02 54.41 20.20
C ALA B 249 16.36 53.80 19.73
N ALA B 250 16.55 52.49 19.94
CA ALA B 250 17.86 51.86 19.73
C ALA B 250 18.95 52.82 20.26
N ALA B 251 18.77 53.27 21.51
CA ALA B 251 19.62 54.30 22.11
C ALA B 251 21.10 53.87 22.16
N THR B 252 21.40 52.56 22.12
CA THR B 252 22.82 52.14 22.06
C THR B 252 23.52 52.76 20.85
N GLU B 253 22.74 53.03 19.78
CA GLU B 253 23.24 53.56 18.50
C GLU B 253 23.58 55.04 18.63
N PHE B 254 23.00 55.79 19.59
CA PHE B 254 23.36 57.22 19.73
C PHE B 254 23.94 57.49 21.14
N PHE B 255 24.43 56.42 21.76
CA PHE B 255 25.21 56.53 23.00
C PHE B 255 26.70 56.41 22.68
N THR B 256 27.49 57.37 23.19
CA THR B 256 28.96 57.21 23.26
C THR B 256 29.39 57.05 24.74
N ASP B 257 30.11 55.98 25.01
CA ASP B 257 30.67 55.74 26.32
C ASP B 257 31.62 56.88 26.70
N GLY B 258 31.48 57.38 27.93
CA GLY B 258 32.29 58.51 28.38
C GLY B 258 31.67 59.87 28.03
N THR B 259 30.71 59.89 27.11
CA THR B 259 30.13 61.16 26.61
C THR B 259 28.64 61.25 27.02
N GLY B 260 27.88 60.20 26.70
CA GLY B 260 26.44 60.15 26.99
C GLY B 260 25.60 59.98 25.73
N TYR B 261 24.35 60.42 25.82
CA TYR B 261 23.36 60.25 24.73
C TYR B 261 23.40 61.46 23.79
N VAL B 262 23.90 61.24 22.58
CA VAL B 262 24.08 62.30 21.56
C VAL B 262 22.79 62.35 20.73
N PHE B 263 21.83 63.11 21.23
CA PHE B 263 20.43 62.96 20.81
C PHE B 263 19.74 64.31 20.57
N GLU B 264 19.27 64.48 19.33
CA GLU B 264 18.47 65.65 18.91
C GLU B 264 19.17 66.97 19.26
N GLY B 265 20.42 67.11 18.86
CA GLY B 265 21.14 68.35 19.15
C GLY B 265 21.97 68.26 20.42
N THR B 266 21.45 67.64 21.49
CA THR B 266 22.13 67.68 22.80
C THR B 266 22.84 66.36 23.13
N THR B 267 23.97 66.49 23.83
CA THR B 267 24.50 65.39 24.62
C THR B 267 23.76 65.35 25.96
N ARG B 268 23.13 64.21 26.28
CA ARG B 268 22.32 64.16 27.50
C ARG B 268 22.57 62.86 28.29
N THR B 269 22.16 62.90 29.56
CA THR B 269 22.32 61.78 30.50
C THR B 269 21.07 60.88 30.47
N ALA B 270 21.19 59.73 31.14
CA ALA B 270 20.10 58.78 31.25
C ALA B 270 18.86 59.47 31.84
N ASP B 271 19.03 60.14 32.98
CA ASP B 271 17.89 60.82 33.61
C ASP B 271 17.32 61.87 32.67
N GLN B 272 18.16 62.46 31.82
CA GLN B 272 17.71 63.48 30.91
C GLN B 272 16.90 62.85 29.76
N MET B 273 17.40 61.74 29.23
CA MET B 273 16.66 60.96 28.27
C MET B 273 15.33 60.52 28.90
N THR B 274 15.36 60.13 30.17
CA THR B 274 14.14 59.69 30.90
C THR B 274 13.04 60.78 30.87
N GLU B 275 13.44 62.04 31.11
CA GLU B 275 12.50 63.18 31.19
C GLU B 275 11.93 63.47 29.79
N PHE B 276 12.74 63.32 28.76
CA PHE B 276 12.25 63.39 27.35
C PHE B 276 11.12 62.38 27.08
N TYR B 277 11.35 61.11 27.38
CA TYR B 277 10.33 60.07 27.15
C TYR B 277 9.06 60.38 27.97
N ALA B 278 9.27 60.83 29.22
CA ALA B 278 8.19 61.13 30.12
C ALA B 278 7.35 62.25 29.52
N GLY B 279 7.99 63.25 28.93
CA GLY B 279 7.24 64.28 28.22
C GLY B 279 6.44 63.71 27.06
N LEU B 280 7.05 62.82 26.27
CA LEU B 280 6.31 62.21 25.17
C LEU B 280 5.07 61.48 25.73
N LEU B 281 5.19 60.76 26.87
CA LEU B 281 4.02 59.99 27.37
C LEU B 281 2.81 60.91 27.65
N GLY B 282 3.02 62.12 28.17
CA GLY B 282 1.89 63.01 28.45
C GLY B 282 1.23 63.59 27.22
N ALA B 283 1.94 63.67 26.10
CA ALA B 283 1.43 64.36 24.91
C ALA B 283 0.99 63.36 23.82
N TYR B 284 1.31 62.07 23.94
CA TYR B 284 1.05 61.12 22.81
C TYR B 284 0.58 59.78 23.39
N PRO B 285 -0.34 59.07 22.70
CA PRO B 285 -0.87 57.76 23.17
C PRO B 285 0.15 56.63 22.89
N LEU B 286 1.21 56.62 23.70
CA LEU B 286 2.36 55.71 23.58
C LEU B 286 2.08 54.46 24.42
N VAL B 287 2.25 53.29 23.84
CA VAL B 287 1.96 52.08 24.62
C VAL B 287 3.27 51.42 25.00
N SER B 288 4.33 51.71 24.23
CA SER B 288 5.56 50.97 24.37
C SER B 288 6.75 51.80 23.91
N ILE B 289 7.86 51.67 24.66
CA ILE B 289 9.15 52.30 24.30
C ILE B 289 10.26 51.24 24.41
N GLU B 290 10.98 51.06 23.30
CA GLU B 290 12.03 50.06 23.24
C GLU B 290 13.43 50.71 23.26
N ASP B 291 14.39 50.02 23.92
CA ASP B 291 15.82 50.45 24.09
C ASP B 291 15.86 51.97 24.28
N PRO B 292 15.19 52.48 25.35
CA PRO B 292 15.25 53.91 25.61
C PRO B 292 16.66 54.36 25.98
N LEU B 293 17.43 53.47 26.62
CA LEU B 293 18.82 53.72 27.02
C LEU B 293 19.72 52.62 26.43
N SER B 294 21.05 52.72 26.63
CA SER B 294 22.01 51.87 25.88
C SER B 294 22.14 50.48 26.52
N GLU B 295 22.80 49.57 25.79
CA GLU B 295 22.81 48.09 26.04
C GLU B 295 23.37 47.76 27.42
N ASP B 296 24.19 48.65 27.99
CA ASP B 296 24.87 48.29 29.25
C ASP B 296 24.69 49.41 30.30
N ASP B 297 23.75 50.32 30.07
CA ASP B 297 23.48 51.41 31.01
C ASP B 297 22.57 50.93 32.14
N TRP B 298 22.94 49.86 32.84
CA TRP B 298 21.99 49.20 33.76
C TRP B 298 21.38 50.18 34.76
N ASP B 299 22.19 51.05 35.35
CA ASP B 299 21.68 51.97 36.37
C ASP B 299 20.67 52.90 35.72
N GLY B 300 20.98 53.36 34.50
CA GLY B 300 20.07 54.19 33.73
C GLY B 300 18.71 53.51 33.59
N TRP B 301 18.72 52.27 33.10
CA TRP B 301 17.50 51.52 32.86
C TRP B 301 16.76 51.33 34.19
N ALA B 302 17.48 51.06 35.27
CA ALA B 302 16.80 50.82 36.56
C ALA B 302 16.03 52.08 36.99
N ALA B 303 16.65 53.26 36.87
CA ALA B 303 16.03 54.59 37.20
C ALA B 303 14.84 54.90 36.27
N LEU B 304 15.02 54.67 34.96
CA LEU B 304 13.94 54.92 33.99
C LEU B 304 12.76 53.99 34.28
N THR B 305 13.03 52.73 34.61
CA THR B 305 11.94 51.77 34.79
C THR B 305 11.05 52.16 35.98
N ALA B 306 11.70 52.52 37.09
CA ALA B 306 10.99 52.98 38.30
C ALA B 306 10.19 54.25 37.99
N SER B 307 10.70 55.09 37.08
CA SER B 307 10.11 56.42 36.86
C SER B 307 8.90 56.35 35.90
N ILE B 308 9.01 55.64 34.75
CA ILE B 308 7.91 55.62 33.79
C ILE B 308 7.38 54.19 33.58
N GLY B 309 7.98 53.18 34.21
CA GLY B 309 7.61 51.76 33.94
C GLY B 309 6.16 51.37 34.22
N ASP B 310 5.50 52.13 35.10
CA ASP B 310 4.10 51.87 35.47
C ASP B 310 3.14 52.44 34.42
N ARG B 311 3.62 53.40 33.63
CA ARG B 311 2.80 54.18 32.70
C ARG B 311 2.96 53.69 31.25
N VAL B 312 3.98 52.86 30.98
CA VAL B 312 4.29 52.47 29.60
C VAL B 312 5.13 51.18 29.62
N GLN B 313 4.93 50.34 28.60
CA GLN B 313 5.79 49.20 28.43
C GLN B 313 7.21 49.70 28.07
N ILE B 314 8.22 49.10 28.68
CA ILE B 314 9.62 49.41 28.40
C ILE B 314 10.27 48.11 27.94
N VAL B 315 10.66 48.08 26.67
CA VAL B 315 11.12 46.87 26.06
C VAL B 315 12.65 46.87 25.97
N GLY B 316 13.23 45.81 26.49
CA GLY B 316 14.67 45.54 26.32
C GLY B 316 14.96 44.75 25.05
N ASP B 317 15.83 45.30 24.21
CA ASP B 317 16.30 44.62 22.97
C ASP B 317 17.81 44.30 23.09
N ASP B 318 18.62 45.31 22.84
CA ASP B 318 20.08 45.16 22.82
C ASP B 318 20.59 44.92 24.24
N ILE B 319 19.88 45.43 25.27
CA ILE B 319 20.23 45.17 26.70
C ILE B 319 20.07 43.67 27.02
N PHE B 320 19.12 42.97 26.38
CA PHE B 320 18.91 41.56 26.77
C PHE B 320 19.42 40.58 25.71
N VAL B 321 19.43 40.99 24.44
CA VAL B 321 19.81 40.09 23.32
C VAL B 321 19.18 38.69 23.45
N THR B 322 17.90 38.58 23.81
CA THR B 322 17.22 37.27 23.78
C THR B 322 18.07 36.23 24.54
N ASN B 323 18.81 36.71 25.56
CA ASN B 323 19.82 35.91 26.25
C ASN B 323 19.43 35.71 27.72
N PRO B 324 19.22 34.45 28.14
CA PRO B 324 18.69 34.22 29.51
C PRO B 324 19.52 34.85 30.65
N GLU B 325 20.85 34.76 30.54
CA GLU B 325 21.74 35.35 31.55
C GLU B 325 21.50 36.87 31.66
N ARG B 326 21.36 37.54 30.52
CA ARG B 326 21.20 38.99 30.52
C ARG B 326 19.82 39.33 31.06
N LEU B 327 18.80 38.57 30.64
CA LEU B 327 17.42 38.82 31.06
C LEU B 327 17.32 38.60 32.57
N GLU B 328 17.98 37.57 33.08
CA GLU B 328 18.01 37.31 34.53
C GLU B 328 18.56 38.54 35.28
N GLU B 329 19.68 39.10 34.86
CA GLU B 329 20.20 40.30 35.53
C GLU B 329 19.17 41.43 35.47
N GLY B 330 18.58 41.66 34.30
CA GLY B 330 17.50 42.66 34.14
C GLY B 330 16.34 42.46 35.12
N ILE B 331 15.88 41.23 35.28
CA ILE B 331 14.77 41.00 36.17
C ILE B 331 15.21 41.31 37.62
N GLU B 332 16.38 40.85 38.02
CA GLU B 332 16.92 41.16 39.34
C GLU B 332 17.04 42.69 39.53
N ARG B 333 17.68 43.43 38.63
CA ARG B 333 17.95 44.87 38.86
C ARG B 333 16.71 45.74 38.57
N GLY B 334 15.53 45.16 38.30
CA GLY B 334 14.30 45.95 38.03
C GLY B 334 14.37 46.73 36.72
N VAL B 335 14.90 46.09 35.68
CA VAL B 335 15.23 46.76 34.40
C VAL B 335 14.22 46.33 33.34
N ALA B 336 13.46 47.30 32.80
CA ALA B 336 12.49 47.07 31.74
C ALA B 336 11.30 46.24 32.25
N ASN B 337 10.26 46.10 31.45
CA ASN B 337 9.17 45.18 31.85
C ASN B 337 8.77 44.31 30.64
N ALA B 338 9.60 44.33 29.58
CA ALA B 338 9.33 43.48 28.39
C ALA B 338 10.62 43.05 27.69
N LEU B 339 10.57 41.91 26.98
CA LEU B 339 11.74 41.39 26.27
C LEU B 339 11.39 41.36 24.76
N LEU B 340 12.25 41.92 23.92
CA LEU B 340 12.11 41.68 22.49
C LEU B 340 12.77 40.33 22.14
N VAL B 341 12.05 39.51 21.38
CA VAL B 341 12.47 38.10 21.18
C VAL B 341 12.96 37.93 19.74
N LYS B 342 14.28 37.81 19.63
CA LYS B 342 14.98 37.65 18.32
C LYS B 342 15.75 36.33 18.31
N VAL B 343 15.25 35.31 17.61
CA VAL B 343 15.87 33.98 17.60
C VAL B 343 17.37 34.09 17.23
N ASN B 344 17.73 34.98 16.33
CA ASN B 344 19.12 34.98 15.86
C ASN B 344 20.03 35.79 16.80
N GLN B 345 19.49 36.46 17.84
CA GLN B 345 20.38 37.06 18.86
C GLN B 345 20.91 35.97 19.82
N ILE B 346 20.29 34.77 19.84
CA ILE B 346 20.77 33.78 20.83
C ILE B 346 21.25 32.51 20.12
N GLY B 347 20.56 32.11 19.04
CA GLY B 347 21.10 31.19 18.04
C GLY B 347 20.42 29.81 18.01
N THR B 348 19.63 29.46 19.02
CA THR B 348 18.82 28.21 18.91
C THR B 348 17.38 28.50 19.32
N LEU B 349 16.45 27.67 18.83
CA LEU B 349 15.04 27.76 19.26
C LEU B 349 14.95 27.53 20.77
N THR B 350 15.63 26.51 21.28
CA THR B 350 15.59 26.15 22.72
C THR B 350 15.97 27.34 23.60
N GLU B 351 17.07 28.01 23.30
CA GLU B 351 17.50 29.12 24.17
C GLU B 351 16.49 30.27 24.10
N THR B 352 15.96 30.48 22.88
CA THR B 352 14.91 31.47 22.67
C THR B 352 13.70 31.13 23.55
N LEU B 353 13.24 29.90 23.52
CA LEU B 353 12.05 29.55 24.34
C LEU B 353 12.41 29.64 25.84
N ASP B 354 13.64 29.37 26.25
CA ASP B 354 14.06 29.52 27.65
C ASP B 354 13.97 30.99 28.06
N ALA B 355 14.31 31.89 27.11
CA ALA B 355 14.26 33.34 27.40
C ALA B 355 12.79 33.78 27.57
N VAL B 356 11.90 33.27 26.69
CA VAL B 356 10.46 33.59 26.70
C VAL B 356 9.86 33.15 28.06
N THR B 357 10.14 31.90 28.46
CA THR B 357 9.69 31.35 29.75
C THR B 357 10.19 32.20 30.92
N LEU B 358 11.49 32.48 30.95
CA LEU B 358 12.08 33.30 32.01
C LEU B 358 11.35 34.66 32.07
N ALA B 359 11.06 35.26 30.92
CA ALA B 359 10.36 36.54 30.88
C ALA B 359 8.92 36.37 31.41
N HIS B 360 8.20 35.39 30.84
CA HIS B 360 6.80 35.24 31.17
C HIS B 360 6.63 35.03 32.68
N HIS B 361 7.48 34.20 33.25
CA HIS B 361 7.38 33.85 34.67
C HIS B 361 7.79 35.05 35.56
N GLY B 362 8.49 36.06 34.98
CA GLY B 362 8.96 37.22 35.71
C GLY B 362 7.99 38.38 35.60
N GLY B 363 6.79 38.12 35.07
CA GLY B 363 5.79 39.14 34.77
C GLY B 363 6.18 40.09 33.63
N TYR B 364 7.17 39.75 32.80
CA TYR B 364 7.55 40.62 31.69
C TYR B 364 6.78 40.15 30.46
N ARG B 365 6.49 41.08 29.56
CA ARG B 365 5.85 40.66 28.29
C ARG B 365 6.93 40.35 27.24
N THR B 366 6.55 39.72 26.14
CA THR B 366 7.52 39.47 25.05
C THR B 366 6.94 40.03 23.76
N MET B 367 7.80 40.46 22.85
CA MET B 367 7.40 40.91 21.51
C MET B 367 8.38 40.23 20.53
N ILE B 368 7.85 39.31 19.71
CA ILE B 368 8.63 38.56 18.73
C ILE B 368 9.04 39.53 17.63
N SER B 369 10.31 39.48 17.23
CA SER B 369 10.82 40.54 16.37
C SER B 369 11.50 39.95 15.14
N HIS B 370 11.28 40.61 14.01
CA HIS B 370 12.15 40.46 12.82
C HIS B 370 13.54 41.09 13.07
N ARG B 371 14.40 40.96 12.08
CA ARG B 371 15.60 41.80 11.94
C ARG B 371 15.42 42.71 10.73
N SER B 372 16.22 43.75 10.65
CA SER B 372 16.16 44.69 9.52
C SER B 372 16.50 43.98 8.20
N GLY B 373 17.37 42.96 8.25
CA GLY B 373 17.61 42.09 7.11
C GLY B 373 16.74 40.83 7.20
N GLU B 374 15.63 40.79 6.48
CA GLU B 374 14.72 39.66 6.61
C GLU B 374 14.73 38.82 5.34
N THR B 375 13.97 37.71 5.34
CA THR B 375 13.82 36.88 4.15
C THR B 375 12.32 36.58 3.98
N GLU B 376 11.95 35.85 2.92
CA GLU B 376 10.57 35.34 2.67
C GLU B 376 10.13 34.31 3.74
N ASP B 377 10.99 33.95 4.66
CA ASP B 377 10.64 33.02 5.77
C ASP B 377 9.57 33.67 6.68
N THR B 378 8.58 32.90 7.12
CA THR B 378 7.48 33.46 7.91
C THR B 378 7.44 32.86 9.33
N MET B 379 8.48 32.15 9.73
CA MET B 379 8.46 31.38 10.99
CA MET B 379 8.49 31.38 11.00
C MET B 379 8.09 32.26 12.20
N ILE B 380 8.48 33.56 12.25
CA ILE B 380 8.20 34.37 13.47
C ILE B 380 6.70 34.61 13.68
N ALA B 381 5.89 34.58 12.61
CA ALA B 381 4.45 34.69 12.74
C ALA B 381 3.94 33.49 13.56
N ASP B 382 4.29 32.29 13.13
CA ASP B 382 3.94 31.09 13.91
C ASP B 382 4.54 31.17 15.33
N LEU B 383 5.76 31.67 15.49
CA LEU B 383 6.34 31.74 16.87
C LEU B 383 5.51 32.67 17.78
N ALA B 384 5.08 33.83 17.25
CA ALA B 384 4.29 34.80 18.03
C ALA B 384 3.02 34.12 18.59
N VAL B 385 2.34 33.37 17.75
CA VAL B 385 1.10 32.68 18.11
C VAL B 385 1.42 31.56 19.13
N ALA B 386 2.41 30.70 18.80
CA ALA B 386 2.89 29.61 19.68
C ALA B 386 3.18 30.14 21.11
N ILE B 387 3.87 31.27 21.28
CA ILE B 387 4.32 31.65 22.65
C ILE B 387 3.25 32.54 23.28
N GLY B 388 2.27 32.94 22.49
CA GLY B 388 1.16 33.73 22.93
C GLY B 388 1.67 35.09 23.41
N SER B 389 2.65 35.66 22.72
CA SER B 389 3.25 36.94 23.13
C SER B 389 2.19 38.07 23.12
N GLY B 390 1.22 37.99 22.20
CA GLY B 390 0.26 39.09 21.99
C GLY B 390 0.87 40.33 21.30
N GLN B 391 2.17 40.25 20.94
CA GLN B 391 2.91 41.37 20.33
C GLN B 391 3.95 40.84 19.33
N ILE B 392 3.92 41.39 18.11
CA ILE B 392 4.91 41.09 17.13
C ILE B 392 5.42 42.38 16.50
N LYS B 393 6.72 42.44 16.21
CA LYS B 393 7.26 43.58 15.45
C LYS B 393 7.93 43.03 14.19
N THR B 394 7.36 43.27 13.02
CA THR B 394 7.84 42.58 11.78
C THR B 394 7.72 43.48 10.55
N GLY B 395 7.59 44.79 10.76
CA GLY B 395 7.80 45.83 9.69
C GLY B 395 6.56 46.69 9.38
N ALA B 396 6.76 47.72 8.53
CA ALA B 396 5.63 48.40 7.84
C ALA B 396 4.84 47.35 7.05
N PRO B 397 3.58 47.66 6.72
CA PRO B 397 2.89 46.73 5.86
C PRO B 397 3.36 46.96 4.42
N ALA B 398 4.68 46.92 4.19
CA ALA B 398 5.16 47.03 2.78
C ALA B 398 6.52 46.35 2.72
N ARG B 399 6.89 45.87 1.51
CA ARG B 399 8.04 44.98 1.24
C ARG B 399 7.68 43.58 1.75
N SER B 400 7.64 42.55 0.87
CA SER B 400 7.04 41.25 1.29
C SER B 400 7.86 40.49 2.35
N GLU B 401 9.12 40.83 2.59
CA GLU B 401 9.77 40.17 3.73
C GLU B 401 9.08 40.58 5.04
N ARG B 402 8.29 41.65 5.00
CA ARG B 402 7.49 42.08 6.18
C ARG B 402 6.07 41.56 5.96
N VAL B 403 5.53 41.78 4.77
CA VAL B 403 4.14 41.48 4.54
C VAL B 403 3.90 39.97 4.62
N ALA B 404 4.90 39.14 4.24
CA ALA B 404 4.68 37.67 4.20
C ALA B 404 4.30 37.17 5.62
N LYS B 405 4.85 37.82 6.63
CA LYS B 405 4.55 37.45 8.06
C LYS B 405 3.11 37.85 8.38
N TYR B 406 2.69 39.02 7.91
CA TYR B 406 1.28 39.46 8.14
C TYR B 406 0.30 38.51 7.45
N ASN B 407 0.62 38.10 6.22
CA ASN B 407 -0.20 37.18 5.46
C ASN B 407 -0.25 35.81 6.16
N GLN B 408 0.87 35.41 6.71
CA GLN B 408 0.89 34.14 7.45
C GLN B 408 0.07 34.26 8.76
N LEU B 409 0.02 35.41 9.42
CA LEU B 409 -0.91 35.60 10.58
C LEU B 409 -2.37 35.58 10.13
N LEU B 410 -2.67 36.07 8.92
CA LEU B 410 -4.03 35.91 8.40
C LEU B 410 -4.37 34.42 8.29
N ARG B 411 -3.46 33.62 7.72
CA ARG B 411 -3.68 32.17 7.54
C ARG B 411 -3.86 31.48 8.91
N ILE B 412 -3.03 31.85 9.91
CA ILE B 412 -3.11 31.22 11.27
C ILE B 412 -4.47 31.56 11.90
N GLU B 413 -4.83 32.85 11.83
CA GLU B 413 -6.10 33.33 12.36
C GLU B 413 -7.27 32.56 11.73
N GLU B 414 -7.30 32.44 10.41
CA GLU B 414 -8.30 31.68 9.69
C GLU B 414 -8.29 30.19 10.08
N ALA B 415 -7.13 29.56 10.19
CA ALA B 415 -7.14 28.14 10.57
C ALA B 415 -7.70 27.97 11.99
N LEU B 416 -7.48 28.96 12.86
CA LEU B 416 -7.90 28.79 14.26
C LEU B 416 -9.43 28.93 14.37
N GLY B 417 -10.04 29.47 13.31
CA GLY B 417 -11.47 29.79 13.30
C GLY B 417 -11.95 30.49 14.56
N ASP B 418 -13.02 29.95 15.15
CA ASP B 418 -13.70 30.64 16.27
C ASP B 418 -12.82 30.67 17.53
N ALA B 419 -11.76 29.88 17.60
CA ALA B 419 -10.93 29.88 18.79
C ALA B 419 -9.89 31.01 18.70
N ALA B 420 -9.72 31.63 17.53
CA ALA B 420 -8.77 32.72 17.42
C ALA B 420 -9.15 33.83 18.42
N ARG B 421 -8.14 34.41 19.07
CA ARG B 421 -8.34 35.68 19.83
C ARG B 421 -7.25 36.69 19.45
N TYR B 422 -7.65 37.94 19.33
CA TYR B 422 -6.70 39.02 18.99
C TYR B 422 -6.31 39.70 20.31
N ALA B 423 -5.01 39.90 20.56
CA ALA B 423 -4.52 40.43 21.86
C ALA B 423 -5.06 41.84 22.16
N GLY B 424 -5.23 42.67 21.13
CA GLY B 424 -5.81 44.02 21.27
C GLY B 424 -5.31 44.77 22.50
N ASP B 425 -6.25 45.39 23.23
CA ASP B 425 -6.07 46.32 24.39
C ASP B 425 -5.30 45.66 25.53
N LEU B 426 -5.60 44.36 25.76
CA LEU B 426 -5.05 43.48 26.84
C LEU B 426 -3.53 43.28 26.73
N ALA B 427 -2.93 43.47 25.54
CA ALA B 427 -1.49 43.44 25.38
C ALA B 427 -0.86 44.63 26.15
N PHE B 428 -1.65 45.69 26.39
CA PHE B 428 -1.13 46.98 26.91
C PHE B 428 -1.94 47.46 28.13
N PRO B 429 -1.88 46.72 29.25
CA PRO B 429 -2.63 47.14 30.43
C PRO B 429 -2.25 48.52 31.01
N ARG B 430 -1.03 49.02 30.82
CA ARG B 430 -0.65 50.31 31.46
C ARG B 430 -1.30 51.50 30.73
N PHE B 431 -1.76 51.28 29.50
CA PHE B 431 -2.26 52.37 28.64
C PHE B 431 -3.70 52.74 29.02
N MET C 8 7.61 -11.74 -12.26
CA MET C 8 8.14 -12.23 -10.94
C MET C 8 7.40 -13.50 -10.45
N PRO C 9 6.99 -14.44 -11.35
CA PRO C 9 6.72 -15.72 -10.74
C PRO C 9 8.00 -16.57 -10.72
N ILE C 10 9.08 -16.02 -10.16
CA ILE C 10 10.40 -16.64 -10.11
C ILE C 10 10.40 -17.65 -8.94
N ILE C 11 10.96 -18.84 -9.16
CA ILE C 11 10.97 -19.84 -8.08
C ILE C 11 12.01 -19.44 -7.02
N GLU C 12 11.58 -19.49 -5.76
CA GLU C 12 12.38 -19.03 -4.60
C GLU C 12 12.74 -20.21 -3.67
N GLN C 13 11.83 -21.19 -3.54
CA GLN C 13 12.09 -22.34 -2.69
C GLN C 13 11.34 -23.56 -3.22
N VAL C 14 11.90 -24.72 -2.94
CA VAL C 14 11.36 -26.01 -3.34
C VAL C 14 11.59 -26.95 -2.17
N ARG C 15 10.50 -27.39 -1.54
CA ARG C 15 10.51 -28.25 -0.36
C ARG C 15 9.84 -29.57 -0.76
N ALA C 16 10.27 -30.69 -0.19
CA ALA C 16 9.60 -31.95 -0.41
C ALA C 16 9.45 -32.67 0.92
N ARG C 17 8.46 -33.57 1.01
CA ARG C 17 8.32 -34.39 2.20
C ARG C 17 7.73 -35.73 1.77
N GLU C 18 7.87 -36.71 2.65
CA GLU C 18 7.26 -38.04 2.50
C GLU C 18 5.85 -38.01 3.13
N ILE C 19 4.78 -38.24 2.32
CA ILE C 19 3.36 -38.46 2.80
C ILE C 19 2.96 -39.91 2.43
N LEU C 20 1.76 -40.33 2.80
CA LEU C 20 1.33 -41.68 2.42
C LEU C 20 0.32 -41.58 1.28
N ASP C 21 0.34 -42.58 0.41
CA ASP C 21 -0.67 -42.70 -0.63
C ASP C 21 -1.90 -43.43 -0.07
N SER C 22 -2.82 -43.77 -0.95
CA SER C 22 -4.15 -44.29 -0.60
C SER C 22 -4.06 -45.80 -0.30
N ARG C 23 -2.92 -46.41 -0.46
CA ARG C 23 -2.66 -47.80 0.02
C ARG C 23 -1.85 -47.73 1.34
N GLY C 24 -1.55 -46.52 1.86
CA GLY C 24 -0.75 -46.40 3.08
C GLY C 24 0.73 -46.55 2.76
N ASN C 25 1.14 -46.44 1.49
CA ASN C 25 2.58 -46.53 1.15
C ASN C 25 3.19 -45.13 0.95
N PRO C 26 4.54 -44.98 1.16
CA PRO C 26 5.17 -43.62 1.06
C PRO C 26 5.13 -43.06 -0.39
N THR C 27 4.89 -41.75 -0.51
CA THR C 27 5.07 -41.06 -1.80
C THR C 27 5.55 -39.62 -1.54
N VAL C 28 5.89 -38.97 -2.63
CA VAL C 28 6.51 -37.65 -2.65
C VAL C 28 5.41 -36.59 -2.73
N GLU C 29 5.58 -35.56 -1.90
CA GLU C 29 4.84 -34.31 -2.04
C GLU C 29 5.87 -33.19 -2.08
N VAL C 30 5.65 -32.23 -2.98
CA VAL C 30 6.58 -31.10 -3.21
C VAL C 30 5.82 -29.77 -3.02
N GLU C 31 6.47 -28.79 -2.37
CA GLU C 31 5.90 -27.45 -2.30
C GLU C 31 6.91 -26.50 -2.97
N VAL C 32 6.36 -25.59 -3.77
CA VAL C 32 7.16 -24.64 -4.50
C VAL C 32 6.65 -23.26 -4.09
N ALA C 33 7.57 -22.34 -3.77
CA ALA C 33 7.19 -20.98 -3.42
C ALA C 33 7.85 -20.05 -4.43
N LEU C 34 7.14 -18.98 -4.81
CA LEU C 34 7.63 -17.98 -5.76
C LEU C 34 7.92 -16.69 -4.98
N ILE C 35 8.70 -15.79 -5.59
CA ILE C 35 9.10 -14.58 -4.85
C ILE C 35 7.86 -13.71 -4.55
N ASP C 36 6.82 -13.80 -5.36
CA ASP C 36 5.60 -12.99 -5.18
C ASP C 36 4.76 -13.54 -4.03
N GLY C 37 5.24 -14.58 -3.35
CA GLY C 37 4.50 -15.14 -2.24
C GLY C 37 3.63 -16.33 -2.63
N THR C 38 3.53 -16.71 -3.92
CA THR C 38 2.71 -17.86 -4.30
C THR C 38 3.31 -19.13 -3.71
N PHE C 39 2.46 -20.06 -3.29
CA PHE C 39 2.86 -21.34 -2.72
C PHE C 39 1.96 -22.42 -3.32
N ALA C 40 2.52 -23.49 -3.86
CA ALA C 40 1.68 -24.58 -4.40
C ALA C 40 2.26 -25.92 -3.98
N ARG C 41 1.40 -26.94 -3.94
CA ARG C 41 1.77 -28.27 -3.45
C ARG C 41 1.26 -29.29 -4.48
N ALA C 42 2.08 -30.25 -4.80
CA ALA C 42 1.61 -31.35 -5.66
C ALA C 42 2.13 -32.65 -5.08
N ALA C 43 1.35 -33.69 -5.25
CA ALA C 43 1.76 -35.02 -4.77
C ALA C 43 1.84 -35.97 -5.97
N VAL C 44 2.62 -37.05 -5.81
CA VAL C 44 2.92 -37.98 -6.91
C VAL C 44 2.19 -39.29 -6.65
N PRO C 45 1.53 -39.83 -7.69
CA PRO C 45 0.78 -41.11 -7.53
C PRO C 45 1.74 -42.30 -7.73
N SER C 46 1.28 -43.52 -7.43
CA SER C 46 2.13 -44.70 -7.60
C SER C 46 1.32 -45.88 -8.16
N GLY C 47 1.88 -46.57 -9.17
CA GLY C 47 1.14 -47.71 -9.75
C GLY C 47 1.50 -49.03 -9.08
N ALA C 48 0.64 -50.04 -9.32
CA ALA C 48 0.84 -51.43 -8.92
C ALA C 48 1.21 -52.22 -10.18
N SER C 49 0.38 -52.16 -11.22
CA SER C 49 0.66 -52.83 -12.48
C SER C 49 1.41 -51.85 -13.39
N THR C 50 2.73 -51.77 -13.14
CA THR C 50 3.61 -50.75 -13.77
C THR C 50 4.34 -51.39 -14.94
N GLY C 51 4.20 -50.79 -16.11
CA GLY C 51 4.92 -51.21 -17.30
C GLY C 51 6.41 -51.22 -17.05
N GLU C 52 7.07 -52.14 -17.74
CA GLU C 52 8.54 -52.27 -17.79
C GLU C 52 9.18 -50.92 -18.18
N HIS C 53 8.49 -50.13 -19.00
CA HIS C 53 9.11 -48.99 -19.67
C HIS C 53 8.76 -47.67 -18.97
N GLU C 54 8.15 -47.69 -17.78
CA GLU C 54 7.80 -46.46 -17.08
C GLU C 54 9.09 -45.80 -16.55
N ALA C 55 9.05 -44.47 -16.44
CA ALA C 55 10.10 -43.75 -15.74
C ALA C 55 10.27 -44.43 -14.38
N VAL C 56 11.52 -44.48 -13.92
CA VAL C 56 11.89 -45.21 -12.70
C VAL C 56 11.35 -44.44 -11.49
N GLU C 57 10.72 -45.18 -10.60
CA GLU C 57 10.23 -44.65 -9.33
C GLU C 57 11.30 -44.99 -8.29
N LEU C 58 12.01 -43.99 -7.72
CA LEU C 58 13.10 -44.20 -6.75
C LEU C 58 12.52 -44.53 -5.36
N ARG C 59 12.80 -45.74 -4.87
CA ARG C 59 12.46 -46.15 -3.51
C ARG C 59 13.72 -46.39 -2.68
N ASP C 60 13.57 -46.37 -1.35
CA ASP C 60 14.69 -46.38 -0.42
C ASP C 60 15.22 -47.81 -0.19
N GLY C 61 14.39 -48.83 -0.29
CA GLY C 61 14.80 -50.15 0.18
C GLY C 61 14.96 -50.17 1.70
N GLY C 62 15.57 -51.21 2.23
CA GLY C 62 15.74 -51.30 3.69
C GLY C 62 14.43 -51.65 4.38
N ASP C 63 14.34 -51.32 5.66
CA ASP C 63 13.31 -51.90 6.51
C ASP C 63 12.10 -50.98 6.62
N ARG C 64 12.33 -49.67 6.71
CA ARG C 64 11.24 -48.71 6.86
C ARG C 64 10.17 -48.99 5.81
N TYR C 65 8.91 -49.05 6.24
CA TYR C 65 7.81 -49.06 5.30
C TYR C 65 7.96 -50.20 4.29
N GLY C 66 8.54 -51.34 4.68
CA GLY C 66 8.65 -52.49 3.78
C GLY C 66 9.55 -52.19 2.57
N GLY C 67 10.45 -51.22 2.68
CA GLY C 67 11.37 -50.93 1.57
C GLY C 67 10.85 -49.80 0.66
N LYS C 68 9.66 -49.25 0.97
CA LYS C 68 8.93 -48.35 0.05
C LYS C 68 9.12 -46.85 0.40
N GLY C 69 10.01 -46.51 1.34
CA GLY C 69 10.34 -45.11 1.63
C GLY C 69 10.74 -44.35 0.38
N VAL C 70 10.62 -43.02 0.45
CA VAL C 70 10.99 -42.14 -0.63
C VAL C 70 11.81 -40.98 -0.07
N GLN C 71 12.48 -41.17 1.10
CA GLN C 71 13.44 -40.20 1.65
C GLN C 71 14.53 -39.85 0.63
N LYS C 72 14.97 -40.82 -0.18
CA LYS C 72 16.02 -40.57 -1.17
C LYS C 72 15.52 -39.60 -2.25
N ALA C 73 14.26 -39.81 -2.70
CA ALA C 73 13.59 -38.90 -3.66
C ALA C 73 13.43 -37.53 -2.99
N VAL C 74 13.00 -37.51 -1.73
CA VAL C 74 12.86 -36.23 -1.01
C VAL C 74 14.23 -35.52 -0.94
N GLN C 75 15.29 -36.28 -0.61
CA GLN C 75 16.65 -35.69 -0.50
C GLN C 75 17.13 -35.18 -1.87
N ALA C 76 16.77 -35.85 -2.95
CA ALA C 76 17.12 -35.41 -4.33
C ALA C 76 16.53 -34.03 -4.62
N VAL C 77 15.29 -33.80 -4.16
CA VAL C 77 14.58 -32.50 -4.36
C VAL C 77 15.31 -31.39 -3.61
N LEU C 78 15.72 -31.66 -2.36
CA LEU C 78 16.37 -30.63 -1.52
C LEU C 78 17.84 -30.43 -1.89
N ASP C 79 18.60 -31.49 -2.23
CA ASP C 79 20.05 -31.32 -2.50
C ASP C 79 20.29 -30.86 -3.94
N GLU C 80 19.46 -31.30 -4.90
CA GLU C 80 19.85 -31.16 -6.29
C GLU C 80 18.77 -30.42 -7.11
N ILE C 81 17.52 -30.84 -7.03
CA ILE C 81 16.51 -30.30 -7.95
C ILE C 81 16.20 -28.85 -7.58
N GLY C 82 15.94 -28.62 -6.31
CA GLY C 82 15.68 -27.28 -5.78
C GLY C 82 16.70 -26.26 -6.28
N PRO C 83 18.01 -26.43 -5.93
CA PRO C 83 19.04 -25.51 -6.38
C PRO C 83 19.09 -25.37 -7.91
N ALA C 84 18.74 -26.41 -8.67
CA ALA C 84 18.76 -26.30 -10.13
C ALA C 84 17.65 -25.36 -10.62
N VAL C 85 16.54 -25.17 -9.88
CA VAL C 85 15.38 -24.53 -10.52
C VAL C 85 15.10 -23.18 -9.89
N ILE C 86 15.62 -22.96 -8.68
CA ILE C 86 15.40 -21.70 -7.99
C ILE C 86 15.96 -20.56 -8.87
N GLY C 87 15.25 -19.45 -9.00
CA GLY C 87 15.74 -18.42 -9.95
C GLY C 87 15.18 -18.60 -11.35
N LEU C 88 14.61 -19.77 -11.70
CA LEU C 88 13.88 -19.83 -12.99
C LEU C 88 12.46 -19.23 -12.84
N ASN C 89 11.89 -18.81 -13.97
CA ASN C 89 10.52 -18.35 -14.01
C ASN C 89 9.60 -19.60 -14.03
N ALA C 90 8.65 -19.70 -13.10
CA ALA C 90 7.70 -20.87 -13.04
C ALA C 90 6.90 -20.98 -14.34
N ASP C 91 6.73 -19.85 -15.04
CA ASP C 91 5.94 -19.80 -16.30
C ASP C 91 6.60 -20.62 -17.42
N ASP C 92 7.92 -20.77 -17.34
CA ASP C 92 8.70 -21.42 -18.42
C ASP C 92 8.68 -22.95 -18.21
N GLN C 93 7.52 -23.59 -18.37
CA GLN C 93 7.36 -24.99 -17.97
C GLN C 93 8.36 -25.87 -18.73
N ARG C 94 8.55 -25.63 -20.04
CA ARG C 94 9.40 -26.47 -20.82
C ARG C 94 10.88 -26.31 -20.40
N LEU C 95 11.28 -25.08 -20.08
CA LEU C 95 12.64 -24.78 -19.66
C LEU C 95 12.95 -25.49 -18.31
N VAL C 96 11.99 -25.44 -17.39
CA VAL C 96 12.12 -26.11 -16.09
C VAL C 96 12.23 -27.63 -16.31
N ASP C 97 11.34 -28.18 -17.13
CA ASP C 97 11.28 -29.66 -17.36
C ASP C 97 12.54 -30.14 -18.08
N GLN C 98 13.05 -29.35 -19.03
CA GLN C 98 14.29 -29.70 -19.70
C GLN C 98 15.43 -29.66 -18.67
N ALA C 99 15.41 -28.64 -17.82
CA ALA C 99 16.46 -28.55 -16.80
C ALA C 99 16.41 -29.79 -15.88
N LEU C 100 15.22 -30.27 -15.52
CA LEU C 100 15.15 -31.43 -14.62
C LEU C 100 15.65 -32.67 -15.37
N VAL C 101 15.27 -32.79 -16.62
CA VAL C 101 15.67 -33.96 -17.39
C VAL C 101 17.19 -34.02 -17.47
N ASP C 102 17.79 -32.87 -17.77
CA ASP C 102 19.21 -32.77 -18.00
C ASP C 102 19.98 -33.02 -16.69
N LEU C 103 19.51 -32.45 -15.59
CA LEU C 103 20.12 -32.63 -14.30
C LEU C 103 20.20 -34.13 -13.97
N ASP C 104 19.11 -34.83 -14.24
CA ASP C 104 19.07 -36.27 -13.95
C ASP C 104 20.09 -36.99 -14.84
N GLY C 105 19.98 -36.74 -16.13
CA GLY C 105 20.99 -37.17 -17.03
C GLY C 105 20.79 -38.60 -17.53
N THR C 106 19.72 -39.29 -17.15
CA THR C 106 19.49 -40.66 -17.61
C THR C 106 18.14 -40.74 -18.33
N PRO C 107 18.00 -41.68 -19.27
CA PRO C 107 16.77 -41.73 -20.06
C PRO C 107 15.51 -42.12 -19.28
N ASP C 108 15.65 -42.72 -18.10
CA ASP C 108 14.49 -43.32 -17.43
C ASP C 108 14.30 -42.63 -16.07
N LYS C 109 14.94 -41.48 -15.91
CA LYS C 109 14.93 -40.67 -14.67
C LYS C 109 15.37 -41.52 -13.48
N SER C 110 16.35 -42.40 -13.67
CA SER C 110 16.74 -43.34 -12.59
C SER C 110 17.69 -42.72 -11.56
N ARG C 111 18.29 -41.55 -11.84
CA ARG C 111 19.29 -41.02 -10.93
C ARG C 111 18.63 -40.25 -9.79
N LEU C 112 17.74 -39.29 -10.14
CA LEU C 112 16.94 -38.48 -9.18
C LEU C 112 15.59 -39.16 -8.87
N GLY C 113 15.08 -39.99 -9.81
CA GLY C 113 13.75 -40.58 -9.68
C GLY C 113 12.71 -39.76 -10.44
N GLY C 114 11.87 -40.44 -11.22
CA GLY C 114 10.72 -39.80 -11.84
C GLY C 114 9.77 -39.26 -10.80
N ASN C 115 9.75 -39.85 -9.61
CA ASN C 115 8.91 -39.32 -8.50
C ASN C 115 9.46 -37.98 -7.95
N ALA C 116 10.77 -37.83 -7.73
CA ALA C 116 11.32 -36.52 -7.32
C ALA C 116 11.13 -35.49 -8.45
N ILE C 117 11.46 -35.88 -9.66
CA ILE C 117 11.32 -34.96 -10.83
C ILE C 117 9.87 -34.47 -11.04
N LEU C 118 8.89 -35.38 -11.10
CA LEU C 118 7.50 -35.01 -11.42
C LEU C 118 6.89 -34.13 -10.31
N GLY C 119 7.17 -34.44 -9.04
CA GLY C 119 6.64 -33.56 -7.96
C GLY C 119 6.94 -32.08 -8.22
N VAL C 120 8.17 -31.78 -8.59
CA VAL C 120 8.67 -30.40 -8.84
C VAL C 120 8.01 -29.88 -10.13
N SER C 121 7.97 -30.74 -11.15
CA SER C 121 7.34 -30.38 -12.43
C SER C 121 5.89 -29.94 -12.23
N LEU C 122 5.11 -30.73 -11.48
CA LEU C 122 3.72 -30.46 -11.23
C LEU C 122 3.55 -29.29 -10.26
N ALA C 123 4.39 -29.21 -9.22
CA ALA C 123 4.24 -28.07 -8.27
C ALA C 123 4.56 -26.75 -8.97
N VAL C 124 5.51 -26.80 -9.90
CA VAL C 124 5.90 -25.58 -10.64
C VAL C 124 4.70 -25.08 -11.46
N ALA C 125 4.03 -25.99 -12.17
CA ALA C 125 2.82 -25.69 -12.98
C ALA C 125 1.71 -25.09 -12.09
N LYS C 126 1.49 -25.66 -10.90
CA LYS C 126 0.44 -25.15 -10.00
C LYS C 126 0.81 -23.75 -9.50
N ALA C 127 2.08 -23.52 -9.20
CA ALA C 127 2.50 -22.21 -8.71
C ALA C 127 2.30 -21.20 -9.85
N ALA C 128 2.76 -21.55 -11.07
CA ALA C 128 2.58 -20.63 -12.19
C ALA C 128 1.10 -20.26 -12.31
N ALA C 129 0.19 -21.24 -12.20
CA ALA C 129 -1.21 -20.95 -12.46
C ALA C 129 -1.76 -20.05 -11.35
N ASP C 130 -1.39 -20.30 -10.09
CA ASP C 130 -1.91 -19.50 -8.98
C ASP C 130 -1.42 -18.05 -9.08
N SER C 131 -0.13 -17.86 -9.39
CA SER C 131 0.46 -16.56 -9.62
C SER C 131 -0.30 -15.76 -10.71
N ALA C 132 -0.63 -16.43 -11.80
CA ALA C 132 -1.34 -15.84 -12.92
C ALA C 132 -2.79 -15.65 -12.53
N GLU C 133 -3.20 -16.20 -11.37
CA GLU C 133 -4.60 -16.15 -10.89
C GLU C 133 -5.57 -16.82 -11.86
N LEU C 134 -5.15 -17.92 -12.50
CA LEU C 134 -6.02 -18.70 -13.32
C LEU C 134 -6.17 -20.09 -12.70
N PRO C 135 -7.36 -20.67 -12.86
CA PRO C 135 -7.48 -22.08 -12.41
C PRO C 135 -6.56 -22.97 -13.27
N LEU C 136 -6.10 -24.08 -12.71
CA LEU C 136 -5.12 -24.90 -13.36
C LEU C 136 -5.60 -25.33 -14.75
N PHE C 137 -6.88 -25.70 -14.93
CA PHE C 137 -7.36 -26.16 -16.27
C PHE C 137 -7.16 -25.07 -17.32
N ARG C 138 -7.33 -23.81 -16.86
CA ARG C 138 -7.27 -22.66 -17.77
C ARG C 138 -5.82 -22.24 -18.00
N TYR C 139 -4.97 -22.28 -16.96
CA TYR C 139 -3.55 -22.02 -17.16
C TYR C 139 -2.96 -23.00 -18.17
N VAL C 140 -3.28 -24.28 -18.03
CA VAL C 140 -2.64 -25.31 -18.85
C VAL C 140 -3.27 -25.38 -20.25
N GLY C 141 -4.61 -25.27 -20.30
CA GLY C 141 -5.34 -25.50 -21.52
C GLY C 141 -5.68 -24.21 -22.24
N GLY C 142 -5.31 -23.04 -21.67
CA GLY C 142 -5.70 -21.75 -22.24
C GLY C 142 -7.22 -21.54 -22.17
N PRO C 143 -7.73 -20.39 -22.68
CA PRO C 143 -9.15 -20.00 -22.53
C PRO C 143 -10.18 -20.86 -23.27
N ASN C 144 -9.71 -21.70 -24.18
CA ASN C 144 -10.57 -22.53 -24.95
C ASN C 144 -10.89 -23.85 -24.22
N ALA C 145 -10.26 -24.11 -23.06
CA ALA C 145 -10.53 -25.35 -22.30
C ALA C 145 -11.95 -25.31 -21.74
N HIS C 146 -12.75 -26.36 -21.93
CA HIS C 146 -14.16 -26.25 -21.51
C HIS C 146 -14.84 -27.64 -21.46
N ILE C 147 -14.15 -28.71 -21.91
CA ILE C 147 -14.84 -30.01 -22.14
C ILE C 147 -14.73 -30.89 -20.88
N LEU C 148 -15.86 -31.24 -20.29
CA LEU C 148 -15.88 -32.12 -19.11
C LEU C 148 -15.79 -33.58 -19.62
N PRO C 149 -14.87 -34.39 -19.07
CA PRO C 149 -14.65 -35.72 -19.61
C PRO C 149 -15.75 -36.69 -19.16
N VAL C 150 -15.95 -37.73 -19.96
CA VAL C 150 -16.77 -38.88 -19.52
C VAL C 150 -16.01 -39.57 -18.38
N PRO C 151 -16.63 -39.75 -17.20
CA PRO C 151 -15.83 -40.43 -16.15
C PRO C 151 -15.95 -41.96 -16.38
N MET C 152 -14.82 -42.57 -16.68
CA MET C 152 -14.68 -44.03 -16.90
C MET C 152 -14.43 -44.66 -15.53
N MET C 153 -15.49 -45.20 -14.92
CA MET C 153 -15.47 -45.56 -13.48
C MET C 153 -15.25 -47.08 -13.29
N ASN C 154 -14.13 -47.44 -12.65
CA ASN C 154 -13.75 -48.83 -12.41
C ASN C 154 -14.48 -49.36 -11.16
N ILE C 155 -15.67 -49.96 -11.38
CA ILE C 155 -16.61 -50.27 -10.23
C ILE C 155 -16.45 -51.74 -9.75
N LEU C 156 -15.63 -52.50 -10.46
CA LEU C 156 -15.33 -53.90 -10.07
C LEU C 156 -13.87 -54.16 -10.40
N ASN C 157 -13.09 -54.39 -9.35
CA ASN C 157 -11.63 -54.39 -9.42
C ASN C 157 -11.13 -55.83 -9.35
N GLY C 158 -10.18 -56.14 -10.22
CA GLY C 158 -9.53 -57.44 -10.27
C GLY C 158 -8.01 -57.30 -10.44
N GLY C 159 -7.38 -58.37 -10.89
CA GLY C 159 -5.97 -58.39 -11.24
C GLY C 159 -5.12 -57.89 -10.08
N ALA C 160 -4.17 -57.02 -10.42
CA ALA C 160 -3.21 -56.43 -9.46
C ALA C 160 -3.89 -55.56 -8.41
N HIS C 161 -5.19 -55.24 -8.51
CA HIS C 161 -5.76 -54.23 -7.57
C HIS C 161 -6.58 -54.87 -6.44
N ALA C 162 -6.47 -56.20 -6.33
CA ALA C 162 -7.18 -56.93 -5.30
C ALA C 162 -6.56 -58.33 -5.20
N ASP C 163 -7.05 -59.15 -4.28
CA ASP C 163 -6.46 -60.45 -4.03
C ASP C 163 -7.53 -61.49 -4.38
N THR C 164 -7.94 -61.52 -5.65
CA THR C 164 -8.94 -62.49 -6.14
C THR C 164 -8.31 -63.24 -7.34
N ALA C 165 -9.07 -64.11 -8.01
CA ALA C 165 -8.52 -64.82 -9.18
C ALA C 165 -9.05 -64.21 -10.48
N VAL C 166 -9.73 -63.04 -10.40
CA VAL C 166 -10.23 -62.28 -11.56
C VAL C 166 -9.00 -61.71 -12.31
N ASP C 167 -8.83 -62.07 -13.60
CA ASP C 167 -7.63 -61.68 -14.35
C ASP C 167 -7.77 -60.26 -14.90
N ILE C 168 -8.92 -59.92 -15.50
CA ILE C 168 -9.18 -58.52 -15.93
C ILE C 168 -8.96 -57.56 -14.75
N GLN C 169 -8.15 -56.50 -14.95
CA GLN C 169 -7.87 -55.58 -13.87
C GLN C 169 -9.11 -54.72 -13.55
N GLU C 170 -9.72 -54.18 -14.61
CA GLU C 170 -10.67 -53.11 -14.38
C GLU C 170 -11.91 -53.29 -15.27
N PHE C 171 -13.08 -53.31 -14.62
CA PHE C 171 -14.40 -53.35 -15.28
C PHE C 171 -15.07 -51.99 -15.04
N MET C 172 -15.22 -51.21 -16.11
CA MET C 172 -15.63 -49.81 -15.99
C MET C 172 -17.04 -49.59 -16.57
N VAL C 173 -17.74 -48.58 -16.02
CA VAL C 173 -18.99 -48.03 -16.60
C VAL C 173 -18.69 -46.64 -17.13
N ALA C 174 -19.39 -46.23 -18.17
CA ALA C 174 -19.13 -44.99 -18.87
C ALA C 174 -20.50 -44.34 -19.14
N PRO C 175 -20.89 -43.33 -18.35
CA PRO C 175 -22.23 -42.69 -18.52
C PRO C 175 -22.29 -41.70 -19.71
N ILE C 176 -22.07 -42.25 -20.89
CA ILE C 176 -22.01 -41.46 -22.15
C ILE C 176 -23.34 -40.72 -22.44
N GLY C 177 -24.49 -41.27 -22.01
CA GLY C 177 -25.76 -40.68 -22.40
C GLY C 177 -26.15 -39.48 -21.57
N ALA C 178 -25.38 -39.12 -20.53
CA ALA C 178 -25.78 -38.10 -19.59
C ALA C 178 -25.64 -36.75 -20.28
N PRO C 179 -26.52 -35.77 -19.93
CA PRO C 179 -26.49 -34.42 -20.56
C PRO C 179 -25.36 -33.52 -20.03
N SER C 180 -24.74 -33.86 -18.89
CA SER C 180 -23.77 -32.95 -18.25
C SER C 180 -22.86 -33.80 -17.38
N PHE C 181 -21.78 -33.19 -16.88
CA PHE C 181 -20.88 -33.95 -16.03
C PHE C 181 -21.57 -34.24 -14.68
N VAL C 182 -22.27 -33.26 -14.14
CA VAL C 182 -22.91 -33.42 -12.81
C VAL C 182 -23.91 -34.59 -12.88
N GLU C 183 -24.54 -34.81 -14.03
CA GLU C 183 -25.54 -35.84 -14.13
C GLU C 183 -24.87 -37.20 -14.33
N ALA C 184 -23.81 -37.23 -15.17
CA ALA C 184 -22.93 -38.39 -15.41
C ALA C 184 -22.39 -38.95 -14.09
N LEU C 185 -21.92 -38.02 -13.23
CA LEU C 185 -21.35 -38.43 -11.95
C LEU C 185 -22.43 -39.13 -11.14
N ARG C 186 -23.68 -38.60 -11.20
CA ARG C 186 -24.85 -39.18 -10.47
C ARG C 186 -25.19 -40.58 -10.99
N TRP C 187 -25.28 -40.74 -12.34
CA TRP C 187 -25.55 -42.02 -12.93
C TRP C 187 -24.51 -43.05 -12.47
N GLY C 188 -23.21 -42.70 -12.59
CA GLY C 188 -22.16 -43.63 -12.18
C GLY C 188 -22.26 -44.04 -10.70
N ALA C 189 -22.48 -43.07 -9.84
CA ALA C 189 -22.66 -43.37 -8.39
C ALA C 189 -23.89 -44.27 -8.20
N GLU C 190 -24.94 -44.04 -8.98
CA GLU C 190 -26.18 -44.80 -8.78
C GLU C 190 -25.97 -46.25 -9.21
N VAL C 191 -25.26 -46.47 -10.33
CA VAL C 191 -24.95 -47.84 -10.80
C VAL C 191 -24.05 -48.52 -9.76
N TYR C 192 -23.07 -47.77 -9.28
CA TYR C 192 -22.15 -48.26 -8.28
C TYR C 192 -22.92 -48.75 -7.04
N HIS C 193 -23.91 -47.99 -6.60
CA HIS C 193 -24.72 -48.40 -5.40
C HIS C 193 -25.66 -49.59 -5.68
N ALA C 194 -26.22 -49.62 -6.90
CA ALA C 194 -27.01 -50.73 -7.39
C ALA C 194 -26.13 -51.99 -7.46
N LEU C 195 -24.89 -51.88 -7.97
CA LEU C 195 -24.00 -53.03 -8.02
C LEU C 195 -23.79 -53.60 -6.60
N LYS C 196 -23.60 -52.73 -5.63
CA LYS C 196 -23.33 -53.24 -4.30
C LYS C 196 -24.49 -54.16 -3.86
N SER C 197 -25.68 -53.69 -4.15
CA SER C 197 -26.95 -54.36 -3.86
C SER C 197 -27.06 -55.71 -4.59
N VAL C 198 -26.71 -55.74 -5.89
CA VAL C 198 -26.73 -57.00 -6.67
C VAL C 198 -25.70 -57.98 -6.07
N LEU C 199 -24.54 -57.47 -5.65
CA LEU C 199 -23.48 -58.35 -5.06
C LEU C 199 -23.92 -58.98 -3.72
N LYS C 200 -24.57 -58.19 -2.88
CA LYS C 200 -25.14 -58.70 -1.60
C LYS C 200 -26.15 -59.81 -1.92
N LYS C 201 -26.99 -59.59 -2.93
CA LYS C 201 -28.07 -60.49 -3.23
C LYS C 201 -27.44 -61.82 -3.69
N GLU C 202 -26.35 -61.73 -4.45
CA GLU C 202 -25.68 -62.91 -4.89
C GLU C 202 -24.77 -63.49 -3.82
N GLY C 203 -24.64 -62.83 -2.66
CA GLY C 203 -23.73 -63.35 -1.66
C GLY C 203 -22.27 -63.20 -2.06
N LEU C 204 -21.92 -62.17 -2.85
CA LEU C 204 -20.55 -61.97 -3.29
C LEU C 204 -19.97 -60.80 -2.48
N SER C 205 -18.64 -60.74 -2.34
CA SER C 205 -17.97 -59.79 -1.49
C SER C 205 -18.16 -58.35 -2.02
N THR C 206 -18.48 -57.48 -1.10
CA THR C 206 -18.58 -56.02 -1.34
C THR C 206 -17.35 -55.29 -0.74
N GLY C 207 -16.38 -56.04 -0.19
CA GLY C 207 -15.04 -55.47 0.11
C GLY C 207 -14.42 -54.75 -1.08
N LEU C 208 -13.88 -53.53 -0.86
CA LEU C 208 -13.32 -52.78 -2.02
C LEU C 208 -11.90 -53.21 -2.38
N GLY C 209 -11.59 -53.17 -3.68
CA GLY C 209 -10.23 -53.22 -4.17
C GLY C 209 -9.57 -51.84 -4.17
N ASP C 210 -8.38 -51.77 -4.72
CA ASP C 210 -7.53 -50.61 -4.56
C ASP C 210 -8.17 -49.32 -5.08
N GLU C 211 -8.92 -49.41 -6.18
CA GLU C 211 -9.47 -48.25 -6.87
C GLU C 211 -10.92 -48.01 -6.46
N GLY C 212 -11.34 -48.62 -5.38
CA GLY C 212 -12.67 -48.34 -4.89
C GLY C 212 -13.77 -49.21 -5.49
N GLY C 213 -13.48 -50.08 -6.45
CA GLY C 213 -14.57 -50.90 -6.89
C GLY C 213 -14.69 -52.17 -6.03
N PHE C 214 -15.86 -52.80 -6.00
CA PHE C 214 -16.00 -54.11 -5.35
C PHE C 214 -15.00 -55.13 -5.91
N ALA C 215 -14.51 -55.98 -5.01
CA ALA C 215 -13.59 -57.03 -5.45
C ALA C 215 -14.16 -58.42 -5.14
N PRO C 216 -15.31 -58.77 -5.75
CA PRO C 216 -15.79 -60.16 -5.57
C PRO C 216 -14.94 -61.15 -6.37
N ASP C 217 -14.96 -62.43 -6.01
CA ASP C 217 -14.07 -63.34 -6.69
C ASP C 217 -14.88 -64.12 -7.73
N VAL C 218 -15.27 -63.42 -8.77
CA VAL C 218 -16.23 -63.98 -9.71
C VAL C 218 -15.47 -64.85 -10.70
N ALA C 219 -16.22 -65.71 -11.37
CA ALA C 219 -15.68 -66.79 -12.13
C ALA C 219 -14.88 -66.31 -13.35
N GLY C 220 -15.25 -65.16 -13.92
CA GLY C 220 -14.58 -64.69 -15.15
C GLY C 220 -15.17 -63.39 -15.66
N THR C 221 -14.76 -62.98 -16.87
CA THR C 221 -15.10 -61.65 -17.47
C THR C 221 -16.62 -61.51 -17.66
N THR C 222 -17.25 -62.51 -18.28
CA THR C 222 -18.65 -62.45 -18.56
C THR C 222 -19.45 -62.44 -17.25
N ALA C 223 -19.12 -63.21 -16.23
CA ALA C 223 -19.87 -63.06 -14.94
C ALA C 223 -19.83 -61.59 -14.46
N ALA C 224 -18.66 -60.96 -14.53
CA ALA C 224 -18.47 -59.61 -14.02
C ALA C 224 -19.30 -58.66 -14.89
N LEU C 225 -19.13 -58.74 -16.21
CA LEU C 225 -19.92 -57.87 -17.09
C LEU C 225 -21.44 -58.00 -16.83
N ASP C 226 -21.91 -59.22 -16.53
CA ASP C 226 -23.34 -59.49 -16.38
C ASP C 226 -23.76 -58.86 -15.05
N LEU C 227 -22.89 -58.89 -14.06
CA LEU C 227 -23.35 -58.29 -12.78
C LEU C 227 -23.45 -56.78 -12.99
N ILE C 228 -22.55 -56.23 -13.80
CA ILE C 228 -22.59 -54.74 -13.97
C ILE C 228 -23.79 -54.35 -14.85
N SER C 229 -24.13 -55.11 -15.92
CA SER C 229 -25.37 -54.80 -16.70
C SER C 229 -26.62 -54.84 -15.80
N ARG C 230 -26.69 -55.80 -14.89
CA ARG C 230 -27.80 -55.84 -13.92
C ARG C 230 -27.83 -54.56 -13.08
N ALA C 231 -26.68 -54.11 -12.60
CA ALA C 231 -26.57 -52.89 -11.79
C ALA C 231 -27.11 -51.71 -12.61
N ILE C 232 -26.73 -51.64 -13.89
CA ILE C 232 -27.17 -50.52 -14.74
C ILE C 232 -28.70 -50.46 -14.79
N GLU C 233 -29.34 -51.59 -15.10
CA GLU C 233 -30.78 -51.72 -15.23
C GLU C 233 -31.46 -51.45 -13.90
N SER C 234 -30.91 -52.00 -12.84
CA SER C 234 -31.45 -51.74 -11.50
C SER C 234 -31.39 -50.24 -11.14
N ALA C 235 -30.39 -49.48 -11.61
CA ALA C 235 -30.33 -48.04 -11.36
C ALA C 235 -31.31 -47.29 -12.28
N GLY C 236 -32.03 -48.00 -13.13
CA GLY C 236 -33.03 -47.30 -13.95
C GLY C 236 -32.44 -46.70 -15.23
N LEU C 237 -31.31 -47.24 -15.70
CA LEU C 237 -30.60 -46.65 -16.82
C LEU C 237 -30.52 -47.71 -17.93
N ARG C 238 -30.30 -47.26 -19.17
CA ARG C 238 -30.23 -48.18 -20.31
C ARG C 238 -28.78 -48.53 -20.62
N PRO C 239 -28.42 -49.84 -20.57
CA PRO C 239 -27.07 -50.28 -20.96
C PRO C 239 -26.80 -49.76 -22.38
N GLY C 240 -25.58 -49.29 -22.66
CA GLY C 240 -25.29 -48.78 -23.99
C GLY C 240 -25.69 -47.33 -24.14
N ALA C 241 -26.96 -47.02 -24.38
CA ALA C 241 -27.37 -45.64 -24.73
C ALA C 241 -27.14 -44.69 -23.53
N ASP C 242 -27.44 -45.15 -22.31
CA ASP C 242 -27.20 -44.33 -21.11
C ASP C 242 -25.80 -44.62 -20.53
N VAL C 243 -25.57 -45.88 -20.14
CA VAL C 243 -24.32 -46.32 -19.51
C VAL C 243 -23.71 -47.50 -20.27
N ALA C 244 -22.53 -47.28 -20.83
CA ALA C 244 -21.84 -48.27 -21.60
C ALA C 244 -20.69 -48.84 -20.76
N LEU C 245 -19.92 -49.74 -21.33
CA LEU C 245 -18.95 -50.48 -20.57
C LEU C 245 -17.57 -50.27 -21.19
N ALA C 246 -16.55 -50.50 -20.36
CA ALA C 246 -15.15 -50.51 -20.82
C ALA C 246 -14.33 -51.46 -19.95
N LEU C 247 -13.19 -51.90 -20.47
CA LEU C 247 -12.28 -52.77 -19.73
C LEU C 247 -10.87 -52.19 -19.70
N ASP C 248 -10.11 -52.54 -18.66
CA ASP C 248 -8.66 -52.51 -18.72
C ASP C 248 -8.17 -53.91 -18.34
N ALA C 249 -7.73 -54.69 -19.34
CA ALA C 249 -7.20 -56.07 -19.11
C ALA C 249 -5.81 -56.05 -18.46
N ALA C 250 -5.04 -54.97 -18.64
CA ALA C 250 -3.68 -54.96 -18.10
C ALA C 250 -3.00 -56.29 -18.45
N ALA C 251 -2.98 -56.62 -19.75
CA ALA C 251 -2.67 -57.97 -20.18
C ALA C 251 -1.19 -58.30 -19.94
N THR C 252 -0.31 -57.28 -19.77
CA THR C 252 1.08 -57.52 -19.46
C THR C 252 1.17 -58.36 -18.16
N GLU C 253 0.19 -58.15 -17.27
CA GLU C 253 0.22 -58.76 -15.93
C GLU C 253 -0.14 -60.24 -16.03
N PHE C 254 -0.67 -60.72 -17.15
CA PHE C 254 -0.94 -62.17 -17.27
C PHE C 254 -0.23 -62.73 -18.52
N PHE C 255 0.70 -61.97 -19.07
CA PHE C 255 1.48 -62.45 -20.17
C PHE C 255 2.84 -62.92 -19.66
N THR C 256 3.26 -64.11 -20.15
CA THR C 256 4.67 -64.62 -20.05
C THR C 256 5.27 -64.74 -21.45
N ASP C 257 6.55 -64.38 -21.55
CA ASP C 257 7.30 -64.30 -22.78
C ASP C 257 7.30 -65.65 -23.53
N GLY C 258 6.85 -65.66 -24.80
CA GLY C 258 6.88 -66.87 -25.69
C GLY C 258 5.74 -67.86 -25.43
N THR C 259 5.42 -68.04 -24.15
CA THR C 259 4.30 -68.84 -23.58
C THR C 259 2.94 -68.26 -23.98
N GLY C 260 2.73 -67.00 -23.58
CA GLY C 260 1.60 -66.24 -24.05
C GLY C 260 0.74 -65.83 -22.87
N TYR C 261 -0.53 -65.64 -23.15
CA TYR C 261 -1.48 -65.06 -22.22
C TYR C 261 -2.08 -66.20 -21.39
N VAL C 262 -1.83 -66.16 -20.07
CA VAL C 262 -2.43 -67.12 -19.14
C VAL C 262 -3.70 -66.46 -18.63
N PHE C 263 -4.79 -66.83 -19.23
CA PHE C 263 -5.99 -66.07 -19.08
C PHE C 263 -7.17 -67.01 -18.86
N GLU C 264 -7.88 -66.83 -17.74
CA GLU C 264 -9.15 -67.55 -17.49
C GLU C 264 -8.92 -69.06 -17.60
N GLY C 265 -7.78 -69.51 -17.10
CA GLY C 265 -7.53 -70.95 -16.89
C GLY C 265 -6.89 -71.66 -18.09
N THR C 266 -6.62 -70.94 -19.18
CA THR C 266 -5.89 -71.55 -20.32
C THR C 266 -4.79 -70.61 -20.83
N THR C 267 -3.88 -71.17 -21.64
CA THR C 267 -2.84 -70.38 -22.25
C THR C 267 -3.28 -70.01 -23.65
N ARG C 268 -3.21 -68.73 -24.02
CA ARG C 268 -3.75 -68.32 -25.32
C ARG C 268 -2.75 -67.41 -26.07
N THR C 269 -2.84 -67.45 -27.40
CA THR C 269 -2.02 -66.56 -28.23
C THR C 269 -2.69 -65.17 -28.32
N ALA C 270 -1.97 -64.19 -28.86
CA ALA C 270 -2.57 -62.86 -29.14
C ALA C 270 -3.84 -62.99 -29.99
N ASP C 271 -3.84 -63.88 -31.01
CA ASP C 271 -5.04 -64.08 -31.84
C ASP C 271 -6.23 -64.65 -31.05
N GLN C 272 -5.97 -65.64 -30.23
CA GLN C 272 -7.02 -66.17 -29.37
C GLN C 272 -7.52 -65.07 -28.41
N MET C 273 -6.61 -64.21 -27.92
CA MET C 273 -7.05 -63.11 -27.03
C MET C 273 -7.95 -62.16 -27.81
N THR C 274 -7.59 -61.93 -29.08
CA THR C 274 -8.36 -61.03 -29.96
C THR C 274 -9.75 -61.61 -30.19
N GLU C 275 -9.87 -62.92 -30.46
CA GLU C 275 -11.16 -63.51 -30.71
C GLU C 275 -12.01 -63.40 -29.44
N PHE C 276 -11.39 -63.58 -28.28
CA PHE C 276 -12.13 -63.34 -26.98
C PHE C 276 -12.73 -61.92 -26.89
N TYR C 277 -11.91 -60.92 -27.15
CA TYR C 277 -12.41 -59.55 -27.08
C TYR C 277 -13.52 -59.32 -28.11
N ALA C 278 -13.34 -59.84 -29.33
CA ALA C 278 -14.36 -59.66 -30.38
C ALA C 278 -15.68 -60.30 -29.93
N GLY C 279 -15.60 -61.47 -29.31
CA GLY C 279 -16.76 -62.15 -28.71
C GLY C 279 -17.47 -61.26 -27.69
N LEU C 280 -16.69 -60.58 -26.83
CA LEU C 280 -17.26 -59.58 -25.86
C LEU C 280 -17.98 -58.42 -26.58
N LEU C 281 -17.36 -57.87 -27.64
CA LEU C 281 -17.94 -56.71 -28.34
C LEU C 281 -19.29 -57.12 -28.90
N GLY C 282 -19.39 -58.37 -29.43
CA GLY C 282 -20.65 -58.80 -29.96
C GLY C 282 -21.71 -58.89 -28.88
N ALA C 283 -21.33 -59.23 -27.64
CA ALA C 283 -22.30 -59.56 -26.59
C ALA C 283 -22.55 -58.39 -25.64
N TYR C 284 -21.72 -57.32 -25.64
CA TYR C 284 -21.89 -56.24 -24.62
C TYR C 284 -21.71 -54.87 -25.27
N PRO C 285 -22.32 -53.81 -24.68
CA PRO C 285 -22.06 -52.44 -25.19
C PRO C 285 -20.74 -51.83 -24.67
N LEU C 286 -19.60 -52.36 -25.17
CA LEU C 286 -18.23 -51.92 -24.88
C LEU C 286 -17.85 -50.73 -25.76
N VAL C 287 -17.35 -49.66 -25.15
CA VAL C 287 -16.89 -48.50 -25.94
C VAL C 287 -15.35 -48.49 -25.99
N SER C 288 -14.70 -49.20 -25.07
CA SER C 288 -13.27 -49.02 -24.94
C SER C 288 -12.61 -50.23 -24.24
N ILE C 289 -11.52 -50.69 -24.84
CA ILE C 289 -10.71 -51.75 -24.25
C ILE C 289 -9.26 -51.29 -24.17
N GLU C 290 -8.73 -51.41 -22.96
CA GLU C 290 -7.38 -50.94 -22.70
C GLU C 290 -6.45 -52.15 -22.50
N ASP C 291 -5.21 -52.05 -23.00
CA ASP C 291 -4.15 -53.04 -22.81
C ASP C 291 -4.75 -54.46 -22.99
N PRO C 292 -5.42 -54.68 -24.13
CA PRO C 292 -5.92 -56.07 -24.43
C PRO C 292 -4.76 -57.07 -24.53
N LEU C 293 -3.60 -56.55 -24.89
CA LEU C 293 -2.40 -57.34 -25.09
C LEU C 293 -1.24 -56.69 -24.35
N SER C 294 -0.12 -57.41 -24.38
CA SER C 294 1.06 -57.14 -23.58
C SER C 294 1.91 -55.99 -24.12
N GLU C 295 2.72 -55.42 -23.23
CA GLU C 295 3.43 -54.15 -23.45
C GLU C 295 4.37 -54.18 -24.66
N ASP C 296 4.93 -55.35 -24.99
CA ASP C 296 5.83 -55.44 -26.18
C ASP C 296 5.26 -56.35 -27.28
N ASP C 297 3.99 -56.70 -27.22
CA ASP C 297 3.44 -57.61 -28.25
C ASP C 297 2.98 -56.77 -29.46
N TRP C 298 3.93 -56.08 -30.08
CA TRP C 298 3.63 -55.11 -31.15
C TRP C 298 2.93 -55.83 -32.32
N ASP C 299 3.40 -57.03 -32.71
CA ASP C 299 2.72 -57.82 -33.78
C ASP C 299 1.27 -58.13 -33.36
N GLY C 300 1.10 -58.62 -32.13
CA GLY C 300 -0.25 -58.89 -31.66
C GLY C 300 -1.12 -57.65 -31.66
N TRP C 301 -0.60 -56.51 -31.22
CA TRP C 301 -1.43 -55.31 -31.10
C TRP C 301 -1.80 -54.83 -32.51
N ALA C 302 -0.88 -54.92 -33.46
CA ALA C 302 -1.23 -54.44 -34.83
C ALA C 302 -2.36 -55.31 -35.38
N ALA C 303 -2.29 -56.61 -35.13
CA ALA C 303 -3.37 -57.47 -35.69
C ALA C 303 -4.72 -57.18 -35.00
N LEU C 304 -4.70 -57.01 -33.68
CA LEU C 304 -5.94 -56.78 -32.92
C LEU C 304 -6.52 -55.43 -33.34
N THR C 305 -5.67 -54.41 -33.49
CA THR C 305 -6.17 -53.09 -33.92
C THR C 305 -6.84 -53.21 -35.30
N ALA C 306 -6.21 -53.91 -36.24
CA ALA C 306 -6.86 -54.07 -37.60
C ALA C 306 -8.14 -54.91 -37.48
N SER C 307 -8.12 -55.87 -36.58
CA SER C 307 -9.28 -56.75 -36.45
C SER C 307 -10.51 -56.04 -35.83
N ILE C 308 -10.38 -55.28 -34.71
CA ILE C 308 -11.57 -54.74 -33.99
C ILE C 308 -11.47 -53.22 -33.79
N GLY C 309 -10.34 -52.63 -34.16
CA GLY C 309 -10.07 -51.18 -33.89
C GLY C 309 -11.13 -50.25 -34.49
N ASP C 310 -11.81 -50.67 -35.55
CA ASP C 310 -12.90 -49.88 -36.16
C ASP C 310 -14.18 -49.98 -35.33
N ARG C 311 -14.34 -51.03 -34.48
CA ARG C 311 -15.61 -51.31 -33.77
C ARG C 311 -15.56 -50.78 -32.32
N VAL C 312 -14.35 -50.57 -31.78
CA VAL C 312 -14.21 -50.18 -30.36
C VAL C 312 -12.96 -49.31 -30.22
N GLN C 313 -12.92 -48.42 -29.23
CA GLN C 313 -11.66 -47.76 -28.90
C GLN C 313 -10.69 -48.77 -28.26
N ILE C 314 -9.40 -48.65 -28.61
CA ILE C 314 -8.35 -49.57 -28.10
C ILE C 314 -7.26 -48.67 -27.53
N VAL C 315 -7.06 -48.75 -26.22
CA VAL C 315 -6.24 -47.81 -25.46
C VAL C 315 -4.89 -48.47 -25.16
N GLY C 316 -3.79 -47.81 -25.59
CA GLY C 316 -2.42 -48.17 -25.18
C GLY C 316 -2.08 -47.60 -23.80
N ASP C 317 -1.77 -48.48 -22.83
CA ASP C 317 -1.20 -47.98 -21.51
C ASP C 317 0.26 -48.43 -21.34
N ASP C 318 0.48 -49.65 -20.85
CA ASP C 318 1.83 -50.14 -20.61
C ASP C 318 2.59 -50.19 -21.94
N ILE C 319 1.90 -50.32 -23.05
CA ILE C 319 2.61 -50.30 -24.35
C ILE C 319 3.19 -48.89 -24.63
N PHE C 320 2.50 -47.84 -24.25
CA PHE C 320 2.95 -46.47 -24.67
C PHE C 320 3.67 -45.77 -23.53
N VAL C 321 3.31 -46.11 -22.29
CA VAL C 321 3.89 -45.48 -21.06
C VAL C 321 3.97 -43.94 -21.21
N THR C 322 2.92 -43.32 -21.79
CA THR C 322 2.87 -41.81 -21.88
C THR C 322 4.19 -41.28 -22.46
N ASN C 323 4.80 -42.03 -23.38
CA ASN C 323 6.14 -41.76 -23.88
C ASN C 323 6.04 -41.45 -25.38
N PRO C 324 6.26 -40.18 -25.77
CA PRO C 324 6.29 -39.80 -27.21
C PRO C 324 7.05 -40.78 -28.13
N GLU C 325 8.23 -41.29 -27.72
CA GLU C 325 9.05 -42.22 -28.54
C GLU C 325 8.24 -43.51 -28.78
N ARG C 326 7.58 -44.03 -27.74
CA ARG C 326 6.80 -45.28 -27.88
C ARG C 326 5.49 -44.99 -28.61
N LEU C 327 4.81 -43.88 -28.29
CA LEU C 327 3.54 -43.54 -28.99
C LEU C 327 3.80 -43.42 -30.51
N GLU C 328 4.92 -42.80 -30.88
CA GLU C 328 5.18 -42.56 -32.30
C GLU C 328 5.28 -43.89 -33.07
N GLU C 329 6.00 -44.84 -32.49
CA GLU C 329 6.07 -46.19 -33.01
C GLU C 329 4.67 -46.78 -33.18
N GLY C 330 3.85 -46.64 -32.14
CA GLY C 330 2.49 -47.19 -32.21
C GLY C 330 1.70 -46.65 -33.39
N ILE C 331 1.72 -45.34 -33.54
CA ILE C 331 1.00 -44.64 -34.60
C ILE C 331 1.52 -45.14 -35.96
N GLU C 332 2.83 -45.25 -36.12
CA GLU C 332 3.47 -45.77 -37.37
C GLU C 332 3.10 -47.24 -37.62
N ARG C 333 3.00 -48.08 -36.58
CA ARG C 333 2.75 -49.55 -36.78
C ARG C 333 1.25 -49.89 -36.76
N GLY C 334 0.38 -48.89 -36.68
CA GLY C 334 -1.09 -49.11 -36.57
C GLY C 334 -1.51 -49.81 -35.26
N VAL C 335 -0.96 -49.36 -34.12
CA VAL C 335 -1.14 -50.00 -32.80
C VAL C 335 -1.98 -49.07 -31.93
N ALA C 336 -3.14 -49.56 -31.48
CA ALA C 336 -4.05 -48.79 -30.63
C ALA C 336 -4.69 -47.62 -31.40
N ASN C 337 -5.73 -47.01 -30.85
CA ASN C 337 -6.29 -45.79 -31.48
C ASN C 337 -6.49 -44.78 -30.34
N ALA C 338 -5.99 -45.13 -29.13
CA ALA C 338 -6.06 -44.13 -28.03
C ALA C 338 -4.86 -44.27 -27.06
N LEU C 339 -4.54 -43.19 -26.33
CA LEU C 339 -3.41 -43.18 -25.42
C LEU C 339 -3.93 -42.94 -23.99
N LEU C 340 -3.54 -43.79 -23.03
CA LEU C 340 -3.78 -43.44 -21.63
C LEU C 340 -2.69 -42.48 -21.14
N VAL C 341 -3.10 -41.40 -20.44
CA VAL C 341 -2.15 -40.40 -20.13
C VAL C 341 -1.90 -40.41 -18.63
N LYS C 342 -0.68 -40.77 -18.26
CA LYS C 342 -0.27 -40.85 -16.86
C LYS C 342 1.02 -40.03 -16.72
N VAL C 343 0.92 -38.85 -16.12
CA VAL C 343 2.06 -37.96 -15.96
C VAL C 343 3.24 -38.73 -15.32
N ASN C 344 2.97 -39.65 -14.38
CA ASN C 344 4.13 -40.28 -13.64
C ASN C 344 4.74 -41.46 -14.44
N GLN C 345 4.15 -41.84 -15.58
CA GLN C 345 4.83 -42.84 -16.46
C GLN C 345 6.02 -42.17 -17.19
N ILE C 346 6.04 -40.83 -17.25
CA ILE C 346 7.07 -40.23 -18.09
C ILE C 346 7.90 -39.23 -17.26
N GLY C 347 7.26 -38.57 -16.27
CA GLY C 347 7.95 -37.91 -15.16
C GLY C 347 8.02 -36.39 -15.31
N THR C 348 7.60 -35.79 -16.42
CA THR C 348 7.45 -34.28 -16.46
C THR C 348 6.12 -33.91 -17.10
N LEU C 349 5.55 -32.76 -16.71
CA LEU C 349 4.33 -32.23 -17.37
C LEU C 349 4.61 -32.02 -18.88
N THR C 350 5.76 -31.43 -19.21
CA THR C 350 6.07 -31.14 -20.65
C THR C 350 6.00 -32.40 -21.52
N GLU C 351 6.67 -33.46 -21.12
CA GLU C 351 6.70 -34.68 -21.93
C GLU C 351 5.30 -35.29 -22.04
N THR C 352 4.53 -35.18 -20.96
CA THR C 352 3.14 -35.60 -20.95
C THR C 352 2.39 -34.80 -22.00
N LEU C 353 2.50 -33.47 -22.00
CA LEU C 353 1.77 -32.71 -23.02
C LEU C 353 2.34 -33.00 -24.41
N ASP C 354 3.65 -33.28 -24.55
CA ASP C 354 4.17 -33.66 -25.88
C ASP C 354 3.49 -34.96 -26.36
N ALA C 355 3.34 -35.94 -25.45
CA ALA C 355 2.67 -37.23 -25.81
C ALA C 355 1.20 -36.95 -26.20
N VAL C 356 0.52 -36.05 -25.44
CA VAL C 356 -0.89 -35.68 -25.76
C VAL C 356 -0.99 -35.07 -27.18
N THR C 357 -0.23 -34.03 -27.45
CA THR C 357 -0.32 -33.38 -28.78
C THR C 357 -0.14 -34.38 -29.92
N LEU C 358 0.87 -35.24 -29.76
CA LEU C 358 1.25 -36.27 -30.73
C LEU C 358 0.09 -37.26 -30.93
N ALA C 359 -0.55 -37.72 -29.84
CA ALA C 359 -1.75 -38.55 -29.97
C ALA C 359 -2.83 -37.78 -30.77
N HIS C 360 -3.12 -36.53 -30.37
CA HIS C 360 -4.28 -35.81 -30.93
C HIS C 360 -4.04 -35.59 -32.43
N HIS C 361 -2.84 -35.16 -32.75
CA HIS C 361 -2.53 -34.83 -34.14
C HIS C 361 -2.53 -36.13 -34.97
N GLY C 362 -2.41 -37.28 -34.30
CA GLY C 362 -2.27 -38.60 -34.97
C GLY C 362 -3.62 -39.30 -35.15
N GLY C 363 -4.69 -38.56 -34.88
CA GLY C 363 -6.04 -39.09 -34.86
C GLY C 363 -6.34 -39.97 -33.64
N TYR C 364 -5.43 -40.09 -32.65
CA TYR C 364 -5.73 -40.93 -31.46
C TYR C 364 -6.51 -40.10 -30.44
N ARG C 365 -7.33 -40.76 -29.64
CA ARG C 365 -7.96 -40.06 -28.51
C ARG C 365 -7.08 -40.24 -27.26
N THR C 366 -7.37 -39.49 -26.22
CA THR C 366 -6.58 -39.61 -24.98
C THR C 366 -7.54 -39.74 -23.78
N MET C 367 -7.03 -40.38 -22.72
CA MET C 367 -7.78 -40.60 -21.46
C MET C 367 -6.79 -40.45 -20.31
N ILE C 368 -6.91 -39.31 -19.62
CA ILE C 368 -6.14 -38.92 -18.42
C ILE C 368 -6.36 -39.98 -17.35
N SER C 369 -5.29 -40.51 -16.75
CA SER C 369 -5.50 -41.63 -15.79
C SER C 369 -4.91 -41.32 -14.42
N HIS C 370 -5.61 -41.69 -13.33
CA HIS C 370 -5.02 -41.87 -12.00
C HIS C 370 -3.98 -43.02 -12.02
N ARG C 371 -3.25 -43.24 -10.90
CA ARG C 371 -2.65 -44.56 -10.65
C ARG C 371 -3.45 -45.27 -9.54
N SER C 372 -3.22 -46.59 -9.38
CA SER C 372 -3.95 -47.35 -8.35
C SER C 372 -3.53 -46.85 -6.94
N GLY C 373 -2.33 -46.29 -6.81
CA GLY C 373 -1.96 -45.67 -5.53
C GLY C 373 -2.10 -44.16 -5.71
N GLU C 374 -3.23 -43.59 -5.28
CA GLU C 374 -3.50 -42.19 -5.59
C GLU C 374 -3.29 -41.36 -4.31
N THR C 375 -3.48 -40.04 -4.42
CA THR C 375 -3.52 -39.18 -3.21
C THR C 375 -4.73 -38.25 -3.26
N GLU C 376 -4.83 -37.36 -2.26
CA GLU C 376 -5.84 -36.29 -2.19
C GLU C 376 -5.63 -35.21 -3.28
N ASP C 377 -4.48 -35.26 -3.99
CA ASP C 377 -4.19 -34.34 -5.10
C ASP C 377 -5.28 -34.47 -6.18
N THR C 378 -5.77 -33.34 -6.73
CA THR C 378 -6.82 -33.40 -7.78
C THR C 378 -6.32 -32.89 -9.15
N MET C 379 -5.02 -32.71 -9.36
CA MET C 379 -4.50 -32.11 -10.59
CA MET C 379 -4.49 -32.11 -10.61
C MET C 379 -5.11 -32.78 -11.85
N ILE C 380 -5.27 -34.13 -11.88
CA ILE C 380 -5.72 -34.78 -13.12
C ILE C 380 -7.13 -34.33 -13.55
N ALA C 381 -7.98 -33.85 -12.64
CA ALA C 381 -9.30 -33.37 -13.04
C ALA C 381 -9.10 -32.14 -13.93
N ASP C 382 -8.27 -31.21 -13.47
CA ASP C 382 -8.02 -30.02 -14.26
C ASP C 382 -7.28 -30.37 -15.56
N LEU C 383 -6.38 -31.34 -15.49
CA LEU C 383 -5.59 -31.70 -16.70
C LEU C 383 -6.51 -32.24 -17.79
N ALA C 384 -7.49 -33.06 -17.43
CA ALA C 384 -8.43 -33.64 -18.37
C ALA C 384 -9.20 -32.50 -19.05
N VAL C 385 -9.63 -31.51 -18.27
CA VAL C 385 -10.33 -30.39 -18.87
C VAL C 385 -9.36 -29.57 -19.77
N ALA C 386 -8.15 -29.28 -19.26
CA ALA C 386 -7.07 -28.54 -19.98
C ALA C 386 -6.82 -29.14 -21.38
N ILE C 387 -6.72 -30.48 -21.54
CA ILE C 387 -6.32 -31.05 -22.85
C ILE C 387 -7.57 -31.40 -23.69
N GLY C 388 -8.76 -31.30 -23.12
CA GLY C 388 -10.00 -31.62 -23.83
C GLY C 388 -10.01 -33.10 -24.21
N SER C 389 -9.43 -33.95 -23.35
CA SER C 389 -9.49 -35.40 -23.63
C SER C 389 -10.94 -35.84 -23.84
N GLY C 390 -11.91 -35.30 -23.09
CA GLY C 390 -13.27 -35.85 -23.16
C GLY C 390 -13.41 -37.20 -22.44
N GLN C 391 -12.29 -37.71 -21.89
CA GLN C 391 -12.28 -39.01 -21.16
C GLN C 391 -11.32 -38.96 -19.97
N ILE C 392 -11.75 -39.46 -18.83
CA ILE C 392 -10.90 -39.56 -17.65
C ILE C 392 -11.10 -40.93 -16.99
N LYS C 393 -10.05 -41.45 -16.38
CA LYS C 393 -10.19 -42.66 -15.61
C LYS C 393 -9.59 -42.38 -14.23
N THR C 394 -10.42 -42.30 -13.21
CA THR C 394 -9.95 -41.88 -11.89
C THR C 394 -10.72 -42.56 -10.74
N GLY C 395 -11.30 -43.72 -10.99
CA GLY C 395 -11.72 -44.66 -9.90
C GLY C 395 -13.20 -44.95 -9.91
N ALA C 396 -13.65 -45.92 -9.11
CA ALA C 396 -15.06 -45.97 -8.70
C ALA C 396 -15.41 -44.63 -8.05
N PRO C 397 -16.71 -44.36 -7.90
CA PRO C 397 -17.07 -43.18 -7.13
C PRO C 397 -16.97 -43.52 -5.63
N ALA C 398 -15.85 -44.08 -5.17
CA ALA C 398 -15.71 -44.40 -3.71
C ALA C 398 -14.21 -44.36 -3.41
N ARG C 399 -13.88 -44.09 -2.15
CA ARG C 399 -12.51 -43.78 -1.68
C ARG C 399 -12.16 -42.36 -2.17
N SER C 400 -11.88 -41.44 -1.22
CA SER C 400 -11.82 -39.99 -1.62
C SER C 400 -10.61 -39.69 -2.49
N GLU C 401 -9.59 -40.55 -2.54
CA GLU C 401 -8.52 -40.27 -3.51
C GLU C 401 -9.07 -40.46 -4.93
N ARG C 402 -10.24 -41.13 -5.09
CA ARG C 402 -10.93 -41.18 -6.39
C ARG C 402 -11.97 -40.04 -6.43
N VAL C 403 -12.77 -39.91 -5.37
CA VAL C 403 -13.95 -39.02 -5.41
C VAL C 403 -13.46 -37.56 -5.39
N ALA C 404 -12.30 -37.29 -4.80
CA ALA C 404 -11.86 -35.86 -4.77
C ALA C 404 -11.69 -35.32 -6.21
N LYS C 405 -11.43 -36.20 -7.18
CA LYS C 405 -11.19 -35.77 -8.58
C LYS C 405 -12.56 -35.44 -9.17
N TYR C 406 -13.53 -36.31 -8.84
CA TYR C 406 -14.90 -36.09 -9.34
C TYR C 406 -15.45 -34.79 -8.80
N ASN C 407 -15.26 -34.58 -7.48
CA ASN C 407 -15.65 -33.35 -6.83
C ASN C 407 -15.03 -32.11 -7.50
N GLN C 408 -13.72 -32.21 -7.85
CA GLN C 408 -13.02 -31.09 -8.51
C GLN C 408 -13.66 -30.84 -9.90
N LEU C 409 -14.10 -31.90 -10.57
CA LEU C 409 -14.69 -31.76 -11.93
C LEU C 409 -16.07 -31.07 -11.80
N LEU C 410 -16.78 -31.34 -10.71
CA LEU C 410 -18.01 -30.61 -10.41
C LEU C 410 -17.65 -29.12 -10.25
N ARG C 411 -16.57 -28.83 -9.56
CA ARG C 411 -16.16 -27.39 -9.31
C ARG C 411 -15.72 -26.72 -10.63
N ILE C 412 -15.02 -27.48 -11.52
CA ILE C 412 -14.58 -26.92 -12.81
C ILE C 412 -15.84 -26.67 -13.66
N GLU C 413 -16.77 -27.60 -13.66
CA GLU C 413 -17.99 -27.49 -14.49
C GLU C 413 -18.82 -26.27 -14.06
N GLU C 414 -18.89 -26.02 -12.77
CA GLU C 414 -19.52 -24.87 -12.20
C GLU C 414 -18.78 -23.57 -12.59
N ALA C 415 -17.46 -23.56 -12.45
CA ALA C 415 -16.68 -22.37 -12.78
C ALA C 415 -16.98 -21.94 -14.22
N LEU C 416 -17.11 -22.91 -15.13
CA LEU C 416 -17.25 -22.66 -16.59
C LEU C 416 -18.68 -22.21 -16.92
N GLY C 417 -19.65 -22.39 -16.03
CA GLY C 417 -20.97 -21.87 -16.31
C GLY C 417 -21.47 -22.38 -17.64
N ASP C 418 -22.06 -21.49 -18.46
CA ASP C 418 -22.77 -21.90 -19.72
C ASP C 418 -21.80 -22.42 -20.79
N ALA C 419 -20.49 -22.22 -20.62
CA ALA C 419 -19.47 -22.65 -21.62
C ALA C 419 -19.06 -24.11 -21.38
N ALA C 420 -19.39 -24.67 -20.23
CA ALA C 420 -19.12 -26.12 -19.96
C ALA C 420 -19.75 -26.96 -21.08
N ARG C 421 -19.02 -27.96 -21.57
CA ARG C 421 -19.59 -29.01 -22.43
C ARG C 421 -19.11 -30.40 -21.98
N TYR C 422 -20.03 -31.33 -21.90
CA TYR C 422 -19.75 -32.71 -21.52
C TYR C 422 -19.54 -33.54 -22.79
N ALA C 423 -18.44 -34.29 -22.87
CA ALA C 423 -18.05 -34.97 -24.08
C ALA C 423 -19.11 -36.02 -24.48
N GLY C 424 -19.76 -36.69 -23.53
CA GLY C 424 -20.81 -37.67 -23.84
C GLY C 424 -20.43 -38.70 -24.91
N ASP C 425 -21.39 -39.03 -25.77
CA ASP C 425 -21.22 -40.15 -26.72
C ASP C 425 -20.36 -39.72 -27.91
N LEU C 426 -20.12 -38.41 -28.07
CA LEU C 426 -19.12 -37.95 -29.04
C LEU C 426 -17.69 -38.40 -28.66
N ALA C 427 -17.40 -38.73 -27.39
CA ALA C 427 -16.09 -39.24 -27.05
C ALA C 427 -15.89 -40.63 -27.69
N PHE C 428 -16.99 -41.29 -28.08
CA PHE C 428 -16.90 -42.68 -28.51
C PHE C 428 -17.60 -42.88 -29.86
N PRO C 429 -17.08 -42.28 -30.94
CA PRO C 429 -17.79 -42.38 -32.25
C PRO C 429 -17.96 -43.83 -32.76
N ARG C 430 -17.07 -44.76 -32.42
CA ARG C 430 -17.17 -46.12 -33.01
C ARG C 430 -18.39 -46.85 -32.45
N PHE C 431 -18.96 -46.36 -31.35
CA PHE C 431 -20.06 -47.02 -30.66
C PHE C 431 -21.38 -46.46 -31.20
N ALA C 432 -22.35 -47.35 -31.39
CA ALA C 432 -23.71 -46.97 -31.85
C ALA C 432 -24.71 -48.06 -31.42
N GLU C 434 -27.29 -47.73 -28.10
CA GLU C 434 -27.35 -48.77 -27.08
C GLU C 434 -26.63 -50.03 -27.57
N PRO D 9 -12.06 -9.14 8.25
CA PRO D 9 -12.56 -10.51 8.13
C PRO D 9 -14.09 -10.60 8.08
N ILE D 10 -14.76 -9.61 7.46
CA ILE D 10 -16.22 -9.56 7.32
C ILE D 10 -16.68 -10.56 6.25
N ILE D 11 -17.76 -11.29 6.52
CA ILE D 11 -18.27 -12.29 5.59
C ILE D 11 -19.04 -11.59 4.47
N GLU D 12 -18.68 -11.89 3.22
CA GLU D 12 -19.23 -11.24 2.03
C GLU D 12 -20.07 -12.21 1.20
N GLN D 13 -19.76 -13.50 1.21
CA GLN D 13 -20.45 -14.43 0.33
C GLN D 13 -20.41 -15.82 0.94
N VAL D 14 -21.51 -16.56 0.76
CA VAL D 14 -21.62 -17.93 1.22
C VAL D 14 -22.27 -18.76 0.13
N ARG D 15 -21.53 -19.73 -0.43
CA ARG D 15 -22.10 -20.65 -1.43
C ARG D 15 -22.01 -22.09 -0.88
N ALA D 16 -22.94 -22.93 -1.29
CA ALA D 16 -22.84 -24.35 -0.96
C ALA D 16 -22.95 -25.15 -2.26
N ARG D 17 -22.44 -26.38 -2.28
CA ARG D 17 -22.72 -27.27 -3.40
C ARG D 17 -22.78 -28.71 -2.87
N GLU D 18 -23.42 -29.55 -3.65
CA GLU D 18 -23.49 -30.97 -3.40
C GLU D 18 -22.24 -31.64 -4.00
N ILE D 19 -21.47 -32.34 -3.17
CA ILE D 19 -20.30 -33.13 -3.63
C ILE D 19 -20.58 -34.59 -3.21
N LEU D 20 -19.66 -35.52 -3.49
CA LEU D 20 -19.81 -36.89 -3.01
C LEU D 20 -18.79 -37.14 -1.89
N ASP D 21 -19.20 -38.00 -0.94
CA ASP D 21 -18.36 -38.50 0.15
C ASP D 21 -17.65 -39.77 -0.32
N SER D 22 -16.86 -40.37 0.58
CA SER D 22 -15.98 -41.52 0.35
C SER D 22 -16.75 -42.82 0.07
N ARG D 23 -18.08 -42.86 0.18
CA ARG D 23 -18.86 -44.05 -0.19
C ARG D 23 -19.64 -43.73 -1.47
N GLY D 24 -19.49 -42.49 -1.94
CA GLY D 24 -20.15 -42.06 -3.18
C GLY D 24 -21.56 -41.51 -2.94
N ASN D 25 -21.88 -41.13 -1.68
CA ASN D 25 -23.20 -40.53 -1.34
C ASN D 25 -23.07 -39.00 -1.29
N PRO D 26 -24.13 -38.26 -1.64
CA PRO D 26 -23.97 -36.77 -1.62
C PRO D 26 -23.72 -36.24 -0.21
N THR D 27 -23.05 -35.10 -0.15
CA THR D 27 -22.92 -34.36 1.09
C THR D 27 -22.63 -32.90 0.76
N VAL D 28 -22.57 -32.12 1.83
CA VAL D 28 -22.56 -30.67 1.68
C VAL D 28 -21.12 -30.18 1.69
N GLU D 29 -20.86 -29.27 0.78
CA GLU D 29 -19.62 -28.50 0.82
C GLU D 29 -20.00 -27.02 0.78
N VAL D 30 -19.36 -26.18 1.58
CA VAL D 30 -19.69 -24.75 1.66
C VAL D 30 -18.40 -23.98 1.39
N GLU D 31 -18.54 -22.82 0.75
CA GLU D 31 -17.44 -21.87 0.65
C GLU D 31 -17.85 -20.53 1.29
N VAL D 32 -16.90 -19.96 2.01
CA VAL D 32 -17.10 -18.65 2.63
C VAL D 32 -16.02 -17.68 2.08
N ALA D 33 -16.49 -16.53 1.58
CA ALA D 33 -15.56 -15.47 1.12
C ALA D 33 -15.72 -14.23 2.01
N LEU D 34 -14.62 -13.57 2.35
CA LEU D 34 -14.56 -12.40 3.22
C LEU D 34 -14.24 -11.18 2.35
N ILE D 35 -14.48 -9.99 2.89
CA ILE D 35 -14.24 -8.70 2.18
C ILE D 35 -12.78 -8.63 1.71
N ASP D 36 -11.83 -9.17 2.47
CA ASP D 36 -10.40 -9.03 2.15
C ASP D 36 -9.96 -9.99 1.04
N GLY D 37 -10.88 -10.69 0.38
CA GLY D 37 -10.51 -11.59 -0.73
C GLY D 37 -10.31 -13.05 -0.29
N THR D 38 -10.18 -13.30 1.01
CA THR D 38 -10.06 -14.65 1.57
C THR D 38 -11.26 -15.51 1.14
N PHE D 39 -10.98 -16.78 0.87
CA PHE D 39 -11.99 -17.73 0.39
C PHE D 39 -11.66 -19.09 1.03
N ALA D 40 -12.58 -19.72 1.72
CA ALA D 40 -12.29 -21.00 2.37
C ALA D 40 -13.45 -21.99 2.10
N ARG D 41 -13.14 -23.28 2.26
CA ARG D 41 -14.02 -24.34 1.88
C ARG D 41 -14.04 -25.40 3.00
N ALA D 42 -15.22 -25.94 3.30
CA ALA D 42 -15.36 -27.00 4.30
C ALA D 42 -16.39 -28.01 3.80
N ALA D 43 -16.22 -29.29 4.15
CA ALA D 43 -17.20 -30.32 3.76
C ALA D 43 -17.75 -31.00 5.00
N VAL D 44 -18.94 -31.65 4.85
CA VAL D 44 -19.64 -32.27 6.00
C VAL D 44 -19.52 -33.80 5.88
N PRO D 45 -19.04 -34.50 6.92
CA PRO D 45 -19.03 -35.97 6.87
C PRO D 45 -20.43 -36.56 7.15
N SER D 46 -20.57 -37.90 7.09
CA SER D 46 -21.86 -38.51 7.32
C SER D 46 -21.63 -39.90 7.91
N GLY D 47 -22.35 -40.22 8.99
CA GLY D 47 -22.15 -41.53 9.58
C GLY D 47 -23.05 -42.58 8.95
N ALA D 48 -22.76 -43.85 9.22
CA ALA D 48 -23.67 -45.01 8.92
C ALA D 48 -24.30 -45.47 10.23
N SER D 49 -23.48 -45.71 11.26
CA SER D 49 -23.98 -46.10 12.62
C SER D 49 -24.28 -44.85 13.45
N THR D 50 -25.34 -44.13 13.04
CA THR D 50 -25.66 -42.82 13.61
C THR D 50 -26.51 -43.06 14.86
N GLY D 51 -26.09 -42.46 15.99
CA GLY D 51 -26.92 -42.52 17.22
C GLY D 51 -28.30 -41.89 17.01
N GLU D 52 -29.31 -42.44 17.66
CA GLU D 52 -30.64 -41.82 17.71
C GLU D 52 -30.56 -40.32 18.01
N HIS D 53 -29.64 -39.87 18.86
CA HIS D 53 -29.79 -38.50 19.40
C HIS D 53 -28.90 -37.47 18.66
N GLU D 54 -28.34 -37.86 17.49
CA GLU D 54 -27.44 -36.92 16.77
C GLU D 54 -28.25 -35.78 16.16
N ALA D 55 -27.63 -34.64 15.87
CA ALA D 55 -28.33 -33.58 15.16
C ALA D 55 -28.84 -34.13 13.81
N VAL D 56 -29.90 -33.52 13.29
CA VAL D 56 -30.58 -34.10 12.14
C VAL D 56 -29.75 -33.86 10.88
N GLU D 57 -29.60 -34.92 10.09
CA GLU D 57 -28.95 -34.82 8.78
C GLU D 57 -30.08 -34.75 7.74
N LEU D 58 -30.18 -33.63 7.03
CA LEU D 58 -31.32 -33.40 6.14
C LEU D 58 -31.02 -34.01 4.76
N ARG D 59 -31.86 -34.95 4.33
CA ARG D 59 -31.76 -35.59 3.01
C ARG D 59 -33.00 -35.27 2.16
N ASP D 60 -32.87 -35.34 0.84
CA ASP D 60 -33.90 -34.94 -0.11
C ASP D 60 -34.98 -36.03 -0.25
N GLY D 61 -34.68 -37.30 -0.05
CA GLY D 61 -35.60 -38.38 -0.47
C GLY D 61 -35.81 -38.36 -1.98
N GLY D 62 -36.86 -39.01 -2.47
CA GLY D 62 -37.11 -39.06 -3.94
C GLY D 62 -36.14 -39.99 -4.67
N ASP D 63 -36.01 -39.88 -5.98
CA ASP D 63 -35.19 -40.89 -6.71
C ASP D 63 -33.69 -40.58 -6.73
N ARG D 64 -33.28 -39.32 -6.89
CA ARG D 64 -31.86 -39.05 -7.12
C ARG D 64 -31.05 -39.72 -5.99
N TYR D 65 -29.98 -40.41 -6.37
CA TYR D 65 -28.97 -40.83 -5.42
C TYR D 65 -29.58 -41.72 -4.34
N GLY D 66 -30.61 -42.49 -4.71
CA GLY D 66 -31.30 -43.38 -3.77
C GLY D 66 -31.89 -42.63 -2.58
N GLY D 67 -32.29 -41.37 -2.77
CA GLY D 67 -32.90 -40.64 -1.70
C GLY D 67 -31.93 -39.81 -0.88
N LYS D 68 -30.64 -39.86 -1.22
CA LYS D 68 -29.67 -39.33 -0.31
C LYS D 68 -29.11 -38.00 -0.82
N GLY D 69 -29.81 -37.36 -1.75
CA GLY D 69 -29.42 -35.98 -2.20
C GLY D 69 -29.42 -34.99 -1.04
N VAL D 70 -28.68 -33.86 -1.16
CA VAL D 70 -28.62 -32.81 -0.14
C VAL D 70 -28.84 -31.44 -0.80
N GLN D 71 -29.56 -31.45 -1.93
CA GLN D 71 -29.96 -30.18 -2.61
C GLN D 71 -30.76 -29.29 -1.66
N LYS D 72 -31.67 -29.87 -0.87
CA LYS D 72 -32.43 -29.03 0.12
C LYS D 72 -31.47 -28.35 1.10
N ALA D 73 -30.45 -29.09 1.54
CA ALA D 73 -29.46 -28.52 2.50
C ALA D 73 -28.66 -27.42 1.81
N VAL D 74 -28.28 -27.66 0.57
CA VAL D 74 -27.57 -26.64 -0.22
C VAL D 74 -28.50 -25.43 -0.35
N GLN D 75 -29.79 -25.65 -0.69
CA GLN D 75 -30.74 -24.52 -0.89
C GLN D 75 -30.92 -23.72 0.42
N ALA D 76 -30.99 -24.41 1.56
CA ALA D 76 -31.02 -23.77 2.90
C ALA D 76 -29.83 -22.82 3.08
N VAL D 77 -28.63 -23.21 2.65
CA VAL D 77 -27.46 -22.34 2.77
C VAL D 77 -27.66 -21.06 1.92
N LEU D 78 -28.05 -21.20 0.64
CA LEU D 78 -28.12 -20.04 -0.26
C LEU D 78 -29.31 -19.14 0.12
N ASP D 79 -30.47 -19.72 0.45
CA ASP D 79 -31.74 -19.01 0.75
C ASP D 79 -31.69 -18.33 2.12
N GLU D 80 -31.29 -19.06 3.16
CA GLU D 80 -31.48 -18.56 4.51
C GLU D 80 -30.16 -18.36 5.23
N ILE D 81 -29.25 -19.35 5.25
CA ILE D 81 -28.06 -19.27 6.16
C ILE D 81 -27.13 -18.12 5.71
N GLY D 82 -26.78 -18.09 4.43
CA GLY D 82 -25.87 -17.08 3.90
C GLY D 82 -26.33 -15.66 4.23
N PRO D 83 -27.56 -15.29 3.78
CA PRO D 83 -28.15 -13.99 4.16
C PRO D 83 -28.02 -13.63 5.65
N ALA D 84 -28.19 -14.60 6.56
CA ALA D 84 -28.14 -14.36 8.05
C ALA D 84 -26.71 -14.08 8.54
N VAL D 85 -25.67 -14.51 7.80
CA VAL D 85 -24.30 -14.41 8.33
C VAL D 85 -23.50 -13.39 7.52
N ILE D 86 -23.93 -13.08 6.31
CA ILE D 86 -23.23 -12.10 5.49
C ILE D 86 -23.19 -10.79 6.29
N GLY D 87 -22.00 -10.22 6.49
CA GLY D 87 -21.90 -8.98 7.25
C GLY D 87 -21.42 -9.19 8.69
N LEU D 88 -21.53 -10.41 9.22
CA LEU D 88 -20.89 -10.69 10.49
C LEU D 88 -19.39 -10.84 10.28
N ASN D 89 -18.65 -10.73 11.39
CA ASN D 89 -17.21 -10.87 11.44
C ASN D 89 -16.87 -12.37 11.63
N ALA D 90 -16.18 -12.96 10.63
CA ALA D 90 -15.86 -14.43 10.61
C ALA D 90 -15.08 -14.81 11.89
N ASP D 91 -14.38 -13.84 12.50
CA ASP D 91 -13.61 -14.12 13.74
C ASP D 91 -14.55 -14.43 14.92
N ASP D 92 -15.80 -13.99 14.88
CA ASP D 92 -16.69 -14.12 16.04
C ASP D 92 -17.42 -15.45 15.92
N GLN D 93 -16.69 -16.55 16.10
CA GLN D 93 -17.25 -17.92 15.90
C GLN D 93 -18.51 -18.07 16.75
N ARG D 94 -18.42 -17.59 17.99
CA ARG D 94 -19.52 -17.82 18.94
C ARG D 94 -20.76 -17.04 18.48
N LEU D 95 -20.59 -15.81 17.98
CA LEU D 95 -21.74 -15.05 17.43
C LEU D 95 -22.28 -15.72 16.16
N VAL D 96 -21.40 -16.22 15.28
CA VAL D 96 -21.90 -16.86 14.05
C VAL D 96 -22.67 -18.13 14.42
N ASP D 97 -22.15 -18.94 15.32
CA ASP D 97 -22.78 -20.25 15.65
C ASP D 97 -24.14 -20.01 16.31
N GLN D 98 -24.19 -18.98 17.18
CA GLN D 98 -25.45 -18.58 17.83
C GLN D 98 -26.46 -18.15 16.75
N ALA D 99 -26.03 -17.29 15.82
CA ALA D 99 -26.88 -16.89 14.68
C ALA D 99 -27.42 -18.14 13.94
N LEU D 100 -26.54 -19.11 13.63
CA LEU D 100 -26.98 -20.33 12.91
C LEU D 100 -28.02 -21.06 13.78
N VAL D 101 -27.71 -21.22 15.06
CA VAL D 101 -28.59 -22.06 15.90
C VAL D 101 -29.96 -21.37 16.03
N ASP D 102 -29.94 -20.03 16.17
CA ASP D 102 -31.19 -19.23 16.29
C ASP D 102 -31.96 -19.24 14.97
N LEU D 103 -31.27 -19.13 13.84
CA LEU D 103 -31.99 -19.15 12.55
C LEU D 103 -32.77 -20.47 12.37
N ASP D 104 -32.19 -21.61 12.70
CA ASP D 104 -32.89 -22.90 12.54
C ASP D 104 -34.09 -22.98 13.50
N GLY D 105 -33.83 -22.73 14.77
CA GLY D 105 -34.87 -22.54 15.76
C GLY D 105 -35.39 -23.84 16.33
N THR D 106 -34.81 -24.97 15.95
CA THR D 106 -35.16 -26.27 16.54
C THR D 106 -33.96 -26.81 17.32
N PRO D 107 -34.20 -27.57 18.42
CA PRO D 107 -33.17 -28.18 19.24
C PRO D 107 -32.23 -29.09 18.43
N ASP D 108 -32.71 -29.85 17.44
CA ASP D 108 -31.82 -30.82 16.74
C ASP D 108 -31.52 -30.42 15.30
N LYS D 109 -31.66 -29.12 15.00
CA LYS D 109 -31.27 -28.55 13.70
C LYS D 109 -32.03 -29.25 12.56
N SER D 110 -33.30 -29.62 12.82
CA SER D 110 -34.15 -30.33 11.85
C SER D 110 -34.77 -29.37 10.82
N ARG D 111 -34.72 -28.06 11.02
CA ARG D 111 -35.37 -27.22 10.05
C ARG D 111 -34.45 -26.97 8.84
N LEU D 112 -33.24 -26.48 9.10
CA LEU D 112 -32.28 -26.21 8.00
C LEU D 112 -31.40 -27.44 7.75
N GLY D 113 -31.21 -28.27 8.78
CA GLY D 113 -30.36 -29.46 8.69
C GLY D 113 -29.04 -29.23 9.38
N GLY D 114 -28.59 -30.17 10.21
CA GLY D 114 -27.26 -30.09 10.82
C GLY D 114 -26.15 -30.05 9.78
N ASN D 115 -26.40 -30.64 8.61
CA ASN D 115 -25.39 -30.63 7.52
C ASN D 115 -25.28 -29.24 6.89
N ALA D 116 -26.42 -28.56 6.72
CA ALA D 116 -26.37 -27.17 6.19
C ALA D 116 -25.70 -26.24 7.21
N ILE D 117 -25.99 -26.43 8.50
CA ILE D 117 -25.46 -25.54 9.48
C ILE D 117 -23.95 -25.81 9.68
N LEU D 118 -23.55 -27.08 9.86
CA LEU D 118 -22.15 -27.33 10.20
C LEU D 118 -21.22 -26.80 9.09
N GLY D 119 -21.59 -27.02 7.83
CA GLY D 119 -20.76 -26.58 6.74
C GLY D 119 -20.44 -25.10 6.81
N VAL D 120 -21.42 -24.27 7.16
CA VAL D 120 -21.19 -22.83 7.24
C VAL D 120 -20.32 -22.57 8.47
N SER D 121 -20.60 -23.29 9.54
CA SER D 121 -19.92 -23.08 10.79
C SER D 121 -18.39 -23.28 10.62
N LEU D 122 -17.97 -24.40 9.96
CA LEU D 122 -16.53 -24.82 9.76
C LEU D 122 -15.83 -23.90 8.75
N ALA D 123 -16.59 -23.58 7.70
CA ALA D 123 -16.11 -22.75 6.60
C ALA D 123 -15.84 -21.32 7.13
N VAL D 124 -16.67 -20.87 8.05
CA VAL D 124 -16.43 -19.54 8.69
C VAL D 124 -15.10 -19.62 9.45
N ALA D 125 -14.89 -20.73 10.18
CA ALA D 125 -13.66 -20.95 10.95
C ALA D 125 -12.42 -21.01 10.03
N LYS D 126 -12.48 -21.77 8.92
CA LYS D 126 -11.37 -21.82 7.97
C LYS D 126 -11.08 -20.42 7.41
N ALA D 127 -12.12 -19.69 7.01
CA ALA D 127 -11.92 -18.35 6.43
C ALA D 127 -11.27 -17.40 7.44
N ALA D 128 -11.72 -17.42 8.70
CA ALA D 128 -11.11 -16.54 9.66
C ALA D 128 -9.63 -16.91 9.77
N ALA D 129 -9.29 -18.20 9.75
CA ALA D 129 -7.86 -18.61 9.93
C ALA D 129 -6.99 -18.13 8.76
N ASP D 130 -7.47 -18.36 7.52
CA ASP D 130 -6.78 -17.97 6.32
C ASP D 130 -6.54 -16.45 6.32
N SER D 131 -7.59 -15.72 6.70
CA SER D 131 -7.60 -14.29 6.81
C SER D 131 -6.46 -13.80 7.75
N ALA D 132 -6.35 -14.39 8.93
CA ALA D 132 -5.28 -14.14 9.92
C ALA D 132 -3.93 -14.72 9.45
N GLU D 133 -3.92 -15.46 8.33
CA GLU D 133 -2.71 -16.15 7.82
C GLU D 133 -2.21 -17.19 8.83
N LEU D 134 -3.13 -17.96 9.40
CA LEU D 134 -2.79 -18.90 10.49
C LEU D 134 -3.29 -20.28 10.06
N PRO D 135 -2.47 -21.31 10.28
CA PRO D 135 -3.02 -22.66 10.10
C PRO D 135 -4.20 -22.84 11.06
N LEU D 136 -5.15 -23.70 10.67
CA LEU D 136 -6.36 -23.84 11.42
C LEU D 136 -6.07 -24.26 12.87
N PHE D 137 -5.12 -25.17 13.11
CA PHE D 137 -4.88 -25.66 14.50
C PHE D 137 -4.56 -24.48 15.42
N ARG D 138 -3.85 -23.48 14.87
CA ARG D 138 -3.36 -22.33 15.64
C ARG D 138 -4.49 -21.30 15.82
N TYR D 139 -5.20 -20.96 14.75
CA TYR D 139 -6.36 -20.10 14.83
C TYR D 139 -7.30 -20.52 15.98
N VAL D 140 -7.72 -21.80 15.97
CA VAL D 140 -8.71 -22.32 16.91
C VAL D 140 -8.04 -22.54 18.28
N GLY D 141 -6.81 -23.04 18.33
CA GLY D 141 -6.27 -23.52 19.61
C GLY D 141 -5.32 -22.50 20.24
N GLY D 142 -4.94 -21.47 19.46
CA GLY D 142 -4.07 -20.38 19.95
C GLY D 142 -2.61 -20.82 20.03
N PRO D 143 -1.73 -19.96 20.63
CA PRO D 143 -0.28 -20.22 20.64
C PRO D 143 0.15 -21.49 21.40
N ASN D 144 -0.65 -21.94 22.36
CA ASN D 144 -0.27 -23.10 23.14
C ASN D 144 -0.64 -24.41 22.39
N ALA D 145 -1.34 -24.38 21.26
CA ALA D 145 -1.69 -25.64 20.54
C ALA D 145 -0.41 -26.33 20.02
N HIS D 146 -0.19 -27.62 20.34
CA HIS D 146 1.11 -28.24 20.05
C HIS D 146 1.13 -29.79 20.17
N ILE D 147 0.08 -30.43 20.71
CA ILE D 147 0.11 -31.91 20.92
C ILE D 147 -0.37 -32.70 19.68
N LEU D 148 0.51 -33.53 19.13
CA LEU D 148 0.18 -34.51 18.05
C LEU D 148 -0.49 -35.72 18.70
N PRO D 149 -1.67 -36.06 18.23
CA PRO D 149 -2.47 -37.13 18.83
C PRO D 149 -1.94 -38.52 18.41
N VAL D 150 -2.17 -39.51 19.27
CA VAL D 150 -1.95 -40.95 18.89
C VAL D 150 -3.00 -41.31 17.81
N PRO D 151 -2.53 -41.82 16.66
CA PRO D 151 -3.56 -42.11 15.68
C PRO D 151 -4.21 -43.48 16.01
N MET D 152 -5.50 -43.50 16.30
CA MET D 152 -6.18 -44.74 16.64
C MET D 152 -6.70 -45.33 15.32
N MET D 153 -6.09 -46.39 14.78
CA MET D 153 -6.30 -46.78 13.39
C MET D 153 -7.16 -48.05 13.30
N ASN D 154 -8.34 -47.88 12.70
CA ASN D 154 -9.33 -48.99 12.51
C ASN D 154 -8.90 -49.88 11.31
N ILE D 155 -8.06 -50.89 11.58
CA ILE D 155 -7.37 -51.66 10.54
C ILE D 155 -8.13 -52.96 10.26
N LEU D 156 -9.12 -53.30 11.09
CA LEU D 156 -10.01 -54.40 10.71
C LEU D 156 -11.43 -53.93 11.06
N ASN D 157 -12.28 -53.84 10.04
CA ASN D 157 -13.61 -53.22 10.06
C ASN D 157 -14.68 -54.33 10.04
N GLY D 158 -15.69 -54.18 10.90
CA GLY D 158 -16.90 -55.00 10.89
C GLY D 158 -18.11 -54.15 11.20
N GLY D 159 -19.10 -54.75 11.86
CA GLY D 159 -20.46 -54.18 12.02
C GLY D 159 -20.95 -53.37 10.81
N ALA D 160 -21.42 -52.16 11.08
CA ALA D 160 -22.11 -51.33 10.11
C ALA D 160 -21.18 -51.03 8.93
N HIS D 161 -19.87 -51.27 9.02
CA HIS D 161 -18.96 -50.57 8.09
C HIS D 161 -18.50 -51.56 7.00
N ALA D 162 -19.09 -52.76 7.01
CA ALA D 162 -18.88 -53.70 5.93
C ALA D 162 -20.09 -54.66 5.89
N ASP D 163 -20.00 -55.68 5.04
CA ASP D 163 -21.08 -56.66 4.83
C ASP D 163 -20.70 -58.05 5.37
N THR D 164 -20.19 -58.14 6.59
CA THR D 164 -19.78 -59.43 7.20
C THR D 164 -20.60 -59.62 8.49
N ALA D 165 -20.42 -60.75 9.18
CA ALA D 165 -21.21 -60.92 10.40
C ALA D 165 -20.37 -60.58 11.63
N VAL D 166 -19.24 -59.87 11.48
CA VAL D 166 -18.41 -59.51 12.68
C VAL D 166 -19.18 -58.46 13.50
N ASP D 167 -19.48 -58.72 14.77
CA ASP D 167 -20.36 -57.80 15.47
C ASP D 167 -19.64 -56.49 15.86
N ILE D 168 -18.38 -56.55 16.23
CA ILE D 168 -17.65 -55.34 16.75
C ILE D 168 -17.38 -54.49 15.51
N GLN D 169 -17.68 -53.21 15.64
CA GLN D 169 -17.53 -52.31 14.50
C GLN D 169 -16.05 -52.04 14.19
N GLU D 170 -15.24 -51.69 15.19
CA GLU D 170 -13.87 -51.26 14.81
C GLU D 170 -12.83 -51.96 15.68
N PHE D 171 -11.76 -52.38 15.00
CA PHE D 171 -10.60 -52.99 15.65
C PHE D 171 -9.39 -52.09 15.39
N MET D 172 -8.98 -51.36 16.43
CA MET D 172 -7.99 -50.33 16.24
C MET D 172 -6.65 -50.72 16.85
N VAL D 173 -5.57 -50.29 16.18
CA VAL D 173 -4.23 -50.28 16.73
C VAL D 173 -3.88 -48.82 17.12
N ALA D 174 -3.12 -48.69 18.20
CA ALA D 174 -2.75 -47.40 18.83
C ALA D 174 -1.25 -47.40 19.09
N PRO D 175 -0.45 -46.74 18.24
CA PRO D 175 1.03 -46.78 18.38
C PRO D 175 1.56 -45.84 19.48
N ILE D 176 1.23 -46.20 20.70
CA ILE D 176 1.52 -45.43 21.89
C ILE D 176 3.04 -45.33 22.15
N GLY D 177 3.86 -46.30 21.76
CA GLY D 177 5.30 -46.27 22.16
C GLY D 177 6.18 -45.52 21.18
N ALA D 178 5.60 -44.93 20.13
CA ALA D 178 6.38 -44.25 19.07
C ALA D 178 6.97 -42.95 19.64
N PRO D 179 8.11 -42.50 19.14
CA PRO D 179 8.67 -41.27 19.77
C PRO D 179 8.05 -39.98 19.23
N SER D 180 7.31 -40.09 18.13
CA SER D 180 6.84 -38.93 17.36
C SER D 180 5.60 -39.34 16.55
N PHE D 181 4.83 -38.36 16.04
CA PHE D 181 3.72 -38.66 15.21
C PHE D 181 4.23 -39.30 13.91
N VAL D 182 5.27 -38.70 13.32
CA VAL D 182 5.78 -39.23 12.05
C VAL D 182 6.15 -40.72 12.18
N GLU D 183 6.73 -41.12 13.32
CA GLU D 183 7.10 -42.52 13.56
C GLU D 183 5.84 -43.33 13.88
N ALA D 184 4.91 -42.75 14.67
CA ALA D 184 3.63 -43.43 14.96
C ALA D 184 2.94 -43.83 13.65
N LEU D 185 2.91 -42.88 12.71
CA LEU D 185 2.25 -43.12 11.42
C LEU D 185 2.82 -44.36 10.71
N ARG D 186 4.15 -44.39 10.54
CA ARG D 186 4.88 -45.54 9.91
C ARG D 186 4.58 -46.83 10.68
N TRP D 187 4.59 -46.77 12.00
CA TRP D 187 4.30 -47.97 12.75
C TRP D 187 2.91 -48.49 12.38
N GLY D 188 1.89 -47.60 12.36
CA GLY D 188 0.53 -48.04 12.08
C GLY D 188 0.41 -48.53 10.65
N ALA D 189 1.11 -47.87 9.71
CA ALA D 189 1.13 -48.34 8.29
C ALA D 189 1.81 -49.72 8.16
N GLU D 190 2.93 -49.92 8.89
CA GLU D 190 3.69 -51.20 8.83
C GLU D 190 2.84 -52.39 9.36
N VAL D 191 2.12 -52.16 10.47
CA VAL D 191 1.20 -53.15 11.05
C VAL D 191 0.02 -53.39 10.11
N TYR D 192 -0.49 -52.35 9.49
CA TYR D 192 -1.56 -52.49 8.53
C TYR D 192 -1.11 -53.40 7.38
N HIS D 193 0.07 -53.15 6.82
CA HIS D 193 0.51 -54.00 5.68
C HIS D 193 0.87 -55.41 6.17
N ALA D 194 1.41 -55.53 7.37
CA ALA D 194 1.63 -56.85 7.96
C ALA D 194 0.26 -57.57 8.14
N LEU D 195 -0.82 -56.84 8.54
CA LEU D 195 -2.14 -57.50 8.71
C LEU D 195 -2.61 -58.06 7.35
N LYS D 196 -2.43 -57.28 6.30
CA LYS D 196 -2.84 -57.73 4.98
C LYS D 196 -2.15 -59.05 4.65
N SER D 197 -0.86 -59.15 4.94
CA SER D 197 -0.17 -60.36 4.52
C SER D 197 -0.53 -61.59 5.39
N VAL D 198 -0.86 -61.35 6.65
CA VAL D 198 -1.38 -62.35 7.56
C VAL D 198 -2.71 -62.88 7.05
N LEU D 199 -3.62 -61.98 6.65
CA LEU D 199 -4.95 -62.35 6.13
C LEU D 199 -4.82 -63.19 4.84
N LYS D 200 -3.95 -62.81 3.92
CA LYS D 200 -3.76 -63.57 2.71
C LYS D 200 -3.27 -64.97 3.05
N LYS D 201 -2.32 -65.08 3.97
CA LYS D 201 -1.80 -66.37 4.42
C LYS D 201 -2.97 -67.22 4.98
N GLU D 202 -3.84 -66.64 5.78
CA GLU D 202 -4.94 -67.39 6.35
C GLU D 202 -6.06 -67.59 5.31
N GLY D 203 -5.89 -67.12 4.08
CA GLY D 203 -7.01 -67.19 3.12
C GLY D 203 -8.19 -66.34 3.54
N LEU D 204 -7.95 -65.24 4.25
CA LEU D 204 -9.05 -64.41 4.62
C LEU D 204 -9.12 -63.16 3.72
N SER D 205 -10.30 -62.54 3.60
CA SER D 205 -10.53 -61.45 2.65
C SER D 205 -9.71 -60.19 3.02
N THR D 206 -9.09 -59.60 2.00
CA THR D 206 -8.38 -58.34 2.18
C THR D 206 -9.19 -57.19 1.53
N GLY D 207 -10.40 -57.45 1.03
CA GLY D 207 -11.24 -56.37 0.58
C GLY D 207 -11.45 -55.35 1.69
N LEU D 208 -11.53 -54.05 1.37
CA LEU D 208 -11.69 -52.99 2.44
C LEU D 208 -13.14 -52.71 2.80
N GLY D 209 -13.39 -52.53 4.09
CA GLY D 209 -14.57 -51.92 4.55
C GLY D 209 -14.50 -50.40 4.44
N ASP D 210 -15.51 -49.74 4.97
CA ASP D 210 -15.79 -48.32 4.68
C ASP D 210 -14.67 -47.40 5.15
N GLU D 211 -13.94 -47.82 6.20
CA GLU D 211 -12.94 -47.00 6.85
C GLU D 211 -11.51 -47.44 6.47
N GLY D 212 -11.36 -48.33 5.48
CA GLY D 212 -10.05 -48.69 4.95
C GLY D 212 -9.46 -49.89 5.66
N GLY D 213 -10.14 -50.37 6.70
CA GLY D 213 -9.69 -51.54 7.37
C GLY D 213 -10.08 -52.78 6.56
N PHE D 214 -9.27 -53.85 6.64
CA PHE D 214 -9.71 -55.10 5.97
C PHE D 214 -11.04 -55.55 6.57
N ALA D 215 -11.86 -56.18 5.73
CA ALA D 215 -13.16 -56.72 6.22
C ALA D 215 -13.29 -58.26 6.03
N PRO D 216 -12.35 -59.07 6.60
CA PRO D 216 -12.46 -60.53 6.62
C PRO D 216 -13.66 -60.95 7.48
N ASP D 217 -14.34 -62.05 7.13
CA ASP D 217 -15.49 -62.49 7.98
C ASP D 217 -14.98 -63.48 9.04
N VAL D 218 -14.36 -62.94 10.09
CA VAL D 218 -13.68 -63.81 11.05
C VAL D 218 -14.72 -64.35 12.05
N ALA D 219 -14.31 -65.34 12.85
CA ALA D 219 -15.26 -66.06 13.68
C ALA D 219 -15.82 -65.15 14.78
N GLY D 220 -15.05 -64.14 15.19
CA GLY D 220 -15.48 -63.25 16.28
C GLY D 220 -14.35 -62.38 16.81
N THR D 221 -14.58 -61.80 17.98
CA THR D 221 -13.73 -60.68 18.48
C THR D 221 -12.29 -61.16 18.74
N THR D 222 -12.13 -62.32 19.38
CA THR D 222 -10.78 -62.74 19.78
C THR D 222 -9.97 -63.21 18.56
N ALA D 223 -10.66 -63.76 17.55
CA ALA D 223 -10.04 -64.17 16.29
C ALA D 223 -9.42 -62.92 15.63
N ALA D 224 -10.19 -61.86 15.54
CA ALA D 224 -9.74 -60.53 15.03
C ALA D 224 -8.51 -59.99 15.79
N LEU D 225 -8.61 -59.94 17.11
CA LEU D 225 -7.55 -59.41 17.94
C LEU D 225 -6.29 -60.25 17.79
N ASP D 226 -6.42 -61.59 17.67
CA ASP D 226 -5.26 -62.46 17.52
C ASP D 226 -4.59 -62.15 16.18
N LEU D 227 -5.37 -61.92 15.14
CA LEU D 227 -4.80 -61.62 13.83
C LEU D 227 -4.07 -60.26 13.89
N ILE D 228 -4.64 -59.29 14.58
CA ILE D 228 -3.96 -57.96 14.74
C ILE D 228 -2.68 -58.11 15.58
N SER D 229 -2.70 -58.84 16.71
CA SER D 229 -1.46 -59.07 17.49
C SER D 229 -0.36 -59.69 16.62
N ARG D 230 -0.74 -60.73 15.87
CA ARG D 230 0.20 -61.34 14.91
C ARG D 230 0.79 -60.26 13.98
N ALA D 231 -0.06 -59.42 13.42
CA ALA D 231 0.42 -58.37 12.51
C ALA D 231 1.42 -57.48 13.26
N ILE D 232 1.14 -57.15 14.53
CA ILE D 232 2.00 -56.20 15.22
C ILE D 232 3.39 -56.84 15.32
N GLU D 233 3.40 -58.12 15.72
CA GLU D 233 4.67 -58.83 15.90
C GLU D 233 5.37 -59.02 14.55
N SER D 234 4.61 -59.30 13.50
CA SER D 234 5.20 -59.51 12.19
C SER D 234 5.90 -58.21 11.76
N ALA D 235 5.42 -57.05 12.19
CA ALA D 235 6.07 -55.78 11.83
C ALA D 235 7.28 -55.48 12.73
N GLY D 236 7.69 -56.38 13.62
CA GLY D 236 8.85 -56.13 14.51
C GLY D 236 8.52 -55.28 15.73
N LEU D 237 7.24 -55.15 16.11
CA LEU D 237 6.85 -54.24 17.22
C LEU D 237 6.26 -55.07 18.36
N ARG D 238 6.24 -54.51 19.57
CA ARG D 238 5.72 -55.23 20.73
C ARG D 238 4.27 -54.83 20.98
N PRO D 239 3.32 -55.81 21.07
CA PRO D 239 1.94 -55.50 21.42
C PRO D 239 1.94 -54.86 22.82
N GLY D 240 1.19 -53.78 23.04
CA GLY D 240 1.22 -53.11 24.37
C GLY D 240 2.23 -51.96 24.39
N ALA D 241 3.48 -52.27 24.75
CA ALA D 241 4.58 -51.33 24.87
C ALA D 241 4.77 -50.50 23.60
N ASP D 242 4.69 -51.10 22.41
CA ASP D 242 4.82 -50.34 21.14
C ASP D 242 3.46 -49.96 20.56
N VAL D 243 2.63 -50.97 20.26
CA VAL D 243 1.32 -50.76 19.60
C VAL D 243 0.26 -51.49 20.43
N ALA D 244 -0.66 -50.72 21.00
CA ALA D 244 -1.73 -51.28 21.80
C ALA D 244 -2.99 -51.44 20.93
N LEU D 245 -4.07 -51.93 21.53
CA LEU D 245 -5.28 -52.24 20.80
C LEU D 245 -6.41 -51.41 21.39
N ALA D 246 -7.38 -51.05 20.55
CA ALA D 246 -8.61 -50.45 21.04
C ALA D 246 -9.81 -50.98 20.24
N LEU D 247 -11.00 -50.78 20.80
CA LEU D 247 -12.21 -51.27 20.20
C LEU D 247 -13.24 -50.13 20.19
N ASP D 248 -14.09 -50.20 19.17
CA ASP D 248 -15.39 -49.56 19.15
C ASP D 248 -16.43 -50.63 18.84
N ALA D 249 -17.13 -51.04 19.88
CA ALA D 249 -18.15 -52.07 19.78
C ALA D 249 -19.39 -51.55 19.04
N ALA D 250 -19.63 -50.23 19.03
CA ALA D 250 -20.89 -49.67 18.49
C ALA D 250 -22.08 -50.54 18.93
N ALA D 251 -22.13 -50.84 20.23
CA ALA D 251 -23.04 -51.84 20.77
C ALA D 251 -24.51 -51.48 20.51
N THR D 252 -24.85 -50.19 20.37
CA THR D 252 -26.22 -49.80 19.99
C THR D 252 -26.67 -50.60 18.73
N GLU D 253 -25.73 -50.93 17.83
CA GLU D 253 -26.08 -51.60 16.58
C GLU D 253 -26.44 -53.09 16.82
N PHE D 254 -26.05 -53.70 17.96
CA PHE D 254 -26.47 -55.11 18.25
C PHE D 254 -27.33 -55.23 19.53
N PHE D 255 -27.91 -54.11 19.96
CA PHE D 255 -28.85 -54.12 21.08
C PHE D 255 -30.27 -53.99 20.52
N THR D 256 -31.18 -54.81 21.00
CA THR D 256 -32.61 -54.59 20.77
C THR D 256 -33.28 -54.44 22.13
N ASP D 257 -33.90 -53.26 22.32
CA ASP D 257 -34.61 -52.89 23.55
C ASP D 257 -35.59 -54.00 23.91
N GLY D 258 -35.52 -54.50 25.15
CA GLY D 258 -36.43 -55.52 25.65
C GLY D 258 -35.87 -56.92 25.49
N THR D 259 -34.90 -57.10 24.60
CA THR D 259 -34.28 -58.44 24.37
C THR D 259 -32.86 -58.49 24.95
N GLY D 260 -32.08 -57.45 24.71
CA GLY D 260 -30.71 -57.42 25.18
C GLY D 260 -29.71 -57.26 24.05
N TYR D 261 -28.47 -57.60 24.38
CA TYR D 261 -27.34 -57.49 23.46
C TYR D 261 -27.21 -58.81 22.70
N VAL D 262 -27.42 -58.76 21.39
CA VAL D 262 -27.36 -59.95 20.59
C VAL D 262 -25.94 -60.02 20.02
N PHE D 263 -25.12 -60.90 20.62
CA PHE D 263 -23.68 -60.74 20.47
C PHE D 263 -22.96 -62.09 20.37
N GLU D 264 -22.34 -62.34 19.21
CA GLU D 264 -21.53 -63.53 18.96
C GLU D 264 -22.31 -64.81 19.37
N GLY D 265 -23.54 -64.91 18.92
CA GLY D 265 -24.30 -66.17 18.98
C GLY D 265 -25.10 -66.36 20.26
N THR D 266 -25.03 -65.42 21.21
CA THR D 266 -25.88 -65.53 22.42
C THR D 266 -26.58 -64.19 22.66
N THR D 267 -27.49 -64.16 23.65
CA THR D 267 -28.18 -62.90 24.05
C THR D 267 -27.72 -62.54 25.46
N ARG D 268 -27.28 -61.30 25.64
CA ARG D 268 -26.56 -61.00 26.84
C ARG D 268 -27.06 -59.70 27.46
N THR D 269 -27.02 -59.71 28.79
CA THR D 269 -27.27 -58.52 29.61
C THR D 269 -26.01 -57.65 29.56
N ALA D 270 -26.20 -56.39 29.99
CA ALA D 270 -25.15 -55.41 30.03
C ALA D 270 -24.02 -55.97 30.90
N ASP D 271 -24.43 -56.65 31.96
CA ASP D 271 -23.50 -57.27 32.87
C ASP D 271 -22.67 -58.36 32.18
N GLN D 272 -23.29 -59.21 31.39
CA GLN D 272 -22.55 -60.27 30.69
C GLN D 272 -21.58 -59.65 29.66
N MET D 273 -21.96 -58.52 29.07
CA MET D 273 -21.08 -57.83 28.11
C MET D 273 -19.88 -57.27 28.87
N THR D 274 -20.17 -56.72 30.06
CA THR D 274 -19.10 -56.22 30.91
C THR D 274 -18.10 -57.33 31.20
N GLU D 275 -18.61 -58.52 31.56
CA GLU D 275 -17.75 -59.70 31.82
C GLU D 275 -16.94 -60.03 30.56
N PHE D 276 -17.59 -59.97 29.40
CA PHE D 276 -16.83 -60.26 28.16
C PHE D 276 -15.68 -59.26 28.02
N TYR D 277 -15.97 -57.97 28.16
CA TYR D 277 -14.96 -56.95 27.99
C TYR D 277 -13.82 -57.15 29.00
N ALA D 278 -14.18 -57.47 30.26
CA ALA D 278 -13.17 -57.64 31.31
C ALA D 278 -12.27 -58.81 30.94
N GLY D 279 -12.86 -59.85 30.33
CA GLY D 279 -12.09 -60.93 29.84
C GLY D 279 -11.10 -60.49 28.77
N LEU D 280 -11.55 -59.61 27.86
CA LEU D 280 -10.65 -59.13 26.81
C LEU D 280 -9.52 -58.35 27.48
N LEU D 281 -9.88 -57.52 28.50
CA LEU D 281 -8.86 -56.71 29.20
C LEU D 281 -7.72 -57.61 29.71
N GLY D 282 -8.08 -58.79 30.23
CA GLY D 282 -7.09 -59.66 30.87
C GLY D 282 -6.20 -60.33 29.84
N ALA D 283 -6.71 -60.54 28.62
CA ALA D 283 -6.02 -61.36 27.61
C ALA D 283 -5.29 -60.49 26.57
N TYR D 284 -5.51 -59.16 26.54
CA TYR D 284 -4.92 -58.39 25.45
C TYR D 284 -4.58 -56.97 25.90
N PRO D 285 -3.58 -56.37 25.25
CA PRO D 285 -3.11 -55.02 25.60
C PRO D 285 -4.08 -53.91 25.17
N LEU D 286 -5.27 -53.86 25.77
CA LEU D 286 -6.32 -52.92 25.33
C LEU D 286 -6.16 -51.59 26.07
N VAL D 287 -6.19 -50.48 25.32
CA VAL D 287 -6.11 -49.15 25.98
C VAL D 287 -7.48 -48.46 25.97
N SER D 288 -8.43 -48.93 25.17
CA SER D 288 -9.65 -48.12 25.02
C SER D 288 -10.77 -48.97 24.39
N ILE D 289 -11.98 -48.79 24.96
CA ILE D 289 -13.18 -49.42 24.47
C ILE D 289 -14.28 -48.36 24.33
N GLU D 290 -14.78 -48.21 23.10
CA GLU D 290 -15.82 -47.22 22.77
C GLU D 290 -17.16 -47.94 22.66
N ASP D 291 -18.25 -47.28 23.10
CA ASP D 291 -19.65 -47.77 23.07
C ASP D 291 -19.74 -49.27 23.36
N PRO D 292 -19.24 -49.70 24.53
CA PRO D 292 -19.33 -51.13 24.95
C PRO D 292 -20.79 -51.51 25.13
N LEU D 293 -21.62 -50.48 25.32
CA LEU D 293 -23.02 -50.73 25.62
C LEU D 293 -23.85 -49.73 24.83
N SER D 294 -25.16 -49.90 24.86
CA SER D 294 -26.10 -49.19 23.98
C SER D 294 -26.28 -47.72 24.40
N GLU D 295 -26.86 -46.92 23.51
CA GLU D 295 -26.86 -45.45 23.62
C GLU D 295 -27.66 -44.90 24.82
N ASP D 296 -28.60 -45.66 25.35
CA ASP D 296 -29.45 -45.17 26.44
C ASP D 296 -29.42 -46.16 27.62
N ASP D 297 -28.51 -47.12 27.59
CA ASP D 297 -28.41 -48.10 28.65
C ASP D 297 -27.62 -47.51 29.82
N TRP D 298 -28.12 -46.42 30.39
CA TRP D 298 -27.37 -45.63 31.34
C TRP D 298 -26.94 -46.49 32.56
N ASP D 299 -27.84 -47.32 33.05
CA ASP D 299 -27.50 -48.16 34.22
C ASP D 299 -26.35 -49.12 33.87
N GLY D 300 -26.43 -49.73 32.67
CA GLY D 300 -25.35 -50.63 32.23
C GLY D 300 -24.01 -49.92 32.12
N TRP D 301 -23.97 -48.73 31.53
CA TRP D 301 -22.72 -48.00 31.42
C TRP D 301 -22.16 -47.72 32.81
N ALA D 302 -23.04 -47.21 33.68
CA ALA D 302 -22.66 -46.96 35.10
C ALA D 302 -21.96 -48.19 35.72
N ALA D 303 -22.60 -49.33 35.70
CA ALA D 303 -21.98 -50.55 36.32
C ALA D 303 -20.68 -50.95 35.59
N LEU D 304 -20.68 -50.88 34.26
CA LEU D 304 -19.48 -51.26 33.53
C LEU D 304 -18.36 -50.27 33.85
N THR D 305 -18.66 -48.99 33.82
CA THR D 305 -17.65 -48.02 34.11
C THR D 305 -17.07 -48.25 35.52
N ALA D 306 -17.89 -48.61 36.49
CA ALA D 306 -17.36 -48.78 37.88
C ALA D 306 -16.54 -50.08 37.91
N SER D 307 -16.92 -51.02 37.05
CA SER D 307 -16.26 -52.31 37.03
C SER D 307 -14.90 -52.30 36.30
N ILE D 308 -14.73 -51.60 35.16
CA ILE D 308 -13.50 -51.75 34.38
C ILE D 308 -12.87 -50.39 34.06
N GLY D 309 -13.56 -49.29 34.39
CA GLY D 309 -13.15 -47.94 33.98
C GLY D 309 -11.85 -47.46 34.60
N ASP D 310 -11.42 -48.06 35.72
CA ASP D 310 -10.08 -47.81 36.29
C ASP D 310 -8.99 -48.50 35.46
N ARG D 311 -9.30 -49.58 34.74
CA ARG D 311 -8.28 -50.36 34.03
C ARG D 311 -8.19 -49.96 32.54
N VAL D 312 -9.14 -49.23 31.99
CA VAL D 312 -9.15 -48.98 30.53
C VAL D 312 -10.02 -47.73 30.27
N GLN D 313 -9.64 -46.99 29.24
CA GLN D 313 -10.45 -45.87 28.84
C GLN D 313 -11.75 -46.43 28.24
N ILE D 314 -12.87 -45.79 28.66
CA ILE D 314 -14.24 -46.09 28.23
C ILE D 314 -14.81 -44.84 27.54
N VAL D 315 -15.06 -44.96 26.22
CA VAL D 315 -15.37 -43.83 25.36
C VAL D 315 -16.88 -43.85 25.07
N GLY D 316 -17.58 -42.76 25.38
CA GLY D 316 -18.95 -42.58 24.97
C GLY D 316 -19.01 -41.96 23.57
N ASP D 317 -19.74 -42.62 22.66
CA ASP D 317 -20.01 -42.01 21.33
C ASP D 317 -21.53 -41.78 21.15
N ASP D 318 -22.26 -42.85 20.81
CA ASP D 318 -23.68 -42.74 20.55
C ASP D 318 -24.42 -42.31 21.84
N ILE D 319 -23.88 -42.67 23.00
CA ILE D 319 -24.47 -42.27 24.32
C ILE D 319 -24.38 -40.74 24.50
N PHE D 320 -23.33 -40.07 24.00
CA PHE D 320 -23.14 -38.62 24.30
C PHE D 320 -23.45 -37.71 23.10
N VAL D 321 -23.35 -38.26 21.88
CA VAL D 321 -23.50 -37.52 20.58
C VAL D 321 -22.94 -36.08 20.64
N THR D 322 -21.72 -35.93 21.15
CA THR D 322 -21.01 -34.60 21.14
C THR D 322 -21.96 -33.53 21.70
N ASN D 323 -22.79 -33.91 22.67
CA ASN D 323 -23.87 -33.04 23.09
C ASN D 323 -23.72 -32.72 24.59
N PRO D 324 -23.39 -31.48 24.97
CA PRO D 324 -23.16 -31.00 26.38
C PRO D 324 -24.21 -31.50 27.38
N GLU D 325 -25.44 -31.56 26.90
CA GLU D 325 -26.57 -31.96 27.72
C GLU D 325 -26.46 -33.45 28.07
N ARG D 326 -26.12 -34.26 27.08
CA ARG D 326 -26.02 -35.71 27.29
C ARG D 326 -24.73 -35.99 28.07
N LEU D 327 -23.63 -35.29 27.75
CA LEU D 327 -22.38 -35.57 28.44
C LEU D 327 -22.53 -35.18 29.93
N GLU D 328 -23.14 -34.03 30.20
CA GLU D 328 -23.32 -33.58 31.61
C GLU D 328 -24.06 -34.66 32.41
N GLU D 329 -25.09 -35.25 31.83
CA GLU D 329 -25.80 -36.41 32.46
C GLU D 329 -24.84 -37.59 32.68
N GLY D 330 -23.99 -37.94 31.70
CA GLY D 330 -23.04 -39.07 31.86
C GLY D 330 -22.02 -38.84 32.99
N ILE D 331 -21.53 -37.62 33.07
CA ILE D 331 -20.60 -37.26 34.10
C ILE D 331 -21.29 -37.44 35.47
N GLU D 332 -22.45 -36.82 35.68
CA GLU D 332 -23.17 -36.97 36.96
C GLU D 332 -23.31 -38.45 37.35
N ARG D 333 -23.51 -39.34 36.37
CA ARG D 333 -23.92 -40.73 36.69
C ARG D 333 -22.71 -41.68 36.70
N GLY D 334 -21.51 -41.16 36.52
CA GLY D 334 -20.33 -42.03 36.43
C GLY D 334 -20.35 -42.88 35.17
N VAL D 335 -20.72 -42.27 34.04
CA VAL D 335 -20.87 -43.03 32.78
C VAL D 335 -19.70 -42.69 31.85
N ALA D 336 -18.85 -43.69 31.54
CA ALA D 336 -17.65 -43.52 30.65
C ALA D 336 -16.56 -42.68 31.32
N ASN D 337 -15.40 -42.57 30.67
CA ASN D 337 -14.33 -41.68 31.17
C ASN D 337 -13.71 -40.91 30.00
N ALA D 338 -14.37 -40.99 28.84
CA ALA D 338 -13.92 -40.23 27.65
C ALA D 338 -15.11 -39.97 26.71
N LEU D 339 -14.95 -38.91 25.91
CA LEU D 339 -15.92 -38.43 24.94
C LEU D 339 -15.35 -38.59 23.52
N LEU D 340 -16.13 -39.21 22.62
CA LEU D 340 -15.79 -39.14 21.18
C LEU D 340 -16.34 -37.83 20.61
N VAL D 341 -15.53 -37.10 19.87
CA VAL D 341 -15.92 -35.81 19.42
C VAL D 341 -16.14 -35.82 17.91
N LYS D 342 -17.39 -35.61 17.52
CA LYS D 342 -17.79 -35.50 16.14
C LYS D 342 -18.53 -34.18 15.96
N VAL D 343 -17.94 -33.29 15.17
CA VAL D 343 -18.53 -32.01 14.91
C VAL D 343 -19.94 -32.22 14.35
N ASN D 344 -20.18 -33.27 13.52
CA ASN D 344 -21.49 -33.35 12.81
C ASN D 344 -22.56 -34.03 13.68
N GLN D 345 -22.16 -34.53 14.84
CA GLN D 345 -23.16 -35.04 15.78
C GLN D 345 -23.88 -33.88 16.48
N ILE D 346 -23.26 -32.69 16.54
CA ILE D 346 -23.91 -31.54 17.26
C ILE D 346 -24.21 -30.37 16.30
N GLY D 347 -23.32 -30.08 15.35
CA GLY D 347 -23.76 -29.27 14.19
C GLY D 347 -23.08 -27.91 14.11
N THR D 348 -22.39 -27.50 15.15
CA THR D 348 -21.57 -26.24 15.05
C THR D 348 -20.15 -26.46 15.66
N LEU D 349 -19.16 -25.65 15.27
CA LEU D 349 -17.86 -25.74 15.94
C LEU D 349 -17.97 -25.29 17.41
N THR D 350 -18.71 -24.21 17.66
CA THR D 350 -18.88 -23.68 19.03
C THR D 350 -19.42 -24.75 19.99
N GLU D 351 -20.52 -25.37 19.66
CA GLU D 351 -21.09 -26.38 20.55
C GLU D 351 -20.16 -27.60 20.68
N THR D 352 -19.40 -27.93 19.63
CA THR D 352 -18.37 -28.99 19.75
C THR D 352 -17.37 -28.56 20.84
N LEU D 353 -16.83 -27.33 20.72
CA LEU D 353 -15.80 -26.83 21.70
C LEU D 353 -16.38 -26.85 23.13
N ASP D 354 -17.69 -26.63 23.25
CA ASP D 354 -18.33 -26.61 24.58
C ASP D 354 -18.41 -28.03 25.15
N ALA D 355 -18.68 -29.03 24.31
CA ALA D 355 -18.65 -30.44 24.77
C ALA D 355 -17.23 -30.79 25.26
N VAL D 356 -16.24 -30.36 24.48
CA VAL D 356 -14.86 -30.66 24.84
C VAL D 356 -14.57 -30.06 26.23
N THR D 357 -14.88 -28.78 26.40
CA THR D 357 -14.64 -28.04 27.63
C THR D 357 -15.29 -28.74 28.83
N LEU D 358 -16.54 -29.11 28.66
CA LEU D 358 -17.24 -29.79 29.69
C LEU D 358 -16.56 -31.12 30.02
N ALA D 359 -16.13 -31.87 29.00
CA ALA D 359 -15.40 -33.13 29.24
C ALA D 359 -14.08 -32.79 29.93
N HIS D 360 -13.30 -31.91 29.30
CA HIS D 360 -11.91 -31.62 29.72
C HIS D 360 -11.90 -31.17 31.18
N HIS D 361 -12.73 -30.18 31.46
CA HIS D 361 -12.77 -29.65 32.82
C HIS D 361 -13.29 -30.72 33.79
N GLY D 362 -13.89 -31.81 33.29
CA GLY D 362 -14.48 -32.89 34.19
C GLY D 362 -13.57 -34.13 34.26
N GLY D 363 -12.32 -33.93 33.83
CA GLY D 363 -11.31 -34.98 33.78
C GLY D 363 -11.61 -36.10 32.77
N TYR D 364 -12.54 -35.92 31.84
CA TYR D 364 -12.78 -36.91 30.74
C TYR D 364 -11.79 -36.63 29.61
N ARG D 365 -11.22 -37.69 29.05
CA ARG D 365 -10.40 -37.58 27.86
C ARG D 365 -11.29 -37.31 26.63
N THR D 366 -10.69 -36.82 25.55
CA THR D 366 -11.43 -36.66 24.29
C THR D 366 -10.68 -37.33 23.14
N MET D 367 -11.45 -37.80 22.15
CA MET D 367 -10.89 -38.36 20.93
C MET D 367 -11.68 -37.78 19.77
N ILE D 368 -11.05 -36.86 19.03
CA ILE D 368 -11.60 -36.35 17.80
C ILE D 368 -11.77 -37.50 16.79
N SER D 369 -12.92 -37.52 16.12
CA SER D 369 -13.32 -38.62 15.23
C SER D 369 -13.78 -38.15 13.85
N HIS D 370 -13.40 -38.92 12.82
CA HIS D 370 -14.10 -38.92 11.50
C HIS D 370 -15.53 -39.48 11.61
N ARG D 371 -16.27 -39.44 10.49
CA ARG D 371 -17.41 -40.37 10.30
C ARG D 371 -17.03 -41.42 9.27
N SER D 372 -17.85 -42.47 9.18
CA SER D 372 -17.54 -43.54 8.24
C SER D 372 -17.68 -43.05 6.80
N GLY D 373 -18.49 -42.00 6.61
CA GLY D 373 -18.49 -41.30 5.33
C GLY D 373 -17.70 -40.01 5.41
N GLU D 374 -16.46 -39.99 4.87
CA GLU D 374 -15.61 -38.82 4.99
C GLU D 374 -15.41 -38.19 3.62
N THR D 375 -14.69 -37.06 3.60
CA THR D 375 -14.29 -36.44 2.37
C THR D 375 -12.79 -36.17 2.44
N GLU D 376 -12.28 -35.55 1.36
CA GLU D 376 -10.91 -35.08 1.31
C GLU D 376 -10.66 -33.90 2.30
N ASP D 377 -11.69 -33.42 3.02
CA ASP D 377 -11.51 -32.40 4.08
C ASP D 377 -10.59 -32.95 5.17
N THR D 378 -9.68 -32.07 5.66
CA THR D 378 -8.73 -32.51 6.66
C THR D 378 -8.87 -31.75 7.98
N MET D 379 -10.00 -31.07 8.19
CA MET D 379 -10.18 -30.14 9.33
CA MET D 379 -10.07 -30.12 9.33
C MET D 379 -9.97 -30.86 10.67
N ILE D 380 -10.35 -32.14 10.75
CA ILE D 380 -10.32 -32.82 12.08
C ILE D 380 -8.87 -33.00 12.56
N ALA D 381 -7.93 -33.03 11.62
CA ALA D 381 -6.52 -33.19 11.97
C ALA D 381 -6.12 -31.91 12.75
N ASP D 382 -6.46 -30.76 12.19
CA ASP D 382 -6.12 -29.47 12.86
C ASP D 382 -6.89 -29.35 14.17
N LEU D 383 -8.13 -29.82 14.15
CA LEU D 383 -8.96 -29.67 15.33
C LEU D 383 -8.36 -30.48 16.48
N ALA D 384 -7.85 -31.70 16.22
CA ALA D 384 -7.31 -32.53 17.31
C ALA D 384 -6.12 -31.83 17.99
N VAL D 385 -5.28 -31.15 17.19
CA VAL D 385 -4.11 -30.46 17.71
C VAL D 385 -4.57 -29.21 18.48
N ALA D 386 -5.49 -28.44 17.87
CA ALA D 386 -6.08 -27.25 18.48
C ALA D 386 -6.61 -27.60 19.88
N ILE D 387 -7.17 -28.78 20.09
CA ILE D 387 -7.80 -28.95 21.41
C ILE D 387 -6.91 -29.78 22.34
N GLY D 388 -5.80 -30.32 21.85
CA GLY D 388 -4.87 -31.01 22.73
C GLY D 388 -5.34 -32.41 23.13
N SER D 389 -6.25 -33.00 22.38
CA SER D 389 -6.82 -34.32 22.77
C SER D 389 -5.73 -35.37 23.02
N GLY D 390 -4.65 -35.37 22.23
CA GLY D 390 -3.71 -36.47 22.33
C GLY D 390 -4.24 -37.75 21.66
N GLN D 391 -5.50 -37.79 21.16
CA GLN D 391 -6.15 -39.00 20.54
C GLN D 391 -6.98 -38.58 19.31
N ILE D 392 -6.77 -39.22 18.15
CA ILE D 392 -7.65 -38.98 16.99
C ILE D 392 -8.02 -40.35 16.39
N LYS D 393 -9.21 -40.45 15.86
CA LYS D 393 -9.69 -41.65 15.24
C LYS D 393 -10.14 -41.27 13.81
N THR D 394 -9.39 -41.62 12.78
CA THR D 394 -9.74 -41.12 11.44
C THR D 394 -9.39 -42.15 10.38
N GLY D 395 -9.32 -43.43 10.77
CA GLY D 395 -9.29 -44.54 9.82
C GLY D 395 -8.00 -45.39 9.80
N ALA D 396 -8.13 -46.51 9.09
CA ALA D 396 -6.95 -47.29 8.70
C ALA D 396 -6.04 -46.38 7.84
N PRO D 397 -4.73 -46.70 7.72
CA PRO D 397 -3.92 -45.83 6.86
C PRO D 397 -4.07 -46.24 5.39
N ALA D 398 -5.30 -46.28 4.91
CA ALA D 398 -5.59 -46.56 3.45
C ALA D 398 -6.91 -45.84 3.16
N ARG D 399 -7.14 -45.51 1.88
CA ARG D 399 -8.25 -44.65 1.44
C ARG D 399 -7.93 -43.21 1.86
N SER D 400 -7.80 -42.32 0.88
CA SER D 400 -7.30 -40.98 1.18
C SER D 400 -8.23 -40.09 1.99
N GLU D 401 -9.50 -40.46 2.14
CA GLU D 401 -10.34 -39.71 3.05
C GLU D 401 -9.87 -39.91 4.49
N ARG D 402 -9.13 -40.99 4.71
CA ARG D 402 -8.50 -41.29 5.98
C ARG D 402 -7.08 -40.72 5.92
N VAL D 403 -6.37 -41.10 4.88
CA VAL D 403 -4.95 -40.82 4.83
C VAL D 403 -4.69 -39.30 4.72
N ALA D 404 -5.53 -38.54 4.03
CA ALA D 404 -5.30 -37.05 3.95
C ALA D 404 -5.23 -36.43 5.36
N LYS D 405 -5.98 -36.98 6.34
CA LYS D 405 -5.92 -36.49 7.74
C LYS D 405 -4.51 -36.77 8.31
N TYR D 406 -3.99 -37.98 8.08
CA TYR D 406 -2.61 -38.32 8.60
C TYR D 406 -1.55 -37.46 7.93
N ASN D 407 -1.69 -37.20 6.62
CA ASN D 407 -0.71 -36.39 5.91
C ASN D 407 -0.71 -34.96 6.49
N GLN D 408 -1.92 -34.49 6.86
CA GLN D 408 -2.09 -33.12 7.39
C GLN D 408 -1.44 -33.06 8.78
N LEU D 409 -1.52 -34.14 9.55
CA LEU D 409 -0.81 -34.19 10.86
C LEU D 409 0.73 -34.19 10.66
N LEU D 410 1.25 -34.89 9.63
CA LEU D 410 2.66 -34.75 9.32
C LEU D 410 2.98 -33.26 9.13
N ARG D 411 2.14 -32.55 8.36
CA ARG D 411 2.48 -31.13 8.00
C ARG D 411 2.45 -30.24 9.24
N ILE D 412 1.50 -30.49 10.14
CA ILE D 412 1.32 -29.75 11.37
C ILE D 412 2.54 -30.03 12.26
N GLU D 413 2.86 -31.31 12.46
CA GLU D 413 4.05 -31.67 13.22
C GLU D 413 5.27 -30.91 12.69
N GLU D 414 5.42 -30.90 11.39
CA GLU D 414 6.56 -30.20 10.78
C GLU D 414 6.53 -28.71 11.15
N ALA D 415 5.37 -28.06 11.09
CA ALA D 415 5.28 -26.62 11.21
C ALA D 415 5.51 -26.23 12.67
N LEU D 416 5.18 -27.11 13.63
CA LEU D 416 5.36 -26.86 15.03
C LEU D 416 6.85 -26.97 15.39
N GLY D 417 7.63 -27.70 14.58
CA GLY D 417 9.10 -27.86 14.83
C GLY D 417 9.39 -28.39 16.23
N ASP D 418 10.24 -27.68 16.96
CA ASP D 418 10.66 -28.11 18.32
C ASP D 418 9.51 -27.96 19.33
N ALA D 419 8.41 -27.27 19.02
CA ALA D 419 7.31 -27.15 20.02
C ALA D 419 6.38 -28.38 19.97
N ALA D 420 6.46 -29.17 18.90
CA ALA D 420 5.59 -30.37 18.78
C ALA D 420 5.87 -31.34 19.91
N ARG D 421 4.81 -31.86 20.51
CA ARG D 421 4.91 -33.02 21.41
C ARG D 421 3.95 -34.13 20.95
N TYR D 422 4.45 -35.37 20.90
CA TYR D 422 3.57 -36.52 20.57
C TYR D 422 3.00 -37.05 21.88
N ALA D 423 1.69 -37.22 21.95
CA ALA D 423 1.04 -37.60 23.19
C ALA D 423 1.44 -39.01 23.66
N GLY D 424 1.75 -39.93 22.72
CA GLY D 424 2.21 -41.30 23.02
C GLY D 424 1.50 -41.94 24.22
N ASP D 425 2.21 -42.57 25.13
CA ASP D 425 1.51 -43.37 26.17
C ASP D 425 0.86 -42.50 27.27
N LEU D 426 1.16 -41.18 27.32
CA LEU D 426 0.56 -40.27 28.30
C LEU D 426 -0.94 -40.08 28.04
N ALA D 427 -1.40 -40.42 26.84
CA ALA D 427 -2.85 -40.36 26.55
C ALA D 427 -3.57 -41.50 27.28
N PHE D 428 -2.85 -42.58 27.65
CA PHE D 428 -3.52 -43.80 28.24
C PHE D 428 -2.95 -44.14 29.63
N PRO D 429 -3.12 -43.24 30.61
CA PRO D 429 -2.58 -43.46 31.99
C PRO D 429 -3.00 -44.80 32.62
N ARG D 430 -4.17 -45.35 32.26
CA ARG D 430 -4.66 -46.60 32.90
C ARG D 430 -3.90 -47.84 32.38
N PHE D 431 -3.28 -47.74 31.20
CA PHE D 431 -2.55 -48.81 30.64
C PHE D 431 -1.15 -48.97 31.24
N ALA D 432 -0.81 -50.23 31.51
CA ALA D 432 0.43 -50.76 32.18
C ALA D 432 0.69 -50.11 33.55
MG MG E . 3.73 49.03 -16.29
MG MG F . 6.76 47.96 -18.52
C1 2PG G . 6.21 47.26 -15.85
C2 2PG G . 5.96 46.69 -14.47
C3 2PG G . 7.19 45.94 -13.87
P 2PG G . 3.79 47.71 -13.38
O1 2PG G . 5.79 48.41 -16.14
O2 2PG G . 6.83 46.55 -16.67
O3 2PG G . 8.41 46.68 -13.60
O1P 2PG G . 5.39 47.69 -13.60
O2P 2PG G . 3.50 48.84 -12.46
O3P 2PG G . 3.19 47.84 -14.75
O4P 2PG G . 3.47 46.31 -12.80
C1 GOL H . 0.52 52.78 -3.43
O1 GOL H . -0.61 52.02 -3.87
C2 GOL H . 0.63 52.76 -1.91
O2 GOL H . -0.04 53.93 -1.32
C3 GOL H . 2.12 52.62 -1.49
O3 GOL H . 2.36 51.66 -0.44
C ACT I . 12.92 23.62 -6.23
O ACT I . 11.79 24.17 -6.08
OXT ACT I . 13.44 23.35 -7.37
CH3 ACT I . 13.63 23.28 -4.95
MG MG J . 18.86 46.73 16.41
MG MG K . 15.57 47.34 18.75
C1 2PG L . 15.65 46.10 16.06
C2 2PG L . 15.72 45.38 14.73
C3 2PG L . 14.32 45.18 14.10
P 2PG L . 18.09 45.27 13.57
O1 2PG L . 16.47 47.00 16.30
O2 2PG L . 14.81 45.77 16.92
O3 2PG L . 13.59 46.39 13.77
O1P 2PG L . 16.66 45.99 13.81
O2P 2PG L . 18.71 45.22 14.94
O3P 2PG L . 18.81 46.06 12.52
O4P 2PG L . 17.71 43.85 13.10
C ACT M . 21.19 25.31 26.75
O ACT M . 19.98 25.02 26.85
OXT ACT M . 21.84 24.92 25.76
CH3 ACT M . 21.88 26.14 27.81
C ACT N . -3.48 65.93 6.98
O ACT N . -3.36 65.91 8.25
OXT ACT N . -4.34 65.26 6.37
CH3 ACT N . -2.64 66.75 6.05
MG MG O . -3.83 -49.85 -17.52
MG MG P . -1.30 -50.67 -14.83
C1 2PG Q . -3.72 -48.71 -14.93
C2 2PG Q . -3.65 -48.02 -13.58
C3 2PG Q . -4.84 -47.08 -13.34
P 2PG Q . -1.86 -48.88 -12.05
O1 2PG Q . -4.16 -48.12 -15.90
O2 2PG Q . -3.33 -49.85 -15.08
O3 2PG Q . -6.00 -47.86 -13.01
O1P 2PG Q . -3.42 -48.97 -12.53
O2P 2PG Q . -1.61 -47.49 -11.41
O3P 2PG Q . -0.97 -49.08 -13.23
O4P 2PG Q . -1.72 -49.91 -10.93
C1 GOL R . -6.76 -42.95 -36.31
O1 GOL R . -6.89 -44.13 -35.50
C2 GOL R . -6.74 -43.42 -37.77
O2 GOL R . -6.85 -42.33 -38.68
C3 GOL R . -7.90 -44.39 -37.96
O3 GOL R . -7.33 -45.61 -38.43
C ACT S . -31.85 -42.02 -13.53
O ACT S . -31.83 -40.82 -13.15
OXT ACT S . -31.12 -42.88 -12.95
CH3 ACT S . -32.75 -42.39 -14.68
C ACT T . -30.91 -57.70 -9.81
O ACT T . -30.69 -58.60 -8.94
OXT ACT T . -30.63 -57.83 -11.04
CH3 ACT T . -31.54 -56.39 -9.34
C1 PEG U . -35.63 -45.88 -18.12
O1 PEG U . -34.25 -45.62 -18.39
C2 PEG U . -35.94 -47.27 -18.65
O2 PEG U . -34.98 -48.18 -18.13
C3 PEG U . -35.56 -49.05 -17.17
C4 PEG U . -34.51 -50.01 -16.59
O4 PEG U . -33.50 -50.32 -17.54
C1 GOL V . -12.57 -24.89 -9.83
O1 GOL V . -11.85 -24.17 -10.84
C2 GOL V . -11.95 -24.75 -8.45
O2 GOL V . -10.52 -24.81 -8.53
C3 GOL V . -12.39 -23.43 -7.87
O3 GOL V . -13.28 -23.75 -6.79
MG MG W . -21.36 -44.81 14.60
MG MG X . -18.42 -45.06 17.44
C1 2PG Y . -18.17 -44.29 14.91
C2 2PG Y . -17.98 -43.66 13.51
C3 2PG Y . -16.56 -43.45 12.99
P 2PG Y . -20.08 -43.77 11.91
O1 2PG Y . -17.42 -43.99 15.87
O2 2PG Y . -19.13 -45.07 15.09
O3 2PG Y . -15.66 -44.60 13.03
O1P 2PG Y . -18.74 -44.38 12.57
O2P 2PG Y . -20.90 -43.41 13.14
O3P 2PG Y . -20.53 -44.81 10.90
O4P 2PG Y . -19.52 -42.50 11.27
C ACT Z . 2.23 -64.53 11.09
O ACT Z . 1.92 -64.37 12.30
OXT ACT Z . 1.52 -65.25 10.35
CH3 ACT Z . 3.45 -63.85 10.51
C1 PEG AA . -24.74 -52.47 11.92
O1 PEG AA . -26.09 -51.96 11.96
C2 PEG AA . -24.60 -53.90 12.44
O2 PEG AA . -23.50 -54.00 13.38
C3 PEG AA . -23.84 -54.58 14.64
C4 PEG AA . -23.22 -55.96 14.80
O4 PEG AA . -23.95 -57.00 14.13
CL CL BA . -13.10 -63.61 4.83
#